data_6S44
# 
_entry.id   6S44 
# 
_audit_conform.dict_name       mmcif_pdbx.dic 
_audit_conform.dict_version    5.395 
_audit_conform.dict_location   http://mmcif.pdb.org/dictionaries/ascii/mmcif_pdbx.dic 
# 
loop_
_database_2.database_id 
_database_2.database_code 
_database_2.pdbx_database_accession 
_database_2.pdbx_DOI 
PDB   6S44         pdb_00006s44 10.2210/pdb6s44/pdb 
WWPDB D_1200013059 ?            ?                   
EMDB  EMD-10097    ?            ?                   
# 
loop_
_pdbx_audit_revision_history.ordinal 
_pdbx_audit_revision_history.data_content_type 
_pdbx_audit_revision_history.major_revision 
_pdbx_audit_revision_history.minor_revision 
_pdbx_audit_revision_history.revision_date 
1 'Structure model' 1 0 2020-07-15 
2 'Structure model' 1 1 2023-02-01 
3 'Structure model' 1 2 2024-07-10 
# 
_pdbx_audit_revision_details.ordinal             1 
_pdbx_audit_revision_details.revision_ordinal    1 
_pdbx_audit_revision_details.data_content_type   'Structure model' 
_pdbx_audit_revision_details.provider            repository 
_pdbx_audit_revision_details.type                'Initial release' 
_pdbx_audit_revision_details.description         ? 
_pdbx_audit_revision_details.details             ? 
# 
loop_
_pdbx_audit_revision_group.ordinal 
_pdbx_audit_revision_group.revision_ordinal 
_pdbx_audit_revision_group.data_content_type 
_pdbx_audit_revision_group.group 
1 2 'Structure model' 'Database references'  
2 2 'Structure model' 'Derived calculations' 
3 3 'Structure model' 'Data collection'      
# 
loop_
_pdbx_audit_revision_category.ordinal 
_pdbx_audit_revision_category.revision_ordinal 
_pdbx_audit_revision_category.data_content_type 
_pdbx_audit_revision_category.category 
1 2 'Structure model' citation              
2 2 'Structure model' citation_author       
3 2 'Structure model' database_2            
4 2 'Structure model' pdbx_struct_oper_list 
5 3 'Structure model' chem_comp_atom        
6 3 'Structure model' chem_comp_bond        
7 3 'Structure model' em_admin              
# 
loop_
_pdbx_audit_revision_item.ordinal 
_pdbx_audit_revision_item.revision_ordinal 
_pdbx_audit_revision_item.data_content_type 
_pdbx_audit_revision_item.item 
1  2 'Structure model' '_citation.country'                         
2  2 'Structure model' '_citation.journal_abbrev'                  
3  2 'Structure model' '_citation.journal_id_CSD'                  
4  2 'Structure model' '_citation.journal_id_ISSN'                 
5  2 'Structure model' '_citation.journal_volume'                  
6  2 'Structure model' '_citation.page_first'                      
7  2 'Structure model' '_citation.page_last'                       
8  2 'Structure model' '_citation.pdbx_database_id_DOI'            
9  2 'Structure model' '_citation.pdbx_database_id_PubMed'         
10 2 'Structure model' '_citation.title'                           
11 2 'Structure model' '_citation.year'                            
12 2 'Structure model' '_database_2.pdbx_DOI'                      
13 2 'Structure model' '_database_2.pdbx_database_accession'       
14 2 'Structure model' '_pdbx_struct_oper_list.name'               
15 2 'Structure model' '_pdbx_struct_oper_list.symmetry_operation' 
16 3 'Structure model' '_em_admin.last_update'                     
# 
_pdbx_database_status.status_code                     REL 
_pdbx_database_status.status_code_sf                  ? 
_pdbx_database_status.status_code_mr                  ? 
_pdbx_database_status.entry_id                        6S44 
_pdbx_database_status.recvd_initial_deposition_date   2019-06-26 
_pdbx_database_status.SG_entry                        N 
_pdbx_database_status.deposit_site                    PDBE 
_pdbx_database_status.process_site                    PDBE 
_pdbx_database_status.status_code_cs                  ? 
_pdbx_database_status.methods_development_category    ? 
_pdbx_database_status.pdb_format_compatible           Y 
_pdbx_database_status.status_code_nmr_data            ? 
# 
_pdbx_database_related.db_name        EMDB 
_pdbx_database_related.details        'Faba bean necrotic stunt virus (FBNSV)' 
_pdbx_database_related.db_id          EMD-10097 
_pdbx_database_related.content_type   'associated EM volume' 
# 
loop_
_audit_author.name 
_audit_author.pdbx_ordinal 
_audit_author.identifier_ORCID 
'Trapani, S.'     1 0000-0002-2929-6306 
'Lai Kee Him, J.' 2 ?                   
'Blanc, S.'       3 0000-0002-3412-0989 
'Bron, P.'        4 0000-0002-3354-9513 
# 
_citation.abstract                  ? 
_citation.abstract_id_CAS           ? 
_citation.book_id_ISBN              ? 
_citation.book_publisher            ? 
_citation.book_publisher_city       ? 
_citation.book_title                ? 
_citation.coordinate_linkage        ? 
_citation.country                   US 
_citation.database_id_Medline       ? 
_citation.details                   ? 
_citation.id                        primary 
_citation.journal_abbrev            'Plos Pathog.' 
_citation.journal_id_ASTM           ? 
_citation.journal_id_CSD            ? 
_citation.journal_id_ISSN           1553-7374 
_citation.journal_full              ? 
_citation.journal_issue             ? 
_citation.journal_volume            19 
_citation.language                  ? 
_citation.page_first                e1011086 
_citation.page_last                 e1011086 
_citation.title                     
;Structure-guided mutagenesis of the capsid protein indicates that a nanovirus requires assembled viral particles for systemic infection.
;
_citation.year                      2023 
_citation.database_id_CSD           ? 
_citation.pdbx_database_id_DOI      10.1371/journal.ppat.1011086 
_citation.pdbx_database_id_PubMed   36622854 
_citation.unpublished_flag          ? 
# 
loop_
_citation_author.citation_id 
_citation_author.name 
_citation_author.ordinal 
_citation_author.identifier_ORCID 
primary 'Trapani, S.'     1  0000-0002-2929-6306 
primary 'Bhat, E.A.'      2  ?                   
primary 'Yvon, M.'        3  ?                   
primary 'Lai-Kee-Him, J.' 4  ?                   
primary 'Hoh, F.'         5  ?                   
primary 'Vernerey, M.S.'  6  ?                   
primary 'Pirolles, E.'    7  ?                   
primary 'Bonnamy, M.'     8  ?                   
primary 'Schoehn, G.'     9  ?                   
primary 'Zeddam, J.L.'    10 ?                   
primary 'Blanc, S.'       11 ?                   
primary 'Bron, P.'        12 ?                   
# 
_entity.id                         1 
_entity.type                       polymer 
_entity.src_method                 nat 
_entity.pdbx_description           'Capsid protein' 
_entity.formula_weight             19200.422 
_entity.pdbx_number_of_molecules   1 
_entity.pdbx_ec                    ? 
_entity.pdbx_mutation              ? 
_entity.pdbx_fragment              ? 
_entity.details                    ? 
# 
_entity_poly.entity_id                      1 
_entity_poly.type                           'polypeptide(L)' 
_entity_poly.nstd_linkage                   no 
_entity_poly.nstd_monomer                   no 
_entity_poly.pdbx_seq_one_letter_code       
;MVSNWNWSGKKGRRTPRRGYTRPFKSAVPTTRVVVHQSAVLKKDDVSGSEIKPEGDVARYKIRKVMLSCTLRMRPGELVN
YLIVKCSSPIVNWSAAFTAPALMVKESCQDMITIIGKGKVESNGVAGSDCTKSFNKFIRLGAGISQTQHLYVVMYTSEAV
KTVLEHRVYIEV
;
_entity_poly.pdbx_seq_one_letter_code_can   
;MVSNWNWSGKKGRRTPRRGYTRPFKSAVPTTRVVVHQSAVLKKDDVSGSEIKPEGDVARYKIRKVMLSCTLRMRPGELVN
YLIVKCSSPIVNWSAAFTAPALMVKESCQDMITIIGKGKVESNGVAGSDCTKSFNKFIRLGAGISQTQHLYVVMYTSEAV
KTVLEHRVYIEV
;
_entity_poly.pdbx_strand_id                 A 
_entity_poly.pdbx_target_identifier         ? 
# 
loop_
_entity_poly_seq.entity_id 
_entity_poly_seq.num 
_entity_poly_seq.mon_id 
_entity_poly_seq.hetero 
1 1   MET n 
1 2   VAL n 
1 3   SER n 
1 4   ASN n 
1 5   TRP n 
1 6   ASN n 
1 7   TRP n 
1 8   SER n 
1 9   GLY n 
1 10  LYS n 
1 11  LYS n 
1 12  GLY n 
1 13  ARG n 
1 14  ARG n 
1 15  THR n 
1 16  PRO n 
1 17  ARG n 
1 18  ARG n 
1 19  GLY n 
1 20  TYR n 
1 21  THR n 
1 22  ARG n 
1 23  PRO n 
1 24  PHE n 
1 25  LYS n 
1 26  SER n 
1 27  ALA n 
1 28  VAL n 
1 29  PRO n 
1 30  THR n 
1 31  THR n 
1 32  ARG n 
1 33  VAL n 
1 34  VAL n 
1 35  VAL n 
1 36  HIS n 
1 37  GLN n 
1 38  SER n 
1 39  ALA n 
1 40  VAL n 
1 41  LEU n 
1 42  LYS n 
1 43  LYS n 
1 44  ASP n 
1 45  ASP n 
1 46  VAL n 
1 47  SER n 
1 48  GLY n 
1 49  SER n 
1 50  GLU n 
1 51  ILE n 
1 52  LYS n 
1 53  PRO n 
1 54  GLU n 
1 55  GLY n 
1 56  ASP n 
1 57  VAL n 
1 58  ALA n 
1 59  ARG n 
1 60  TYR n 
1 61  LYS n 
1 62  ILE n 
1 63  ARG n 
1 64  LYS n 
1 65  VAL n 
1 66  MET n 
1 67  LEU n 
1 68  SER n 
1 69  CYS n 
1 70  THR n 
1 71  LEU n 
1 72  ARG n 
1 73  MET n 
1 74  ARG n 
1 75  PRO n 
1 76  GLY n 
1 77  GLU n 
1 78  LEU n 
1 79  VAL n 
1 80  ASN n 
1 81  TYR n 
1 82  LEU n 
1 83  ILE n 
1 84  VAL n 
1 85  LYS n 
1 86  CYS n 
1 87  SER n 
1 88  SER n 
1 89  PRO n 
1 90  ILE n 
1 91  VAL n 
1 92  ASN n 
1 93  TRP n 
1 94  SER n 
1 95  ALA n 
1 96  ALA n 
1 97  PHE n 
1 98  THR n 
1 99  ALA n 
1 100 PRO n 
1 101 ALA n 
1 102 LEU n 
1 103 MET n 
1 104 VAL n 
1 105 LYS n 
1 106 GLU n 
1 107 SER n 
1 108 CYS n 
1 109 GLN n 
1 110 ASP n 
1 111 MET n 
1 112 ILE n 
1 113 THR n 
1 114 ILE n 
1 115 ILE n 
1 116 GLY n 
1 117 LYS n 
1 118 GLY n 
1 119 LYS n 
1 120 VAL n 
1 121 GLU n 
1 122 SER n 
1 123 ASN n 
1 124 GLY n 
1 125 VAL n 
1 126 ALA n 
1 127 GLY n 
1 128 SER n 
1 129 ASP n 
1 130 CYS n 
1 131 THR n 
1 132 LYS n 
1 133 SER n 
1 134 PHE n 
1 135 ASN n 
1 136 LYS n 
1 137 PHE n 
1 138 ILE n 
1 139 ARG n 
1 140 LEU n 
1 141 GLY n 
1 142 ALA n 
1 143 GLY n 
1 144 ILE n 
1 145 SER n 
1 146 GLN n 
1 147 THR n 
1 148 GLN n 
1 149 HIS n 
1 150 LEU n 
1 151 TYR n 
1 152 VAL n 
1 153 VAL n 
1 154 MET n 
1 155 TYR n 
1 156 THR n 
1 157 SER n 
1 158 GLU n 
1 159 ALA n 
1 160 VAL n 
1 161 LYS n 
1 162 THR n 
1 163 VAL n 
1 164 LEU n 
1 165 GLU n 
1 166 HIS n 
1 167 ARG n 
1 168 VAL n 
1 169 TYR n 
1 170 ILE n 
1 171 GLU n 
1 172 VAL n 
# 
_entity_src_nat.entity_id                  1 
_entity_src_nat.pdbx_src_id                1 
_entity_src_nat.pdbx_alt_source_flag       sample 
_entity_src_nat.pdbx_beg_seq_num           1 
_entity_src_nat.pdbx_end_seq_num           172 
_entity_src_nat.common_name                ? 
_entity_src_nat.pdbx_organism_scientific   'Faba bean necrotic stunt virus' 
_entity_src_nat.pdbx_ncbi_taxonomy_id      283824 
_entity_src_nat.genus                      ? 
_entity_src_nat.species                    ? 
_entity_src_nat.strain                     ? 
_entity_src_nat.tissue                     ? 
_entity_src_nat.tissue_fraction            ? 
_entity_src_nat.pdbx_secretion             ? 
_entity_src_nat.pdbx_fragment              ? 
_entity_src_nat.pdbx_variant               ? 
_entity_src_nat.pdbx_cell_line             ? 
_entity_src_nat.pdbx_atcc                  ? 
_entity_src_nat.pdbx_cellular_location     ? 
_entity_src_nat.pdbx_organ                 ? 
_entity_src_nat.pdbx_organelle             ? 
_entity_src_nat.pdbx_cell                  ? 
_entity_src_nat.pdbx_plasmid_name          ? 
_entity_src_nat.pdbx_plasmid_details       ? 
_entity_src_nat.details                    ? 
# 
loop_
_chem_comp.id 
_chem_comp.type 
_chem_comp.mon_nstd_flag 
_chem_comp.name 
_chem_comp.pdbx_synonyms 
_chem_comp.formula 
_chem_comp.formula_weight 
ALA 'L-peptide linking' y ALANINE         ? 'C3 H7 N O2'     89.093  
ARG 'L-peptide linking' y ARGININE        ? 'C6 H15 N4 O2 1' 175.209 
ASN 'L-peptide linking' y ASPARAGINE      ? 'C4 H8 N2 O3'    132.118 
ASP 'L-peptide linking' y 'ASPARTIC ACID' ? 'C4 H7 N O4'     133.103 
CYS 'L-peptide linking' y CYSTEINE        ? 'C3 H7 N O2 S'   121.158 
GLN 'L-peptide linking' y GLUTAMINE       ? 'C5 H10 N2 O3'   146.144 
GLU 'L-peptide linking' y 'GLUTAMIC ACID' ? 'C5 H9 N O4'     147.129 
GLY 'peptide linking'   y GLYCINE         ? 'C2 H5 N O2'     75.067  
HIS 'L-peptide linking' y HISTIDINE       ? 'C6 H10 N3 O2 1' 156.162 
ILE 'L-peptide linking' y ISOLEUCINE      ? 'C6 H13 N O2'    131.173 
LEU 'L-peptide linking' y LEUCINE         ? 'C6 H13 N O2'    131.173 
LYS 'L-peptide linking' y LYSINE          ? 'C6 H15 N2 O2 1' 147.195 
MET 'L-peptide linking' y METHIONINE      ? 'C5 H11 N O2 S'  149.211 
PHE 'L-peptide linking' y PHENYLALANINE   ? 'C9 H11 N O2'    165.189 
PRO 'L-peptide linking' y PROLINE         ? 'C5 H9 N O2'     115.130 
SER 'L-peptide linking' y SERINE          ? 'C3 H7 N O3'     105.093 
THR 'L-peptide linking' y THREONINE       ? 'C4 H9 N O3'     119.119 
TRP 'L-peptide linking' y TRYPTOPHAN      ? 'C11 H12 N2 O2'  204.225 
TYR 'L-peptide linking' y TYROSINE        ? 'C9 H11 N O3'    181.189 
VAL 'L-peptide linking' y VALINE          ? 'C5 H11 N O2'    117.146 
# 
loop_
_pdbx_poly_seq_scheme.asym_id 
_pdbx_poly_seq_scheme.entity_id 
_pdbx_poly_seq_scheme.seq_id 
_pdbx_poly_seq_scheme.mon_id 
_pdbx_poly_seq_scheme.ndb_seq_num 
_pdbx_poly_seq_scheme.pdb_seq_num 
_pdbx_poly_seq_scheme.auth_seq_num 
_pdbx_poly_seq_scheme.pdb_mon_id 
_pdbx_poly_seq_scheme.auth_mon_id 
_pdbx_poly_seq_scheme.pdb_strand_id 
_pdbx_poly_seq_scheme.pdb_ins_code 
_pdbx_poly_seq_scheme.hetero 
A 1 1   MET 1   1   ?   ?   ?   A . n 
A 1 2   VAL 2   2   ?   ?   ?   A . n 
A 1 3   SER 3   3   ?   ?   ?   A . n 
A 1 4   ASN 4   4   ?   ?   ?   A . n 
A 1 5   TRP 5   5   ?   ?   ?   A . n 
A 1 6   ASN 6   6   ?   ?   ?   A . n 
A 1 7   TRP 7   7   ?   ?   ?   A . n 
A 1 8   SER 8   8   ?   ?   ?   A . n 
A 1 9   GLY 9   9   ?   ?   ?   A . n 
A 1 10  LYS 10  10  ?   ?   ?   A . n 
A 1 11  LYS 11  11  ?   ?   ?   A . n 
A 1 12  GLY 12  12  ?   ?   ?   A . n 
A 1 13  ARG 13  13  ?   ?   ?   A . n 
A 1 14  ARG 14  14  ?   ?   ?   A . n 
A 1 15  THR 15  15  ?   ?   ?   A . n 
A 1 16  PRO 16  16  ?   ?   ?   A . n 
A 1 17  ARG 17  17  ?   ?   ?   A . n 
A 1 18  ARG 18  18  ?   ?   ?   A . n 
A 1 19  GLY 19  19  ?   ?   ?   A . n 
A 1 20  TYR 20  20  ?   ?   ?   A . n 
A 1 21  THR 21  21  ?   ?   ?   A . n 
A 1 22  ARG 22  22  ?   ?   ?   A . n 
A 1 23  PRO 23  23  ?   ?   ?   A . n 
A 1 24  PHE 24  24  ?   ?   ?   A . n 
A 1 25  LYS 25  25  ?   ?   ?   A . n 
A 1 26  SER 26  26  ?   ?   ?   A . n 
A 1 27  ALA 27  27  27  ALA ALA A . n 
A 1 28  VAL 28  28  28  VAL VAL A . n 
A 1 29  PRO 29  29  29  PRO PRO A . n 
A 1 30  THR 30  30  30  THR THR A . n 
A 1 31  THR 31  31  31  THR THR A . n 
A 1 32  ARG 32  32  32  ARG ARG A . n 
A 1 33  VAL 33  33  33  VAL VAL A . n 
A 1 34  VAL 34  34  34  VAL VAL A . n 
A 1 35  VAL 35  35  35  VAL VAL A . n 
A 1 36  HIS 36  36  36  HIS HIS A . n 
A 1 37  GLN 37  37  37  GLN GLN A . n 
A 1 38  SER 38  38  38  SER SER A . n 
A 1 39  ALA 39  39  39  ALA ALA A . n 
A 1 40  VAL 40  40  40  VAL VAL A . n 
A 1 41  LEU 41  41  41  LEU LEU A . n 
A 1 42  LYS 42  42  42  LYS LYS A . n 
A 1 43  LYS 43  43  43  LYS LYS A . n 
A 1 44  ASP 44  44  44  ASP ASP A . n 
A 1 45  ASP 45  45  45  ASP ASP A . n 
A 1 46  VAL 46  46  46  VAL VAL A . n 
A 1 47  SER 47  47  47  SER SER A . n 
A 1 48  GLY 48  48  48  GLY GLY A . n 
A 1 49  SER 49  49  49  SER SER A . n 
A 1 50  GLU 50  50  50  GLU GLU A . n 
A 1 51  ILE 51  51  51  ILE ILE A . n 
A 1 52  LYS 52  52  52  LYS LYS A . n 
A 1 53  PRO 53  53  53  PRO PRO A . n 
A 1 54  GLU 54  54  54  GLU GLU A . n 
A 1 55  GLY 55  55  55  GLY GLY A . n 
A 1 56  ASP 56  56  56  ASP ASP A . n 
A 1 57  VAL 57  57  57  VAL VAL A . n 
A 1 58  ALA 58  58  58  ALA ALA A . n 
A 1 59  ARG 59  59  59  ARG ARG A . n 
A 1 60  TYR 60  60  60  TYR TYR A . n 
A 1 61  LYS 61  61  61  LYS LYS A . n 
A 1 62  ILE 62  62  62  ILE ILE A . n 
A 1 63  ARG 63  63  63  ARG ARG A . n 
A 1 64  LYS 64  64  64  LYS LYS A . n 
A 1 65  VAL 65  65  65  VAL VAL A . n 
A 1 66  MET 66  66  66  MET MET A . n 
A 1 67  LEU 67  67  67  LEU LEU A . n 
A 1 68  SER 68  68  68  SER SER A . n 
A 1 69  CYS 69  69  69  CYS CYS A . n 
A 1 70  THR 70  70  70  THR THR A . n 
A 1 71  LEU 71  71  71  LEU LEU A . n 
A 1 72  ARG 72  72  72  ARG ARG A . n 
A 1 73  MET 73  73  73  MET MET A . n 
A 1 74  ARG 74  74  74  ARG ARG A . n 
A 1 75  PRO 75  75  75  PRO PRO A . n 
A 1 76  GLY 76  76  76  GLY GLY A . n 
A 1 77  GLU 77  77  77  GLU GLU A . n 
A 1 78  LEU 78  78  78  LEU LEU A . n 
A 1 79  VAL 79  79  79  VAL VAL A . n 
A 1 80  ASN 80  80  80  ASN ASN A . n 
A 1 81  TYR 81  81  81  TYR TYR A . n 
A 1 82  LEU 82  82  82  LEU LEU A . n 
A 1 83  ILE 83  83  83  ILE ILE A . n 
A 1 84  VAL 84  84  84  VAL VAL A . n 
A 1 85  LYS 85  85  85  LYS LYS A . n 
A 1 86  CYS 86  86  86  CYS CYS A . n 
A 1 87  SER 87  87  87  SER SER A . n 
A 1 88  SER 88  88  88  SER SER A . n 
A 1 89  PRO 89  89  89  PRO PRO A . n 
A 1 90  ILE 90  90  90  ILE ILE A . n 
A 1 91  VAL 91  91  91  VAL VAL A . n 
A 1 92  ASN 92  92  92  ASN ASN A . n 
A 1 93  TRP 93  93  93  TRP TRP A . n 
A 1 94  SER 94  94  94  SER SER A . n 
A 1 95  ALA 95  95  95  ALA ALA A . n 
A 1 96  ALA 96  96  96  ALA ALA A . n 
A 1 97  PHE 97  97  97  PHE PHE A . n 
A 1 98  THR 98  98  98  THR THR A . n 
A 1 99  ALA 99  99  99  ALA ALA A . n 
A 1 100 PRO 100 100 100 PRO PRO A . n 
A 1 101 ALA 101 101 101 ALA ALA A . n 
A 1 102 LEU 102 102 102 LEU LEU A . n 
A 1 103 MET 103 103 103 MET MET A . n 
A 1 104 VAL 104 104 104 VAL VAL A . n 
A 1 105 LYS 105 105 105 LYS LYS A . n 
A 1 106 GLU 106 106 106 GLU GLU A . n 
A 1 107 SER 107 107 107 SER SER A . n 
A 1 108 CYS 108 108 108 CYS CYS A . n 
A 1 109 GLN 109 109 109 GLN GLN A . n 
A 1 110 ASP 110 110 110 ASP ASP A . n 
A 1 111 MET 111 111 111 MET MET A . n 
A 1 112 ILE 112 112 112 ILE ILE A . n 
A 1 113 THR 113 113 113 THR THR A . n 
A 1 114 ILE 114 114 114 ILE ILE A . n 
A 1 115 ILE 115 115 115 ILE ILE A . n 
A 1 116 GLY 116 116 116 GLY GLY A . n 
A 1 117 LYS 117 117 117 LYS LYS A . n 
A 1 118 GLY 118 118 118 GLY GLY A . n 
A 1 119 LYS 119 119 119 LYS LYS A . n 
A 1 120 VAL 120 120 120 VAL VAL A . n 
A 1 121 GLU 121 121 121 GLU GLU A . n 
A 1 122 SER 122 122 122 SER SER A . n 
A 1 123 ASN 123 123 123 ASN ASN A . n 
A 1 124 GLY 124 124 124 GLY GLY A . n 
A 1 125 VAL 125 125 125 VAL VAL A . n 
A 1 126 ALA 126 126 126 ALA ALA A . n 
A 1 127 GLY 127 127 127 GLY GLY A . n 
A 1 128 SER 128 128 128 SER SER A . n 
A 1 129 ASP 129 129 129 ASP ASP A . n 
A 1 130 CYS 130 130 130 CYS CYS A . n 
A 1 131 THR 131 131 131 THR THR A . n 
A 1 132 LYS 132 132 132 LYS LYS A . n 
A 1 133 SER 133 133 133 SER SER A . n 
A 1 134 PHE 134 134 134 PHE PHE A . n 
A 1 135 ASN 135 135 135 ASN ASN A . n 
A 1 136 LYS 136 136 136 LYS LYS A . n 
A 1 137 PHE 137 137 137 PHE PHE A . n 
A 1 138 ILE 138 138 138 ILE ILE A . n 
A 1 139 ARG 139 139 139 ARG ARG A . n 
A 1 140 LEU 140 140 140 LEU LEU A . n 
A 1 141 GLY 141 141 141 GLY GLY A . n 
A 1 142 ALA 142 142 142 ALA ALA A . n 
A 1 143 GLY 143 143 143 GLY GLY A . n 
A 1 144 ILE 144 144 144 ILE ILE A . n 
A 1 145 SER 145 145 145 SER SER A . n 
A 1 146 GLN 146 146 146 GLN GLN A . n 
A 1 147 THR 147 147 147 THR THR A . n 
A 1 148 GLN 148 148 148 GLN GLN A . n 
A 1 149 HIS 149 149 149 HIS HIS A . n 
A 1 150 LEU 150 150 150 LEU LEU A . n 
A 1 151 TYR 151 151 151 TYR TYR A . n 
A 1 152 VAL 152 152 152 VAL VAL A . n 
A 1 153 VAL 153 153 153 VAL VAL A . n 
A 1 154 MET 154 154 154 MET MET A . n 
A 1 155 TYR 155 155 155 TYR TYR A . n 
A 1 156 THR 156 156 156 THR THR A . n 
A 1 157 SER 157 157 157 SER SER A . n 
A 1 158 GLU 158 158 158 GLU GLU A . n 
A 1 159 ALA 159 159 159 ALA ALA A . n 
A 1 160 VAL 160 160 160 VAL VAL A . n 
A 1 161 LYS 161 161 161 LYS LYS A . n 
A 1 162 THR 162 162 162 THR THR A . n 
A 1 163 VAL 163 163 163 VAL VAL A . n 
A 1 164 LEU 164 164 164 LEU LEU A . n 
A 1 165 GLU 165 165 165 GLU GLU A . n 
A 1 166 HIS 166 166 166 HIS HIS A . n 
A 1 167 ARG 167 167 167 ARG ARG A . n 
A 1 168 VAL 168 168 168 VAL VAL A . n 
A 1 169 TYR 169 169 169 TYR TYR A . n 
A 1 170 ILE 170 170 170 ILE ILE A . n 
A 1 171 GLU 171 171 171 GLU GLU A . n 
A 1 172 VAL 172 172 172 VAL VAL A . n 
# 
_cell.angle_alpha                  90.00 
_cell.angle_alpha_esd              ? 
_cell.angle_beta                   90.00 
_cell.angle_beta_esd               ? 
_cell.angle_gamma                  90.00 
_cell.angle_gamma_esd              ? 
_cell.entry_id                     6S44 
_cell.details                      ? 
_cell.formula_units_Z              ? 
_cell.length_a                     1.00 
_cell.length_a_esd                 ? 
_cell.length_b                     1.00 
_cell.length_b_esd                 ? 
_cell.length_c                     1.00 
_cell.length_c_esd                 ? 
_cell.volume                       ? 
_cell.volume_esd                   ? 
_cell.Z_PDB                        1 
_cell.reciprocal_angle_alpha       ? 
_cell.reciprocal_angle_beta        ? 
_cell.reciprocal_angle_gamma       ? 
_cell.reciprocal_angle_alpha_esd   ? 
_cell.reciprocal_angle_beta_esd    ? 
_cell.reciprocal_angle_gamma_esd   ? 
_cell.reciprocal_length_a          ? 
_cell.reciprocal_length_b          ? 
_cell.reciprocal_length_c          ? 
_cell.reciprocal_length_a_esd      ? 
_cell.reciprocal_length_b_esd      ? 
_cell.reciprocal_length_c_esd      ? 
_cell.pdbx_unique_axis             ? 
# 
_symmetry.entry_id                         6S44 
_symmetry.cell_setting                     ? 
_symmetry.Int_Tables_number                1 
_symmetry.space_group_name_Hall            ? 
_symmetry.space_group_name_H-M             'P 1' 
_symmetry.pdbx_full_space_group_name_H-M   ? 
# 
_exptl.absorpt_coefficient_mu     ? 
_exptl.absorpt_correction_T_max   ? 
_exptl.absorpt_correction_T_min   ? 
_exptl.absorpt_correction_type    ? 
_exptl.absorpt_process_details    ? 
_exptl.entry_id                   6S44 
_exptl.crystals_number            ? 
_exptl.details                    ? 
_exptl.method                     'ELECTRON MICROSCOPY' 
_exptl.method_details             ? 
# 
_struct.entry_id                     6S44 
_struct.title                        'Faba bean necrotic stunt virus (FBNSV)' 
_struct.pdbx_model_details           ? 
_struct.pdbx_formula_weight          ? 
_struct.pdbx_formula_weight_method   ? 
_struct.pdbx_model_type_details      ? 
_struct.pdbx_CASP_flag               N 
# 
_struct_keywords.entry_id        6S44 
_struct_keywords.text            'icosahedral T1 capsid, VIRUS' 
_struct_keywords.pdbx_keywords   VIRUS 
# 
_struct_asym.id                            A 
_struct_asym.pdbx_blank_PDB_chainid_flag   N 
_struct_asym.pdbx_modified                 N 
_struct_asym.entity_id                     1 
_struct_asym.details                       ? 
# 
_struct_ref.id                         1 
_struct_ref.db_name                    UNP 
_struct_ref.db_code                    C7DLN3_9VIRU 
_struct_ref.pdbx_db_accession          C7DLN3 
_struct_ref.pdbx_db_isoform            ? 
_struct_ref.entity_id                  1 
_struct_ref.pdbx_seq_one_letter_code   
;MVSNWNWSGKKGRRTPRRGYTRPFKSAVPTTRVVVHQSAVLKKDDVSGSEIKPEGDVARYKIRKVMLSCTLRMRPGELVN
YLIVKCSSPIVNWSAAFTAPALMVKESCQDMITIIGKGKVESNGVAGSDCTKSFNKFIRLGAGISQTQHLYVVMYTSEAV
KTVLEHRVYIEV
;
_struct_ref.pdbx_align_begin           1 
# 
_struct_ref_seq.align_id                      1 
_struct_ref_seq.ref_id                        1 
_struct_ref_seq.pdbx_PDB_id_code              6S44 
_struct_ref_seq.pdbx_strand_id                A 
_struct_ref_seq.seq_align_beg                 1 
_struct_ref_seq.pdbx_seq_align_beg_ins_code   ? 
_struct_ref_seq.seq_align_end                 172 
_struct_ref_seq.pdbx_seq_align_end_ins_code   ? 
_struct_ref_seq.pdbx_db_accession             C7DLN3 
_struct_ref_seq.db_align_beg                  1 
_struct_ref_seq.pdbx_db_align_beg_ins_code    ? 
_struct_ref_seq.db_align_end                  172 
_struct_ref_seq.pdbx_db_align_end_ins_code    ? 
_struct_ref_seq.pdbx_auth_seq_align_beg       1 
_struct_ref_seq.pdbx_auth_seq_align_end       172 
# 
_pdbx_struct_assembly.id                   1 
_pdbx_struct_assembly.details              'complete icosahedral assembly' 
_pdbx_struct_assembly.method_details       ? 
_pdbx_struct_assembly.oligomeric_details   60-meric 
_pdbx_struct_assembly.oligomeric_count     60 
# 
_pdbx_struct_assembly_gen.assembly_id       1 
_pdbx_struct_assembly_gen.oper_expression   '(1-60)' 
_pdbx_struct_assembly_gen.asym_id_list      A 
# 
_pdbx_struct_assembly_auth_evidence.id                     1 
_pdbx_struct_assembly_auth_evidence.assembly_id            1 
_pdbx_struct_assembly_auth_evidence.experimental_support   microscopy 
_pdbx_struct_assembly_auth_evidence.details                ? 
# 
loop_
_pdbx_struct_oper_list.id 
_pdbx_struct_oper_list.type 
_pdbx_struct_oper_list.name 
_pdbx_struct_oper_list.symmetry_operation 
_pdbx_struct_oper_list.matrix[1][1] 
_pdbx_struct_oper_list.matrix[1][2] 
_pdbx_struct_oper_list.matrix[1][3] 
_pdbx_struct_oper_list.vector[1] 
_pdbx_struct_oper_list.matrix[2][1] 
_pdbx_struct_oper_list.matrix[2][2] 
_pdbx_struct_oper_list.matrix[2][3] 
_pdbx_struct_oper_list.vector[2] 
_pdbx_struct_oper_list.matrix[3][1] 
_pdbx_struct_oper_list.matrix[3][2] 
_pdbx_struct_oper_list.matrix[3][3] 
_pdbx_struct_oper_list.vector[3] 
1  'identity operation'       1_555 x,y,z 1           0           0           0         0           1           0           0          0           0           1           0          
2  'point symmetry operation' ?     ?     0.38196583  0.40626234  0.83009218  78.10296  -0.73460027 0.67847391  0.00596777  20.91505   -0.56077141 -0.61206542 0.55759426  -16.81247  
3  'point symmetry operation' ?     ?     0.38196583  -0.73460027 -0.56077141 -23.89706 0.40626234  0.67847391  -0.61206542 -56.21102  0.83009218  0.00596777  0.55759426  -55.58310  
4  'point symmetry operation' ?     ?     0.52968710  0.84047980  -0.11412842 48.64479  -0.67818575 0.33885720  -0.65210421 -22.19282  -0.50940718 0.42281146  0.74948970  28.65456   
5  'point symmetry operation' ?     ?     0.52968710  -0.67818575 -0.50940718 -26.22035 0.84047980  0.33885720  0.42281146  -45.48083  -0.11412842 -0.65210421 0.74948970  -30.39629  
6  'point symmetry operation' ?     ?     0.98617878  0.06685109  0.15159935  9.52992   -0.16499060 0.31257278  0.93545517  20.14201   0.01515037  -0.94753849 0.31928244  -65.54986  
7  'point symmetry operation' ?     ?     0.98617878  -0.16499060 0.01515037  -5.08285  0.06685109  0.31257278  -0.94753849 -69.04410  0.15159935  0.93545517  0.31928244  0.64151    
8  'point symmetry operation' ?     ?     0.48939283  0.27943246  0.82608243  68.23578  0.32727129  0.81918710  -0.47098409 -41.35528  -0.80832430 0.50084928  0.30945407  26.67889   
9  'point symmetry operation' ?     ?     0.48939283  0.32727129  -0.80832430 1.70484   0.27943246  0.81918710  0.50084928  1.44748    0.82608243  -0.47098409 0.30945407  -84.10262  
10 'point symmetry operation' ?     ?     0.44904054  -0.66268547 0.59934178  24.37916  0.18045423  0.72420959  0.66554996  9.13768    -0.87509935 -0.19070515 0.44478387  8.77886    
11 'point symmetry operation' ?     ?     0.44904054  0.18045423  -0.87509935 -4.91354  -0.66268547 0.72420959  -0.19070515 11.21246   0.59934178  0.66554996  0.44478387  -24.59834  
12 'point symmetry operation' ?     ?     0.39980292  0.91561425  -0.04252275 60.36260  -0.77590337 0.36276742  0.51611411  31.98484   0.48798729  -0.17335038 0.85546365  -34.63571  
13 'point symmetry operation' ?     ?     0.39980292  -0.77590337 0.48798729  17.58515  0.91561425  0.36276742  -0.17335038 -72.87686  -0.04252275 0.51611411  0.85546365  15.68788   
14 'point symmetry operation' ?     ?     -0.61803449 -0.07725400 0.78234596  102.47707 -0.78234586 0.15823376  -0.60240937 -22.37010  -0.07725502 -0.98437488 -0.15823327 -82.78622  
15 'point symmetry operation' ?     ?     -0.61803449 -0.78234586 -0.07725502 39.43758  -0.07725400 0.15823376  -0.98437488 -70.03621  0.78234596  -0.60240937 -0.15823327 -106.74819 
16 'point symmetry operation' ?     ?     -0.23129517 0.68173913  -0.69407084 52.48860  -0.25684780 -0.73089435 -0.63231532 -81.38864  -0.93836654 0.03201909  0.34415552  15.96803   
17 'point symmetry operation' ?     ?     -0.23129517 -0.25684780 -0.93836654 6.21971   0.68173913  -0.73089435 0.03201909  -95.78148  -0.69407084 -0.63231532 0.34415552  -20.52790  
18 'point symmetry operation' ?     ?     0.96381556  -0.05682325 0.26044327  10.33783  -0.20010931 -0.79970784 0.56605976  -36.45251  0.17611316  -0.59769432 -0.78214172 -105.41994 
19 'point symmetry operation' ?     ?     0.96381556  -0.20010931 0.17611316  1.30717   -0.05682325 -0.79970784 -0.59769432 -91.57334  0.26044327  0.56605976  -0.78214172 -64.51157  
20 'point symmetry operation' ?     ?     -0.33678694 0.77940250  0.52830514  112.11360 0.80896851  0.52662567  -0.26121899 -65.46563  -0.48181377 0.33940708  -0.80787272 -40.93482  
21 'point symmetry operation' ?     ?     -0.33678694 0.80896851  -0.48181377 70.99524  0.77940250  0.52662567  0.33940708  -39.01275  0.52830514  -0.26121899 -0.80787272 -109.40089 
22 'point symmetry operation' ?     ?     -0.44243059 -0.89179338 0.09465602  34.53315  -0.37070438 0.27797131  0.88617731  25.99728   -0.81659870 0.35698254  -0.45357472 -10.39300  
23 'point symmetry operation' ?     ?     -0.44243059 -0.37070438 -0.81659870 16.42894  -0.89179338 0.27797131  0.35698254  27.28005   0.09465602  0.88617731  -0.45357472 -31.02116  
24 'point symmetry operation' ?     ?     -0.57133636 0.70559161  0.41918403  115.25536 -0.33982377 -0.66829655 0.66173979  -21.12395  0.74705728  0.23562730  0.62159891  -40.35357  
25 'point symmetry operation' ?     ?     -0.57133636 -0.33982377 0.74705728  88.81694  0.70559161  -0.66829655 0.23562730  -85.93195  0.41918403  0.66173979  0.62159891  -9.25108   
26 'point symmetry operation' ?     ?     -0.35109435 0.85528958  0.38106756  109.51228 -0.14228697 0.35351487  -0.92454403 -57.11065  -0.92546592 -0.37882313 -0.00242051 -14.88992  
27 'point symmetry operation' ?     ?     -0.35109435 -0.14228697 -0.92546592 16.54293  0.85528958  0.35351487  -0.37882313 -79.11590  0.38106756  -0.92454403 -0.00242051 -94.56893  
28 'point symmetry operation' ?     ?     0.32223332  -0.63402291 0.70297982  35.51432  -0.83629858 0.15730895  0.52522240  27.18859   -0.44358806 -0.75714519 -0.47954228 -71.03593  
29 'point symmetry operation' ?     ?     0.32223332  -0.83629858 -0.44358806 -20.21681 -0.63402291 0.15730895  -0.75714519 -35.54463  0.70297982  0.52522240  -0.47954228 -73.31064  
30 'point symmetry operation' ?     ?     -0.49605387 0.80967195  0.31362701  111.45367 -0.85227965 -0.38498767 -0.35412414 -29.70550  -0.16598185 -0.44296256 0.88104154  -14.53060  
31 'point symmetry operation' ?     ?     -0.49605387 -0.85227965 -0.16598185 27.55787  0.80967195  -0.38498767 -0.44296256 -108.11434 0.31362701  -0.35412414 0.88104154  -32.67308  
32 'point symmetry operation' ?     ?     0.24256517  0.35321530  0.90354917  85.40362  -0.81721332 -0.42751674 0.38651239  -1.93409   0.52280449  -0.83214686 0.18495157  -89.55207  
33 'point symmetry operation' ?     ?     0.24256517  -0.81721332 0.52280449  24.52196  0.35321530  -0.42751674 -0.83214686 -105.51303 0.90354917  0.38651239  0.18495157  -59.85663  
34 'point symmetry operation' ?     ?     -0.48158322 -0.11720697 0.86852757  98.41470  -0.21265420 0.97702814  0.01393603  9.25760    -0.85020927 -0.17798468 -0.49544492 -31.18113  
35 'point symmetry operation' ?     ?     -0.48158322 -0.21265420 -0.85020927 22.85310  -0.11720697 0.97702814  -0.17798468 -3.06047   0.86852757  0.01393603  -0.49544492 -101.05426 
36 'point symmetry operation' ?     ?     0.62654274  0.77936083  0.00639509  46.98555  0.30611066  -0.23852560 -0.92162998 -99.87998  -0.71675691 0.57939817  -0.38801714 -3.59491   
37 'point symmetry operation' ?     ?     0.62654274  0.30611066  -0.71675691 -1.44117  0.77936083  -0.23852560 0.57939817  -58.35998  0.00639509  -0.92162998 -0.38801714 -93.74826  
38 'point symmetry operation' ?     ?     0.56125138  -0.74501799 -0.36047898 -23.97651 0.06855570  -0.39220244 0.91732076  -18.18204  -0.82480120 -0.53956042 -0.16904893 -32.55738  
39 'point symmetry operation' ?     ?     0.56125138  0.06855570  -0.82480120 -12.15086 -0.74501799 -0.39220244 -0.53956042 -42.56014  -0.36047898 0.91732076  -0.16904893 2.53150    
40 'point symmetry operation' ?     ?     -0.38752469 0.62830964  -0.67457514 58.27303  -0.91992192 -0.31098579 0.23881266  0.97929    -0.05973499 0.71310226  0.69851048  17.46262   
41 'point symmetry operation' ?     ?     -0.38752469 -0.91992192 -0.05973499 24.52624  0.62830964  -0.31098579 0.71310226  -48.76159  -0.67457514 0.23881266  0.69851048  26.87784   
42 'point symmetry operation' ?     ?     0.41638572  0.90093092  0.12225549  65.94680  0.14800024  -0.19983802 0.96858696  -12.21924  0.89706124  -0.38521193 -0.21654769 -106.00068 
43 'point symmetry operation' ?     ?     0.41638572  0.14800024  0.89706124  69.43825  0.90093092  -0.19983802 -0.38521193 -102.68811 0.12225549  0.96858696  -0.21654769 -19.18116  
44 'point symmetry operation' ?     ?     -0.45272219 -0.27948403 0.84671796  89.97283  0.70694173  0.46620432  0.53187117  -30.02600  -0.54339307 0.83937014  -0.01348213 14.26610   
45 'point symmetry operation' ?     ?     -0.45272219 0.70694173  -0.54339307 69.71078  -0.27948403 0.46620432  0.83937014  27.16960   0.84671796  0.53187117  -0.01348213 -60.01947  
46 'point symmetry operation' ?     ?     -0.96013391 0.15585305  -0.23206188 84.37141  0.15585305  -0.39070607 -0.90722578 -98.37007  -0.23206188 -0.90722578 0.35083998  -51.57122  
47 'point symmetry operation' ?     ?     0.19462453  -0.72952638 0.65567718  35.60225  -0.72952638 -0.55449707 -0.40040513 -43.66896  0.65567718  -0.40040513 -0.64012746 -113.45492 
48 'point symmetry operation' ?     ?     -0.97609379 0.20441698  -0.07385543 93.57251  0.20441698  0.74792621  -0.63152205 -45.28604  -0.07385543 -0.63152205 -0.77183242 -95.05396  
49 'point symmetry operation' ?     ?     -0.58489348 -0.80676669 0.08382806  43.74796  -0.80676669 0.56796496  -0.16292127 12.84863   0.08382806  -0.16292127 -0.98307148 -92.97863  
50 'point symmetry operation' ?     ?     -0.67350498 -0.21483874 0.70727319  96.54497  -0.21483874 -0.85863281 -0.46539662 -81.20091  0.70727319  -0.46539662 0.53213779  -69.23287  
51 'point symmetry operation' ?     ?     -0.19993750 0.79339245  -0.57493776 60.35080  0.79339245  -0.21322199 -0.57014456 -106.10522 -0.57493776 -0.57014456 -0.58684051 -62.43806  
52 'point symmetry operation' ?     ?     0.43303789  -0.84273710 -0.31980054 -20.26555 -0.84273710 -0.50440542 0.18806744  -12.04100  -0.31980054 0.18806744  -0.92863247 -59.07978  
53 'point symmetry operation' ?     ?     -0.97162516 -0.00995501 -0.23631643 78.34181  -0.00995501 -0.99650740 0.08290901  -72.76786  -0.23631643 0.08290901  0.96813256  12.47192   
54 'point symmetry operation' ?     ?     0.26383785  0.19360055  0.94493832  80.04765  0.19360055  -0.97034337 0.14475003  -78.32469  0.94493832  0.14475003  -0.29349447 -91.01603  
55 'point symmetry operation' ?     ?     -0.99744879 0.06862310  0.01966700  93.22804  0.06862310  0.84583831  0.52900701  13.12354   0.01966700  0.52900701  -0.84838953 -57.88494  
56 'point symmetry operation' ?     ?     0.67095376  0.14621564  -0.72694019 -10.00449 0.14621564  -0.98720550 -0.06361039 -85.55876  -0.72694019 -0.06361039 -0.68374826 -40.20560  
57 'point symmetry operation' ?     ?     0.55651864  0.81672169  0.15248837  57.67875  0.81672169  -0.57145755 0.08001226  -93.71689  0.15248837  0.08001226  -0.98506108 -86.81670  
58 'point symmetry operation' ?     ?     -0.28774405 -0.39801753 -0.87108290 6.14835   -0.39801753 -0.77758284 0.48677202  -30.02539  -0.87108290 0.48677202  0.06532689  18.74659   
59 'point symmetry operation' ?     ?     -0.47290399 0.68688405  0.55186242  115.66266 0.68688405  -0.10488851 0.71915834  -43.22505  0.55186242  0.71915834  -0.42220750 -56.67240  
60 'point symmetry operation' ?     ?     -0.99468703 -0.06386607 -0.08073942 83.81547  -0.06386607 -0.23228094 0.97054969  -3.86194   -0.08073942 0.97054969  0.22696797  8.56957   
# 
_struct_conf.conf_type_id            HELX_P 
_struct_conf.id                      HELX_P1 
_struct_conf.pdbx_PDB_helix_id       AA1 
_struct_conf.beg_label_comp_id       LYS 
_struct_conf.beg_label_asym_id       A 
_struct_conf.beg_label_seq_id        105 
_struct_conf.pdbx_beg_PDB_ins_code   ? 
_struct_conf.end_label_comp_id       GLN 
_struct_conf.end_label_asym_id       A 
_struct_conf.end_label_seq_id        109 
_struct_conf.pdbx_end_PDB_ins_code   ? 
_struct_conf.beg_auth_comp_id        LYS 
_struct_conf.beg_auth_asym_id        A 
_struct_conf.beg_auth_seq_id         105 
_struct_conf.end_auth_comp_id        GLN 
_struct_conf.end_auth_asym_id        A 
_struct_conf.end_auth_seq_id         109 
_struct_conf.pdbx_PDB_helix_class    5 
_struct_conf.details                 ? 
_struct_conf.pdbx_PDB_helix_length   5 
# 
_struct_conf_type.id          HELX_P 
_struct_conf_type.criteria    ? 
_struct_conf_type.reference   ? 
# 
loop_
_struct_sheet.id 
_struct_sheet.type 
_struct_sheet.number_strands 
_struct_sheet.details 
AA1 ? 4 ? 
AA2 ? 4 ? 
# 
loop_
_struct_sheet_order.sheet_id 
_struct_sheet_order.range_id_1 
_struct_sheet_order.range_id_2 
_struct_sheet_order.offset 
_struct_sheet_order.sense 
AA1 1 2 ? anti-parallel 
AA1 2 3 ? anti-parallel 
AA1 3 4 ? anti-parallel 
AA2 1 2 ? anti-parallel 
AA2 2 3 ? anti-parallel 
AA2 3 4 ? anti-parallel 
# 
loop_
_struct_sheet_range.sheet_id 
_struct_sheet_range.id 
_struct_sheet_range.beg_label_comp_id 
_struct_sheet_range.beg_label_asym_id 
_struct_sheet_range.beg_label_seq_id 
_struct_sheet_range.pdbx_beg_PDB_ins_code 
_struct_sheet_range.end_label_comp_id 
_struct_sheet_range.end_label_asym_id 
_struct_sheet_range.end_label_seq_id 
_struct_sheet_range.pdbx_end_PDB_ins_code 
_struct_sheet_range.beg_auth_comp_id 
_struct_sheet_range.beg_auth_asym_id 
_struct_sheet_range.beg_auth_seq_id 
_struct_sheet_range.end_auth_comp_id 
_struct_sheet_range.end_auth_asym_id 
_struct_sheet_range.end_auth_seq_id 
AA1 1 THR A 31  ? LEU A 41  ? THR A 31  LEU A 41  
AA1 2 VAL A 160 ? ILE A 170 ? VAL A 160 ILE A 170 
AA1 3 LYS A 61  ? MET A 73  ? LYS A 61  MET A 73  
AA1 4 CYS A 130 ? SER A 145 ? CYS A 130 SER A 145 
AA2 1 VAL A 46  ? ILE A 51  ? VAL A 46  ILE A 51  
AA2 2 HIS A 149 ? THR A 156 ? HIS A 149 THR A 156 
AA2 3 LEU A 78  ? CYS A 86  ? LEU A 78  CYS A 86  
AA2 4 ILE A 112 ? GLU A 121 ? ILE A 112 GLU A 121 
# 
loop_
_pdbx_struct_sheet_hbond.sheet_id 
_pdbx_struct_sheet_hbond.range_id_1 
_pdbx_struct_sheet_hbond.range_id_2 
_pdbx_struct_sheet_hbond.range_1_label_atom_id 
_pdbx_struct_sheet_hbond.range_1_label_comp_id 
_pdbx_struct_sheet_hbond.range_1_label_asym_id 
_pdbx_struct_sheet_hbond.range_1_label_seq_id 
_pdbx_struct_sheet_hbond.range_1_PDB_ins_code 
_pdbx_struct_sheet_hbond.range_1_auth_atom_id 
_pdbx_struct_sheet_hbond.range_1_auth_comp_id 
_pdbx_struct_sheet_hbond.range_1_auth_asym_id 
_pdbx_struct_sheet_hbond.range_1_auth_seq_id 
_pdbx_struct_sheet_hbond.range_2_label_atom_id 
_pdbx_struct_sheet_hbond.range_2_label_comp_id 
_pdbx_struct_sheet_hbond.range_2_label_asym_id 
_pdbx_struct_sheet_hbond.range_2_label_seq_id 
_pdbx_struct_sheet_hbond.range_2_PDB_ins_code 
_pdbx_struct_sheet_hbond.range_2_auth_atom_id 
_pdbx_struct_sheet_hbond.range_2_auth_comp_id 
_pdbx_struct_sheet_hbond.range_2_auth_asym_id 
_pdbx_struct_sheet_hbond.range_2_auth_seq_id 
AA1 1 2 N ALA A 39  ? N ALA A 39  O THR A 162 ? O THR A 162 
AA1 2 3 O ARG A 167 ? O ARG A 167 N MET A 66  ? N MET A 66  
AA1 3 4 N ILE A 62  ? N ILE A 62  O ILE A 144 ? O ILE A 144 
AA2 1 2 N SER A 47  ? N SER A 47  O MET A 154 ? O MET A 154 
AA2 2 3 O TYR A 151 ? O TYR A 151 N VAL A 84  ? N VAL A 84  
AA2 3 4 N LYS A 85  ? N LYS A 85  O THR A 113 ? O THR A 113 
# 
loop_
_pdbx_validate_torsion.id 
_pdbx_validate_torsion.PDB_model_num 
_pdbx_validate_torsion.auth_comp_id 
_pdbx_validate_torsion.auth_asym_id 
_pdbx_validate_torsion.auth_seq_id 
_pdbx_validate_torsion.PDB_ins_code 
_pdbx_validate_torsion.label_alt_id 
_pdbx_validate_torsion.phi 
_pdbx_validate_torsion.psi 
1 1 SER A 88  ? ? 60.01   83.14 
2 1 TYR A 169 ? ? -118.72 51.97 
# 
_em_3d_fitting.entry_id          6S44 
_em_3d_fitting.id                1 
_em_3d_fitting.details           ? 
_em_3d_fitting.overall_b_value   ? 
_em_3d_fitting.ref_protocol      'AB INITIO MODEL' 
_em_3d_fitting.ref_space         REAL 
_em_3d_fitting.target_criteria   ? 
_em_3d_fitting.method            ? 
# 
_em_3d_reconstruction.entry_id                    6S44 
_em_3d_reconstruction.id                          1 
_em_3d_reconstruction.algorithm                   'FOURIER SPACE' 
_em_3d_reconstruction.details                     ? 
_em_3d_reconstruction.refinement_type             ? 
_em_3d_reconstruction.image_processing_id         1 
_em_3d_reconstruction.num_class_averages          1 
_em_3d_reconstruction.num_particles               5156 
_em_3d_reconstruction.resolution                  3.19 
_em_3d_reconstruction.resolution_method           'FSC 0.143 CUT-OFF' 
_em_3d_reconstruction.symmetry_type               POINT 
_em_3d_reconstruction.method                      ? 
_em_3d_reconstruction.nominal_pixel_size          ? 
_em_3d_reconstruction.actual_pixel_size           ? 
_em_3d_reconstruction.magnification_calibration   ? 
# 
_em_buffer.id            1 
_em_buffer.details       ? 
_em_buffer.pH            7 
_em_buffer.specimen_id   1 
_em_buffer.name          ? 
# 
_em_entity_assembly.id                   1 
_em_entity_assembly.parent_id            0 
_em_entity_assembly.details              ? 
_em_entity_assembly.name                 'Faba bean necrotic stunt virus' 
_em_entity_assembly.source               NATURAL 
_em_entity_assembly.type                 VIRUS 
_em_entity_assembly.entity_id_list       1 
_em_entity_assembly.synonym              ? 
_em_entity_assembly.oligomeric_details   ? 
# 
_em_image_scans.entry_id                6S44 
_em_image_scans.id                      1 
_em_image_scans.dimension_height        ? 
_em_image_scans.dimension_width         ? 
_em_image_scans.frames_per_image        40 
_em_image_scans.image_recording_id      1 
_em_image_scans.sampling_size           ? 
_em_image_scans.scanner_model           ? 
_em_image_scans.used_frames_per_image   ? 
_em_image_scans.citation_id             ? 
_em_image_scans.number_digital_images   ? 
_em_image_scans.od_range                ? 
_em_image_scans.quant_bit_size          ? 
_em_image_scans.details                 ? 
# 
_em_imaging.id                              1 
_em_imaging.entry_id                        6S44 
_em_imaging.accelerating_voltage            300 
_em_imaging.alignment_procedure             ? 
_em_imaging.c2_aperture_diameter            ? 
_em_imaging.calibrated_defocus_max          ? 
_em_imaging.calibrated_defocus_min          ? 
_em_imaging.calibrated_magnification        ? 
_em_imaging.cryogen                         ? 
_em_imaging.details                         ? 
_em_imaging.electron_source                 'FIELD EMISSION GUN' 
_em_imaging.illumination_mode               'FLOOD BEAM' 
_em_imaging.microscope_model                'FEI POLARA 300' 
_em_imaging.mode                            'BRIGHT FIELD' 
_em_imaging.nominal_cs                      ? 
_em_imaging.nominal_defocus_max             ? 
_em_imaging.nominal_defocus_min             ? 
_em_imaging.nominal_magnification           ? 
_em_imaging.recording_temperature_maximum   ? 
_em_imaging.recording_temperature_minimum   ? 
_em_imaging.residual_tilt                   ? 
_em_imaging.specimen_holder_model           ? 
_em_imaging.specimen_id                     1 
_em_imaging.citation_id                     ? 
_em_imaging.date                            ? 
_em_imaging.temperature                     ? 
_em_imaging.tilt_angle_min                  ? 
_em_imaging.tilt_angle_max                  ? 
_em_imaging.astigmatism                     ? 
_em_imaging.detector_distance               ? 
_em_imaging.electron_beam_tilt_params       ? 
_em_imaging.specimen_holder_type            ? 
# 
_em_virus_entity.entity_assembly_id    1 
_em_virus_entity.empty                 NO 
_em_virus_entity.enveloped             NO 
_em_virus_entity.virus_isolate         STRAIN 
_em_virus_entity.virus_type            VIRION 
_em_virus_entity.id                    1 
_em_virus_entity.virus_host_category   ? 
_em_virus_entity.details               ? 
# 
_em_vitrification.id                    1 
_em_vitrification.specimen_id           1 
_em_vitrification.chamber_temperature   ? 
_em_vitrification.cryogen_name          ETHANE 
_em_vitrification.details               ? 
_em_vitrification.humidity              ? 
_em_vitrification.instrument            ? 
_em_vitrification.entry_id              6S44 
_em_vitrification.citation_id           ? 
_em_vitrification.method                ? 
_em_vitrification.temp                  ? 
_em_vitrification.time_resolved_state   ? 
# 
_em_experiment.entry_id                6S44 
_em_experiment.id                      1 
_em_experiment.aggregation_state       PARTICLE 
_em_experiment.reconstruction_method   'SINGLE PARTICLE' 
_em_experiment.entity_assembly_id      1 
# 
_em_single_particle_entity.entry_id              6S44 
_em_single_particle_entity.id                    1 
_em_single_particle_entity.image_processing_id   1 
_em_single_particle_entity.point_symmetry        I 
# 
loop_
_pdbx_unobs_or_zero_occ_residues.id 
_pdbx_unobs_or_zero_occ_residues.PDB_model_num 
_pdbx_unobs_or_zero_occ_residues.polymer_flag 
_pdbx_unobs_or_zero_occ_residues.occupancy_flag 
_pdbx_unobs_or_zero_occ_residues.auth_asym_id 
_pdbx_unobs_or_zero_occ_residues.auth_comp_id 
_pdbx_unobs_or_zero_occ_residues.auth_seq_id 
_pdbx_unobs_or_zero_occ_residues.PDB_ins_code 
_pdbx_unobs_or_zero_occ_residues.label_asym_id 
_pdbx_unobs_or_zero_occ_residues.label_comp_id 
_pdbx_unobs_or_zero_occ_residues.label_seq_id 
1  1 Y 1 A MET 1  ? A MET 1  
2  1 Y 1 A VAL 2  ? A VAL 2  
3  1 Y 1 A SER 3  ? A SER 3  
4  1 Y 1 A ASN 4  ? A ASN 4  
5  1 Y 1 A TRP 5  ? A TRP 5  
6  1 Y 1 A ASN 6  ? A ASN 6  
7  1 Y 1 A TRP 7  ? A TRP 7  
8  1 Y 1 A SER 8  ? A SER 8  
9  1 Y 1 A GLY 9  ? A GLY 9  
10 1 Y 1 A LYS 10 ? A LYS 10 
11 1 Y 1 A LYS 11 ? A LYS 11 
12 1 Y 1 A GLY 12 ? A GLY 12 
13 1 Y 1 A ARG 13 ? A ARG 13 
14 1 Y 1 A ARG 14 ? A ARG 14 
15 1 Y 1 A THR 15 ? A THR 15 
16 1 Y 1 A PRO 16 ? A PRO 16 
17 1 Y 1 A ARG 17 ? A ARG 17 
18 1 Y 1 A ARG 18 ? A ARG 18 
19 1 Y 1 A GLY 19 ? A GLY 19 
20 1 Y 1 A TYR 20 ? A TYR 20 
21 1 Y 1 A THR 21 ? A THR 21 
22 1 Y 1 A ARG 22 ? A ARG 22 
23 1 Y 1 A PRO 23 ? A PRO 23 
24 1 Y 1 A PHE 24 ? A PHE 24 
25 1 Y 1 A LYS 25 ? A LYS 25 
26 1 Y 1 A SER 26 ? A SER 26 
# 
loop_
_chem_comp_atom.comp_id 
_chem_comp_atom.atom_id 
_chem_comp_atom.type_symbol 
_chem_comp_atom.pdbx_aromatic_flag 
_chem_comp_atom.pdbx_stereo_config 
_chem_comp_atom.pdbx_ordinal 
ALA N    N N N 1   
ALA CA   C N S 2   
ALA C    C N N 3   
ALA O    O N N 4   
ALA CB   C N N 5   
ALA OXT  O N N 6   
ALA H    H N N 7   
ALA H2   H N N 8   
ALA HA   H N N 9   
ALA HB1  H N N 10  
ALA HB2  H N N 11  
ALA HB3  H N N 12  
ALA HXT  H N N 13  
ARG N    N N N 14  
ARG CA   C N S 15  
ARG C    C N N 16  
ARG O    O N N 17  
ARG CB   C N N 18  
ARG CG   C N N 19  
ARG CD   C N N 20  
ARG NE   N N N 21  
ARG CZ   C N N 22  
ARG NH1  N N N 23  
ARG NH2  N N N 24  
ARG OXT  O N N 25  
ARG H    H N N 26  
ARG H2   H N N 27  
ARG HA   H N N 28  
ARG HB2  H N N 29  
ARG HB3  H N N 30  
ARG HG2  H N N 31  
ARG HG3  H N N 32  
ARG HD2  H N N 33  
ARG HD3  H N N 34  
ARG HE   H N N 35  
ARG HH11 H N N 36  
ARG HH12 H N N 37  
ARG HH21 H N N 38  
ARG HH22 H N N 39  
ARG HXT  H N N 40  
ASN N    N N N 41  
ASN CA   C N S 42  
ASN C    C N N 43  
ASN O    O N N 44  
ASN CB   C N N 45  
ASN CG   C N N 46  
ASN OD1  O N N 47  
ASN ND2  N N N 48  
ASN OXT  O N N 49  
ASN H    H N N 50  
ASN H2   H N N 51  
ASN HA   H N N 52  
ASN HB2  H N N 53  
ASN HB3  H N N 54  
ASN HD21 H N N 55  
ASN HD22 H N N 56  
ASN HXT  H N N 57  
ASP N    N N N 58  
ASP CA   C N S 59  
ASP C    C N N 60  
ASP O    O N N 61  
ASP CB   C N N 62  
ASP CG   C N N 63  
ASP OD1  O N N 64  
ASP OD2  O N N 65  
ASP OXT  O N N 66  
ASP H    H N N 67  
ASP H2   H N N 68  
ASP HA   H N N 69  
ASP HB2  H N N 70  
ASP HB3  H N N 71  
ASP HD2  H N N 72  
ASP HXT  H N N 73  
CYS N    N N N 74  
CYS CA   C N R 75  
CYS C    C N N 76  
CYS O    O N N 77  
CYS CB   C N N 78  
CYS SG   S N N 79  
CYS OXT  O N N 80  
CYS H    H N N 81  
CYS H2   H N N 82  
CYS HA   H N N 83  
CYS HB2  H N N 84  
CYS HB3  H N N 85  
CYS HG   H N N 86  
CYS HXT  H N N 87  
GLN N    N N N 88  
GLN CA   C N S 89  
GLN C    C N N 90  
GLN O    O N N 91  
GLN CB   C N N 92  
GLN CG   C N N 93  
GLN CD   C N N 94  
GLN OE1  O N N 95  
GLN NE2  N N N 96  
GLN OXT  O N N 97  
GLN H    H N N 98  
GLN H2   H N N 99  
GLN HA   H N N 100 
GLN HB2  H N N 101 
GLN HB3  H N N 102 
GLN HG2  H N N 103 
GLN HG3  H N N 104 
GLN HE21 H N N 105 
GLN HE22 H N N 106 
GLN HXT  H N N 107 
GLU N    N N N 108 
GLU CA   C N S 109 
GLU C    C N N 110 
GLU O    O N N 111 
GLU CB   C N N 112 
GLU CG   C N N 113 
GLU CD   C N N 114 
GLU OE1  O N N 115 
GLU OE2  O N N 116 
GLU OXT  O N N 117 
GLU H    H N N 118 
GLU H2   H N N 119 
GLU HA   H N N 120 
GLU HB2  H N N 121 
GLU HB3  H N N 122 
GLU HG2  H N N 123 
GLU HG3  H N N 124 
GLU HE2  H N N 125 
GLU HXT  H N N 126 
GLY N    N N N 127 
GLY CA   C N N 128 
GLY C    C N N 129 
GLY O    O N N 130 
GLY OXT  O N N 131 
GLY H    H N N 132 
GLY H2   H N N 133 
GLY HA2  H N N 134 
GLY HA3  H N N 135 
GLY HXT  H N N 136 
HIS N    N N N 137 
HIS CA   C N S 138 
HIS C    C N N 139 
HIS O    O N N 140 
HIS CB   C N N 141 
HIS CG   C Y N 142 
HIS ND1  N Y N 143 
HIS CD2  C Y N 144 
HIS CE1  C Y N 145 
HIS NE2  N Y N 146 
HIS OXT  O N N 147 
HIS H    H N N 148 
HIS H2   H N N 149 
HIS HA   H N N 150 
HIS HB2  H N N 151 
HIS HB3  H N N 152 
HIS HD1  H N N 153 
HIS HD2  H N N 154 
HIS HE1  H N N 155 
HIS HE2  H N N 156 
HIS HXT  H N N 157 
ILE N    N N N 158 
ILE CA   C N S 159 
ILE C    C N N 160 
ILE O    O N N 161 
ILE CB   C N S 162 
ILE CG1  C N N 163 
ILE CG2  C N N 164 
ILE CD1  C N N 165 
ILE OXT  O N N 166 
ILE H    H N N 167 
ILE H2   H N N 168 
ILE HA   H N N 169 
ILE HB   H N N 170 
ILE HG12 H N N 171 
ILE HG13 H N N 172 
ILE HG21 H N N 173 
ILE HG22 H N N 174 
ILE HG23 H N N 175 
ILE HD11 H N N 176 
ILE HD12 H N N 177 
ILE HD13 H N N 178 
ILE HXT  H N N 179 
LEU N    N N N 180 
LEU CA   C N S 181 
LEU C    C N N 182 
LEU O    O N N 183 
LEU CB   C N N 184 
LEU CG   C N N 185 
LEU CD1  C N N 186 
LEU CD2  C N N 187 
LEU OXT  O N N 188 
LEU H    H N N 189 
LEU H2   H N N 190 
LEU HA   H N N 191 
LEU HB2  H N N 192 
LEU HB3  H N N 193 
LEU HG   H N N 194 
LEU HD11 H N N 195 
LEU HD12 H N N 196 
LEU HD13 H N N 197 
LEU HD21 H N N 198 
LEU HD22 H N N 199 
LEU HD23 H N N 200 
LEU HXT  H N N 201 
LYS N    N N N 202 
LYS CA   C N S 203 
LYS C    C N N 204 
LYS O    O N N 205 
LYS CB   C N N 206 
LYS CG   C N N 207 
LYS CD   C N N 208 
LYS CE   C N N 209 
LYS NZ   N N N 210 
LYS OXT  O N N 211 
LYS H    H N N 212 
LYS H2   H N N 213 
LYS HA   H N N 214 
LYS HB2  H N N 215 
LYS HB3  H N N 216 
LYS HG2  H N N 217 
LYS HG3  H N N 218 
LYS HD2  H N N 219 
LYS HD3  H N N 220 
LYS HE2  H N N 221 
LYS HE3  H N N 222 
LYS HZ1  H N N 223 
LYS HZ2  H N N 224 
LYS HZ3  H N N 225 
LYS HXT  H N N 226 
MET N    N N N 227 
MET CA   C N S 228 
MET C    C N N 229 
MET O    O N N 230 
MET CB   C N N 231 
MET CG   C N N 232 
MET SD   S N N 233 
MET CE   C N N 234 
MET OXT  O N N 235 
MET H    H N N 236 
MET H2   H N N 237 
MET HA   H N N 238 
MET HB2  H N N 239 
MET HB3  H N N 240 
MET HG2  H N N 241 
MET HG3  H N N 242 
MET HE1  H N N 243 
MET HE2  H N N 244 
MET HE3  H N N 245 
MET HXT  H N N 246 
PHE N    N N N 247 
PHE CA   C N S 248 
PHE C    C N N 249 
PHE O    O N N 250 
PHE CB   C N N 251 
PHE CG   C Y N 252 
PHE CD1  C Y N 253 
PHE CD2  C Y N 254 
PHE CE1  C Y N 255 
PHE CE2  C Y N 256 
PHE CZ   C Y N 257 
PHE OXT  O N N 258 
PHE H    H N N 259 
PHE H2   H N N 260 
PHE HA   H N N 261 
PHE HB2  H N N 262 
PHE HB3  H N N 263 
PHE HD1  H N N 264 
PHE HD2  H N N 265 
PHE HE1  H N N 266 
PHE HE2  H N N 267 
PHE HZ   H N N 268 
PHE HXT  H N N 269 
PRO N    N N N 270 
PRO CA   C N S 271 
PRO C    C N N 272 
PRO O    O N N 273 
PRO CB   C N N 274 
PRO CG   C N N 275 
PRO CD   C N N 276 
PRO OXT  O N N 277 
PRO H    H N N 278 
PRO HA   H N N 279 
PRO HB2  H N N 280 
PRO HB3  H N N 281 
PRO HG2  H N N 282 
PRO HG3  H N N 283 
PRO HD2  H N N 284 
PRO HD3  H N N 285 
PRO HXT  H N N 286 
SER N    N N N 287 
SER CA   C N S 288 
SER C    C N N 289 
SER O    O N N 290 
SER CB   C N N 291 
SER OG   O N N 292 
SER OXT  O N N 293 
SER H    H N N 294 
SER H2   H N N 295 
SER HA   H N N 296 
SER HB2  H N N 297 
SER HB3  H N N 298 
SER HG   H N N 299 
SER HXT  H N N 300 
THR N    N N N 301 
THR CA   C N S 302 
THR C    C N N 303 
THR O    O N N 304 
THR CB   C N R 305 
THR OG1  O N N 306 
THR CG2  C N N 307 
THR OXT  O N N 308 
THR H    H N N 309 
THR H2   H N N 310 
THR HA   H N N 311 
THR HB   H N N 312 
THR HG1  H N N 313 
THR HG21 H N N 314 
THR HG22 H N N 315 
THR HG23 H N N 316 
THR HXT  H N N 317 
TRP N    N N N 318 
TRP CA   C N S 319 
TRP C    C N N 320 
TRP O    O N N 321 
TRP CB   C N N 322 
TRP CG   C Y N 323 
TRP CD1  C Y N 324 
TRP CD2  C Y N 325 
TRP NE1  N Y N 326 
TRP CE2  C Y N 327 
TRP CE3  C Y N 328 
TRP CZ2  C Y N 329 
TRP CZ3  C Y N 330 
TRP CH2  C Y N 331 
TRP OXT  O N N 332 
TRP H    H N N 333 
TRP H2   H N N 334 
TRP HA   H N N 335 
TRP HB2  H N N 336 
TRP HB3  H N N 337 
TRP HD1  H N N 338 
TRP HE1  H N N 339 
TRP HE3  H N N 340 
TRP HZ2  H N N 341 
TRP HZ3  H N N 342 
TRP HH2  H N N 343 
TRP HXT  H N N 344 
TYR N    N N N 345 
TYR CA   C N S 346 
TYR C    C N N 347 
TYR O    O N N 348 
TYR CB   C N N 349 
TYR CG   C Y N 350 
TYR CD1  C Y N 351 
TYR CD2  C Y N 352 
TYR CE1  C Y N 353 
TYR CE2  C Y N 354 
TYR CZ   C Y N 355 
TYR OH   O N N 356 
TYR OXT  O N N 357 
TYR H    H N N 358 
TYR H2   H N N 359 
TYR HA   H N N 360 
TYR HB2  H N N 361 
TYR HB3  H N N 362 
TYR HD1  H N N 363 
TYR HD2  H N N 364 
TYR HE1  H N N 365 
TYR HE2  H N N 366 
TYR HH   H N N 367 
TYR HXT  H N N 368 
VAL N    N N N 369 
VAL CA   C N S 370 
VAL C    C N N 371 
VAL O    O N N 372 
VAL CB   C N N 373 
VAL CG1  C N N 374 
VAL CG2  C N N 375 
VAL OXT  O N N 376 
VAL H    H N N 377 
VAL H2   H N N 378 
VAL HA   H N N 379 
VAL HB   H N N 380 
VAL HG11 H N N 381 
VAL HG12 H N N 382 
VAL HG13 H N N 383 
VAL HG21 H N N 384 
VAL HG22 H N N 385 
VAL HG23 H N N 386 
VAL HXT  H N N 387 
# 
loop_
_chem_comp_bond.comp_id 
_chem_comp_bond.atom_id_1 
_chem_comp_bond.atom_id_2 
_chem_comp_bond.value_order 
_chem_comp_bond.pdbx_aromatic_flag 
_chem_comp_bond.pdbx_stereo_config 
_chem_comp_bond.pdbx_ordinal 
ALA N   CA   sing N N 1   
ALA N   H    sing N N 2   
ALA N   H2   sing N N 3   
ALA CA  C    sing N N 4   
ALA CA  CB   sing N N 5   
ALA CA  HA   sing N N 6   
ALA C   O    doub N N 7   
ALA C   OXT  sing N N 8   
ALA CB  HB1  sing N N 9   
ALA CB  HB2  sing N N 10  
ALA CB  HB3  sing N N 11  
ALA OXT HXT  sing N N 12  
ARG N   CA   sing N N 13  
ARG N   H    sing N N 14  
ARG N   H2   sing N N 15  
ARG CA  C    sing N N 16  
ARG CA  CB   sing N N 17  
ARG CA  HA   sing N N 18  
ARG C   O    doub N N 19  
ARG C   OXT  sing N N 20  
ARG CB  CG   sing N N 21  
ARG CB  HB2  sing N N 22  
ARG CB  HB3  sing N N 23  
ARG CG  CD   sing N N 24  
ARG CG  HG2  sing N N 25  
ARG CG  HG3  sing N N 26  
ARG CD  NE   sing N N 27  
ARG CD  HD2  sing N N 28  
ARG CD  HD3  sing N N 29  
ARG NE  CZ   sing N N 30  
ARG NE  HE   sing N N 31  
ARG CZ  NH1  sing N N 32  
ARG CZ  NH2  doub N N 33  
ARG NH1 HH11 sing N N 34  
ARG NH1 HH12 sing N N 35  
ARG NH2 HH21 sing N N 36  
ARG NH2 HH22 sing N N 37  
ARG OXT HXT  sing N N 38  
ASN N   CA   sing N N 39  
ASN N   H    sing N N 40  
ASN N   H2   sing N N 41  
ASN CA  C    sing N N 42  
ASN CA  CB   sing N N 43  
ASN CA  HA   sing N N 44  
ASN C   O    doub N N 45  
ASN C   OXT  sing N N 46  
ASN CB  CG   sing N N 47  
ASN CB  HB2  sing N N 48  
ASN CB  HB3  sing N N 49  
ASN CG  OD1  doub N N 50  
ASN CG  ND2  sing N N 51  
ASN ND2 HD21 sing N N 52  
ASN ND2 HD22 sing N N 53  
ASN OXT HXT  sing N N 54  
ASP N   CA   sing N N 55  
ASP N   H    sing N N 56  
ASP N   H2   sing N N 57  
ASP CA  C    sing N N 58  
ASP CA  CB   sing N N 59  
ASP CA  HA   sing N N 60  
ASP C   O    doub N N 61  
ASP C   OXT  sing N N 62  
ASP CB  CG   sing N N 63  
ASP CB  HB2  sing N N 64  
ASP CB  HB3  sing N N 65  
ASP CG  OD1  doub N N 66  
ASP CG  OD2  sing N N 67  
ASP OD2 HD2  sing N N 68  
ASP OXT HXT  sing N N 69  
CYS N   CA   sing N N 70  
CYS N   H    sing N N 71  
CYS N   H2   sing N N 72  
CYS CA  C    sing N N 73  
CYS CA  CB   sing N N 74  
CYS CA  HA   sing N N 75  
CYS C   O    doub N N 76  
CYS C   OXT  sing N N 77  
CYS CB  SG   sing N N 78  
CYS CB  HB2  sing N N 79  
CYS CB  HB3  sing N N 80  
CYS SG  HG   sing N N 81  
CYS OXT HXT  sing N N 82  
GLN N   CA   sing N N 83  
GLN N   H    sing N N 84  
GLN N   H2   sing N N 85  
GLN CA  C    sing N N 86  
GLN CA  CB   sing N N 87  
GLN CA  HA   sing N N 88  
GLN C   O    doub N N 89  
GLN C   OXT  sing N N 90  
GLN CB  CG   sing N N 91  
GLN CB  HB2  sing N N 92  
GLN CB  HB3  sing N N 93  
GLN CG  CD   sing N N 94  
GLN CG  HG2  sing N N 95  
GLN CG  HG3  sing N N 96  
GLN CD  OE1  doub N N 97  
GLN CD  NE2  sing N N 98  
GLN NE2 HE21 sing N N 99  
GLN NE2 HE22 sing N N 100 
GLN OXT HXT  sing N N 101 
GLU N   CA   sing N N 102 
GLU N   H    sing N N 103 
GLU N   H2   sing N N 104 
GLU CA  C    sing N N 105 
GLU CA  CB   sing N N 106 
GLU CA  HA   sing N N 107 
GLU C   O    doub N N 108 
GLU C   OXT  sing N N 109 
GLU CB  CG   sing N N 110 
GLU CB  HB2  sing N N 111 
GLU CB  HB3  sing N N 112 
GLU CG  CD   sing N N 113 
GLU CG  HG2  sing N N 114 
GLU CG  HG3  sing N N 115 
GLU CD  OE1  doub N N 116 
GLU CD  OE2  sing N N 117 
GLU OE2 HE2  sing N N 118 
GLU OXT HXT  sing N N 119 
GLY N   CA   sing N N 120 
GLY N   H    sing N N 121 
GLY N   H2   sing N N 122 
GLY CA  C    sing N N 123 
GLY CA  HA2  sing N N 124 
GLY CA  HA3  sing N N 125 
GLY C   O    doub N N 126 
GLY C   OXT  sing N N 127 
GLY OXT HXT  sing N N 128 
HIS N   CA   sing N N 129 
HIS N   H    sing N N 130 
HIS N   H2   sing N N 131 
HIS CA  C    sing N N 132 
HIS CA  CB   sing N N 133 
HIS CA  HA   sing N N 134 
HIS C   O    doub N N 135 
HIS C   OXT  sing N N 136 
HIS CB  CG   sing N N 137 
HIS CB  HB2  sing N N 138 
HIS CB  HB3  sing N N 139 
HIS CG  ND1  sing Y N 140 
HIS CG  CD2  doub Y N 141 
HIS ND1 CE1  doub Y N 142 
HIS ND1 HD1  sing N N 143 
HIS CD2 NE2  sing Y N 144 
HIS CD2 HD2  sing N N 145 
HIS CE1 NE2  sing Y N 146 
HIS CE1 HE1  sing N N 147 
HIS NE2 HE2  sing N N 148 
HIS OXT HXT  sing N N 149 
ILE N   CA   sing N N 150 
ILE N   H    sing N N 151 
ILE N   H2   sing N N 152 
ILE CA  C    sing N N 153 
ILE CA  CB   sing N N 154 
ILE CA  HA   sing N N 155 
ILE C   O    doub N N 156 
ILE C   OXT  sing N N 157 
ILE CB  CG1  sing N N 158 
ILE CB  CG2  sing N N 159 
ILE CB  HB   sing N N 160 
ILE CG1 CD1  sing N N 161 
ILE CG1 HG12 sing N N 162 
ILE CG1 HG13 sing N N 163 
ILE CG2 HG21 sing N N 164 
ILE CG2 HG22 sing N N 165 
ILE CG2 HG23 sing N N 166 
ILE CD1 HD11 sing N N 167 
ILE CD1 HD12 sing N N 168 
ILE CD1 HD13 sing N N 169 
ILE OXT HXT  sing N N 170 
LEU N   CA   sing N N 171 
LEU N   H    sing N N 172 
LEU N   H2   sing N N 173 
LEU CA  C    sing N N 174 
LEU CA  CB   sing N N 175 
LEU CA  HA   sing N N 176 
LEU C   O    doub N N 177 
LEU C   OXT  sing N N 178 
LEU CB  CG   sing N N 179 
LEU CB  HB2  sing N N 180 
LEU CB  HB3  sing N N 181 
LEU CG  CD1  sing N N 182 
LEU CG  CD2  sing N N 183 
LEU CG  HG   sing N N 184 
LEU CD1 HD11 sing N N 185 
LEU CD1 HD12 sing N N 186 
LEU CD1 HD13 sing N N 187 
LEU CD2 HD21 sing N N 188 
LEU CD2 HD22 sing N N 189 
LEU CD2 HD23 sing N N 190 
LEU OXT HXT  sing N N 191 
LYS N   CA   sing N N 192 
LYS N   H    sing N N 193 
LYS N   H2   sing N N 194 
LYS CA  C    sing N N 195 
LYS CA  CB   sing N N 196 
LYS CA  HA   sing N N 197 
LYS C   O    doub N N 198 
LYS C   OXT  sing N N 199 
LYS CB  CG   sing N N 200 
LYS CB  HB2  sing N N 201 
LYS CB  HB3  sing N N 202 
LYS CG  CD   sing N N 203 
LYS CG  HG2  sing N N 204 
LYS CG  HG3  sing N N 205 
LYS CD  CE   sing N N 206 
LYS CD  HD2  sing N N 207 
LYS CD  HD3  sing N N 208 
LYS CE  NZ   sing N N 209 
LYS CE  HE2  sing N N 210 
LYS CE  HE3  sing N N 211 
LYS NZ  HZ1  sing N N 212 
LYS NZ  HZ2  sing N N 213 
LYS NZ  HZ3  sing N N 214 
LYS OXT HXT  sing N N 215 
MET N   CA   sing N N 216 
MET N   H    sing N N 217 
MET N   H2   sing N N 218 
MET CA  C    sing N N 219 
MET CA  CB   sing N N 220 
MET CA  HA   sing N N 221 
MET C   O    doub N N 222 
MET C   OXT  sing N N 223 
MET CB  CG   sing N N 224 
MET CB  HB2  sing N N 225 
MET CB  HB3  sing N N 226 
MET CG  SD   sing N N 227 
MET CG  HG2  sing N N 228 
MET CG  HG3  sing N N 229 
MET SD  CE   sing N N 230 
MET CE  HE1  sing N N 231 
MET CE  HE2  sing N N 232 
MET CE  HE3  sing N N 233 
MET OXT HXT  sing N N 234 
PHE N   CA   sing N N 235 
PHE N   H    sing N N 236 
PHE N   H2   sing N N 237 
PHE CA  C    sing N N 238 
PHE CA  CB   sing N N 239 
PHE CA  HA   sing N N 240 
PHE C   O    doub N N 241 
PHE C   OXT  sing N N 242 
PHE CB  CG   sing N N 243 
PHE CB  HB2  sing N N 244 
PHE CB  HB3  sing N N 245 
PHE CG  CD1  doub Y N 246 
PHE CG  CD2  sing Y N 247 
PHE CD1 CE1  sing Y N 248 
PHE CD1 HD1  sing N N 249 
PHE CD2 CE2  doub Y N 250 
PHE CD2 HD2  sing N N 251 
PHE CE1 CZ   doub Y N 252 
PHE CE1 HE1  sing N N 253 
PHE CE2 CZ   sing Y N 254 
PHE CE2 HE2  sing N N 255 
PHE CZ  HZ   sing N N 256 
PHE OXT HXT  sing N N 257 
PRO N   CA   sing N N 258 
PRO N   CD   sing N N 259 
PRO N   H    sing N N 260 
PRO CA  C    sing N N 261 
PRO CA  CB   sing N N 262 
PRO CA  HA   sing N N 263 
PRO C   O    doub N N 264 
PRO C   OXT  sing N N 265 
PRO CB  CG   sing N N 266 
PRO CB  HB2  sing N N 267 
PRO CB  HB3  sing N N 268 
PRO CG  CD   sing N N 269 
PRO CG  HG2  sing N N 270 
PRO CG  HG3  sing N N 271 
PRO CD  HD2  sing N N 272 
PRO CD  HD3  sing N N 273 
PRO OXT HXT  sing N N 274 
SER N   CA   sing N N 275 
SER N   H    sing N N 276 
SER N   H2   sing N N 277 
SER CA  C    sing N N 278 
SER CA  CB   sing N N 279 
SER CA  HA   sing N N 280 
SER C   O    doub N N 281 
SER C   OXT  sing N N 282 
SER CB  OG   sing N N 283 
SER CB  HB2  sing N N 284 
SER CB  HB3  sing N N 285 
SER OG  HG   sing N N 286 
SER OXT HXT  sing N N 287 
THR N   CA   sing N N 288 
THR N   H    sing N N 289 
THR N   H2   sing N N 290 
THR CA  C    sing N N 291 
THR CA  CB   sing N N 292 
THR CA  HA   sing N N 293 
THR C   O    doub N N 294 
THR C   OXT  sing N N 295 
THR CB  OG1  sing N N 296 
THR CB  CG2  sing N N 297 
THR CB  HB   sing N N 298 
THR OG1 HG1  sing N N 299 
THR CG2 HG21 sing N N 300 
THR CG2 HG22 sing N N 301 
THR CG2 HG23 sing N N 302 
THR OXT HXT  sing N N 303 
TRP N   CA   sing N N 304 
TRP N   H    sing N N 305 
TRP N   H2   sing N N 306 
TRP CA  C    sing N N 307 
TRP CA  CB   sing N N 308 
TRP CA  HA   sing N N 309 
TRP C   O    doub N N 310 
TRP C   OXT  sing N N 311 
TRP CB  CG   sing N N 312 
TRP CB  HB2  sing N N 313 
TRP CB  HB3  sing N N 314 
TRP CG  CD1  doub Y N 315 
TRP CG  CD2  sing Y N 316 
TRP CD1 NE1  sing Y N 317 
TRP CD1 HD1  sing N N 318 
TRP CD2 CE2  doub Y N 319 
TRP CD2 CE3  sing Y N 320 
TRP NE1 CE2  sing Y N 321 
TRP NE1 HE1  sing N N 322 
TRP CE2 CZ2  sing Y N 323 
TRP CE3 CZ3  doub Y N 324 
TRP CE3 HE3  sing N N 325 
TRP CZ2 CH2  doub Y N 326 
TRP CZ2 HZ2  sing N N 327 
TRP CZ3 CH2  sing Y N 328 
TRP CZ3 HZ3  sing N N 329 
TRP CH2 HH2  sing N N 330 
TRP OXT HXT  sing N N 331 
TYR N   CA   sing N N 332 
TYR N   H    sing N N 333 
TYR N   H2   sing N N 334 
TYR CA  C    sing N N 335 
TYR CA  CB   sing N N 336 
TYR CA  HA   sing N N 337 
TYR C   O    doub N N 338 
TYR C   OXT  sing N N 339 
TYR CB  CG   sing N N 340 
TYR CB  HB2  sing N N 341 
TYR CB  HB3  sing N N 342 
TYR CG  CD1  doub Y N 343 
TYR CG  CD2  sing Y N 344 
TYR CD1 CE1  sing Y N 345 
TYR CD1 HD1  sing N N 346 
TYR CD2 CE2  doub Y N 347 
TYR CD2 HD2  sing N N 348 
TYR CE1 CZ   doub Y N 349 
TYR CE1 HE1  sing N N 350 
TYR CE2 CZ   sing Y N 351 
TYR CE2 HE2  sing N N 352 
TYR CZ  OH   sing N N 353 
TYR OH  HH   sing N N 354 
TYR OXT HXT  sing N N 355 
VAL N   CA   sing N N 356 
VAL N   H    sing N N 357 
VAL N   H2   sing N N 358 
VAL CA  C    sing N N 359 
VAL CA  CB   sing N N 360 
VAL CA  HA   sing N N 361 
VAL C   O    doub N N 362 
VAL C   OXT  sing N N 363 
VAL CB  CG1  sing N N 364 
VAL CB  CG2  sing N N 365 
VAL CB  HB   sing N N 366 
VAL CG1 HG11 sing N N 367 
VAL CG1 HG12 sing N N 368 
VAL CG1 HG13 sing N N 369 
VAL CG2 HG21 sing N N 370 
VAL CG2 HG22 sing N N 371 
VAL CG2 HG23 sing N N 372 
VAL OXT HXT  sing N N 373 
# 
_em_admin.entry_id           6S44 
_em_admin.current_status     REL 
_em_admin.deposition_date    2019-06-26 
_em_admin.deposition_site    PDBE 
_em_admin.last_update        2024-07-10 
_em_admin.map_release_date   2020-07-15 
_em_admin.title              'Faba bean necrotic stunt virus (FBNSV)' 
# 
_em_ctf_correction.id                       1 
_em_ctf_correction.em_image_processing_id   1 
_em_ctf_correction.type                     'PHASE FLIPPING AND AMPLITUDE CORRECTION' 
_em_ctf_correction.details                  ? 
# 
_em_entity_assembly_molwt.entity_assembly_id   1 
_em_entity_assembly_molwt.id                   1 
_em_entity_assembly_molwt.experimental_flag    NO 
_em_entity_assembly_molwt.units                ? 
_em_entity_assembly_molwt.value                ? 
# 
_em_entity_assembly_naturalsource.id                   2 
_em_entity_assembly_naturalsource.entity_assembly_id   1 
_em_entity_assembly_naturalsource.cell                 ? 
_em_entity_assembly_naturalsource.cellular_location    ? 
_em_entity_assembly_naturalsource.ncbi_tax_id          283824 
_em_entity_assembly_naturalsource.organ                ? 
_em_entity_assembly_naturalsource.organelle            ? 
_em_entity_assembly_naturalsource.organism             'Faba bean necrotic stunt virus' 
_em_entity_assembly_naturalsource.strain               ? 
_em_entity_assembly_naturalsource.tissue               ? 
# 
_em_image_processing.id                   1 
_em_image_processing.image_recording_id   1 
_em_image_processing.details              ? 
# 
_em_image_recording.id                            1 
_em_image_recording.imaging_id                    1 
_em_image_recording.avg_electron_dose_per_image   40 
_em_image_recording.average_exposure_time         ? 
_em_image_recording.details                       ? 
_em_image_recording.detector_mode                 ? 
_em_image_recording.film_or_detector_model        'GATAN K2 SUMMIT (4k x 4k)' 
_em_image_recording.num_diffraction_images        ? 
_em_image_recording.num_grids_imaged              ? 
_em_image_recording.num_real_images               ? 
# 
loop_
_em_software.id 
_em_software.category 
_em_software.details 
_em_software.name 
_em_software.version 
_em_software.image_processing_id 
_em_software.fitting_id 
_em_software.imaging_id 
1  'PARTICLE SELECTION'       ? ?      ?       1 ? ? 
2  'IMAGE ACQUISITION'        ? ?      ?       ? ? 1 
3  MASKING                    ? ?      ?       ? ? ? 
4  'CTF CORRECTION'           ? ?      ?       1 ? ? 
5  'LAYERLINE INDEXING'       ? ?      ?       ? ? ? 
6  'DIFFRACTION INDEXING'     ? ?      ?       ? ? ? 
7  'MODEL FITTING'            ? ?      ?       ? 1 ? 
8  OTHER                      ? ?      ?       ? ? ? 
9  'INITIAL EULER ASSIGNMENT' ? ?      ?       1 ? ? 
10 'FINAL EULER ASSIGNMENT'   ? RELION 3       1 ? ? 
11 CLASSIFICATION             ? ?      ?       1 ? ? 
12 RECONSTRUCTION             ? RELION 3       1 ? ? 
13 'MODEL REFINEMENT'         ? PHENIX 1.15.2  ? 1 ? 
14 'MODEL REFINEMENT'         ? Coot   0.9-pre ? 1 ? 
# 
_em_specimen.id                      1 
_em_specimen.experiment_id           1 
_em_specimen.concentration           ? 
_em_specimen.details                 ? 
_em_specimen.embedding_applied       NO 
_em_specimen.shadowing_applied       NO 
_em_specimen.staining_applied        NO 
_em_specimen.vitrification_applied   YES 
# 
_em_virus_shell.id                   1 
_em_virus_shell.entity_assembly_id   1 
_em_virus_shell.diameter             ? 
_em_virus_shell.name                 capsid 
_em_virus_shell.triangulation        3 
# 
_pdbx_audit_support.funding_organization   'French National Research Agency' 
_pdbx_audit_support.country                France 
_pdbx_audit_support.grant_number           'ANR-14- 15 CE02-0014' 
_pdbx_audit_support.ordinal                1 
# 
_atom_sites.entry_id                    6S44 
_atom_sites.fract_transf_matrix[1][1]   1.000000 
_atom_sites.fract_transf_matrix[1][2]   0.000000 
_atom_sites.fract_transf_matrix[1][3]   0.000000 
_atom_sites.fract_transf_matrix[2][1]   0.000000 
_atom_sites.fract_transf_matrix[2][2]   1.000000 
_atom_sites.fract_transf_matrix[2][3]   0.000000 
_atom_sites.fract_transf_matrix[3][1]   0.000000 
_atom_sites.fract_transf_matrix[3][2]   0.000000 
_atom_sites.fract_transf_matrix[3][3]   1.000000 
_atom_sites.fract_transf_vector[1]      0.00000 
_atom_sites.fract_transf_vector[2]      0.00000 
_atom_sites.fract_transf_vector[3]      0.00000 
# 
loop_
_atom_type.symbol 
C 
N 
O 
S 
# 
loop_
_atom_site.group_PDB 
_atom_site.id 
_atom_site.type_symbol 
_atom_site.label_atom_id 
_atom_site.label_alt_id 
_atom_site.label_comp_id 
_atom_site.label_asym_id 
_atom_site.label_entity_id 
_atom_site.label_seq_id 
_atom_site.pdbx_PDB_ins_code 
_atom_site.Cartn_x 
_atom_site.Cartn_y 
_atom_site.Cartn_z 
_atom_site.occupancy 
_atom_site.B_iso_or_equiv 
_atom_site.pdbx_formal_charge 
_atom_site.auth_seq_id 
_atom_site.auth_comp_id 
_atom_site.auth_asym_id 
_atom_site.auth_atom_id 
_atom_site.pdbx_PDB_model_num 
ATOM 1    N N   . ALA A 1 27  ? -1.095  -19.338 -20.072 1.00 99.53  ? 27  ALA A N   1 
ATOM 2    C CA  . ALA A 1 27  ? -2.248  -20.175 -20.374 1.00 99.53  ? 27  ALA A CA  1 
ATOM 3    C C   . ALA A 1 27  ? -3.234  -20.167 -19.217 1.00 99.53  ? 27  ALA A C   1 
ATOM 4    O O   . ALA A 1 27  ? -4.382  -20.578 -19.368 1.00 99.53  ? 27  ALA A O   1 
ATOM 5    C CB  . ALA A 1 27  ? -1.809  -21.592 -20.683 1.00 99.53  ? 27  ALA A CB  1 
ATOM 6    N N   . VAL A 1 28  ? -2.773  -19.705 -18.063 1.00 93.09  ? 28  VAL A N   1 
ATOM 7    C CA  . VAL A 1 28  ? -3.635  -19.597 -16.881 1.00 93.09  ? 28  VAL A CA  1 
ATOM 8    C C   . VAL A 1 28  ? -4.627  -18.463 -17.099 1.00 93.09  ? 28  VAL A C   1 
ATOM 9    O O   . VAL A 1 28  ? -4.236  -17.403 -17.618 1.00 93.09  ? 28  VAL A O   1 
ATOM 10   C CB  . VAL A 1 28  ? -2.780  -19.354 -15.633 1.00 93.09  ? 28  VAL A CB  1 
ATOM 11   C CG1 . VAL A 1 28  ? -3.510  -19.779 -14.375 1.00 93.09  ? 28  VAL A CG1 1 
ATOM 12   C CG2 . VAL A 1 28  ? -1.455  -20.091 -15.749 1.00 93.09  ? 28  VAL A CG2 1 
ATOM 13   N N   . PRO A 1 29  ? -5.909  -18.630 -16.752 1.00 88.82  ? 29  PRO A N   1 
ATOM 14   C CA  . PRO A 1 29  ? -6.887  -17.565 -17.012 1.00 88.82  ? 29  PRO A CA  1 
ATOM 15   C C   . PRO A 1 29  ? -6.709  -16.341 -16.130 1.00 88.82  ? 29  PRO A C   1 
ATOM 16   O O   . PRO A 1 29  ? -7.073  -16.350 -14.955 1.00 88.82  ? 29  PRO A O   1 
ATOM 17   C CB  . PRO A 1 29  ? -8.229  -18.251 -16.736 1.00 88.82  ? 29  PRO A CB  1 
ATOM 18   C CG  . PRO A 1 29  ? -7.895  -19.411 -15.876 1.00 88.82  ? 29  PRO A CG  1 
ATOM 19   C CD  . PRO A 1 29  ? -6.568  -19.881 -16.352 1.00 88.82  ? 29  PRO A CD  1 
ATOM 20   N N   . THR A 1 30  ? -6.178  -15.270 -16.710 1.00 84.11  ? 30  THR A N   1 
ATOM 21   C CA  . THR A 1 30  ? -5.850  -14.055 -15.984 1.00 84.11  ? 30  THR A CA  1 
ATOM 22   C C   . THR A 1 30  ? -7.032  -13.096 -15.991 1.00 84.11  ? 30  THR A C   1 
ATOM 23   O O   . THR A 1 30  ? -7.836  -13.080 -16.923 1.00 84.11  ? 30  THR A O   1 
ATOM 24   C CB  . THR A 1 30  ? -4.629  -13.385 -16.614 1.00 84.11  ? 30  THR A CB  1 
ATOM 25   O OG1 . THR A 1 30  ? -3.739  -14.394 -17.102 1.00 84.11  ? 30  THR A OG1 1 
ATOM 26   C CG2 . THR A 1 30  ? -3.884  -12.536 -15.604 1.00 84.11  ? 30  THR A CG2 1 
ATOM 27   N N   . THR A 1 31  ? -7.142  -12.308 -14.929 1.00 81.45  ? 31  THR A N   1 
ATOM 28   C CA  . THR A 1 31  ? -8.163  -11.275 -14.842 1.00 81.45  ? 31  THR A CA  1 
ATOM 29   C C   . THR A 1 31  ? -7.577  -10.093 -14.093 1.00 81.45  ? 31  THR A C   1 
ATOM 30   O O   . THR A 1 31  ? -6.973  -10.270 -13.032 1.00 81.45  ? 31  THR A O   1 
ATOM 31   C CB  . THR A 1 31  ? -9.413  -11.784 -14.130 1.00 81.45  ? 31  THR A CB  1 
ATOM 32   O OG1 . THR A 1 31  ? -9.882  -12.971 -14.777 1.00 81.45  ? 31  THR A OG1 1 
ATOM 33   C CG2 . THR A 1 31  ? -10.507 -10.733 -14.163 1.00 81.45  ? 31  THR A CG2 1 
ATOM 34   N N   . ARG A 1 32  ? -7.753  -8.903  -14.641 1.00 78.87  ? 32  ARG A N   1 
ATOM 35   C CA  . ARG A 1 32  ? -7.207  -7.681  -14.070 1.00 78.87  ? 32  ARG A CA  1 
ATOM 36   C C   . ARG A 1 32  ? -8.350  -6.912  -13.427 1.00 78.87  ? 32  ARG A C   1 
ATOM 37   O O   . ARG A 1 32  ? -9.071  -6.178  -14.104 1.00 78.87  ? 32  ARG A O   1 
ATOM 38   C CB  . ARG A 1 32  ? -6.518  -6.866  -15.151 1.00 78.87  ? 32  ARG A CB  1 
ATOM 39   C CG  . ARG A 1 32  ? -5.795  -7.736  -16.142 1.00 78.87  ? 32  ARG A CG  1 
ATOM 40   C CD  . ARG A 1 32  ? -5.544  -7.000  -17.422 1.00 78.87  ? 32  ARG A CD  1 
ATOM 41   N NE  . ARG A 1 32  ? -5.291  -7.913  -18.526 1.00 78.87  ? 32  ARG A NE  1 
ATOM 42   C CZ  . ARG A 1 32  ? -5.009  -7.516  -19.759 1.00 78.87  ? 32  ARG A CZ  1 
ATOM 43   N NH1 . ARG A 1 32  ? -4.794  -8.410  -20.716 1.00 78.87  ? 32  ARG A NH1 1 
ATOM 44   N NH2 . ARG A 1 32  ? -4.940  -6.222  -20.036 1.00 78.87  ? 32  ARG A NH2 1 
ATOM 45   N N   . VAL A 1 33  ? -8.505  -7.067  -12.124 1.00 75.37  ? 33  VAL A N   1 
ATOM 46   C CA  . VAL A 1 33  ? -9.609  -6.445  -11.419 1.00 75.37  ? 33  VAL A CA  1 
ATOM 47   C C   . VAL A 1 33  ? -9.101  -5.194  -10.722 1.00 75.37  ? 33  VAL A C   1 
ATOM 48   O O   . VAL A 1 33  ? -7.910  -5.031  -10.464 1.00 75.37  ? 33  VAL A O   1 
ATOM 49   C CB  . VAL A 1 33  ? -10.306 -7.417  -10.434 1.00 75.37  ? 33  VAL A CB  1 
ATOM 50   C CG1 . VAL A 1 33  ? -10.214 -8.826  -10.946 1.00 75.37  ? 33  VAL A CG1 1 
ATOM 51   C CG2 . VAL A 1 33  ? -9.739  -7.329  -9.044  1.00 75.37  ? 33  VAL A CG2 1 
ATOM 52   N N   . VAL A 1 34  ? -10.015 -4.270  -10.453 1.00 76.70  ? 34  VAL A N   1 
ATOM 53   C CA  . VAL A 1 34  ? -9.673  -2.962  -9.917  1.00 76.70  ? 34  VAL A CA  1 
ATOM 54   C C   . VAL A 1 34  ? -10.413 -2.772  -8.614  1.00 76.70  ? 34  VAL A C   1 
ATOM 55   O O   . VAL A 1 34  ? -11.647 -2.803  -8.587  1.00 76.70  ? 34  VAL A O   1 
ATOM 56   C CB  . VAL A 1 34  ? -10.033 -1.835  -10.887 1.00 76.70  ? 34  VAL A CB  1 
ATOM 57   C CG1 . VAL A 1 34  ? -9.831  -0.518  -10.210 1.00 76.70  ? 34  VAL A CG1 1 
ATOM 58   C CG2 . VAL A 1 34  ? -9.180  -1.922  -12.101 1.00 76.70  ? 34  VAL A CG2 1 
ATOM 59   N N   . VAL A 1 35  ? -9.669  -2.566  -7.535  1.00 80.19  ? 35  VAL A N   1 
ATOM 60   C CA  . VAL A 1 35  ? -10.254 -2.293  -6.232  1.00 80.19  ? 35  VAL A CA  1 
ATOM 61   C C   . VAL A 1 35  ? -9.712  -0.959  -5.746  1.00 80.19  ? 35  VAL A C   1 
ATOM 62   O O   . VAL A 1 35  ? -8.508  -0.702  -5.852  1.00 80.19  ? 35  VAL A O   1 
ATOM 63   C CB  . VAL A 1 35  ? -9.948  -3.420  -5.230  1.00 80.19  ? 35  VAL A CB  1 
ATOM 64   C CG1 . VAL A 1 35  ? -10.608 -3.149  -3.895  1.00 80.19  ? 35  VAL A CG1 1 
ATOM 65   C CG2 . VAL A 1 35  ? -10.425 -4.747  -5.773  1.00 80.19  ? 35  VAL A CG2 1 
ATOM 66   N N   . HIS A 1 36  ? -10.600 -0.100  -5.256  1.00 83.28  ? 36  HIS A N   1 
ATOM 67   C CA  . HIS A 1 36  ? -10.215 1.169   -4.666  1.00 83.28  ? 36  HIS A CA  1 
ATOM 68   C C   . HIS A 1 36  ? -10.425 1.128   -3.163  1.00 83.28  ? 36  HIS A C   1 
ATOM 69   O O   . HIS A 1 36  ? -11.238 0.348   -2.660  1.00 83.28  ? 36  HIS A O   1 
ATOM 70   C CB  . HIS A 1 36  ? -11.003 2.332   -5.263  1.00 83.28  ? 36  HIS A CB  1 
ATOM 71   C CG  . HIS A 1 36  ? -12.445 2.025   -5.493  1.00 83.28  ? 36  HIS A CG  1 
ATOM 72   N ND1 . HIS A 1 36  ? -13.243 1.433   -4.540  1.00 83.28  ? 36  HIS A ND1 1 
ATOM 73   C CD2 . HIS A 1 36  ? -13.234 2.226   -6.574  1.00 83.28  ? 36  HIS A CD2 1 
ATOM 74   C CE1 . HIS A 1 36  ? -14.464 1.284   -5.022  1.00 83.28  ? 36  HIS A CE1 1 
ATOM 75   N NE2 . HIS A 1 36  ? -14.485 1.758   -6.255  1.00 83.28  ? 36  HIS A NE2 1 
ATOM 76   N N   . GLN A 1 37  ? -9.699  1.983   -2.461  1.00 84.34  ? 37  GLN A N   1 
ATOM 77   C CA  . GLN A 1 37  ? -9.704  2.038   -1.009  1.00 84.34  ? 37  GLN A CA  1 
ATOM 78   C C   . GLN A 1 37  ? -9.470  3.490   -0.628  1.00 84.34  ? 37  GLN A C   1 
ATOM 79   O O   . GLN A 1 37  ? -8.378  4.025   -0.850  1.00 84.34  ? 37  GLN A O   1 
ATOM 80   C CB  . GLN A 1 37  ? -8.624  1.129   -0.428  1.00 84.34  ? 37  GLN A CB  1 
ATOM 81   C CG  . GLN A 1 37  ? -8.580  1.090   1.078   1.00 84.34  ? 37  GLN A CG  1 
ATOM 82   C CD  . GLN A 1 37  ? -9.723  0.295   1.664   1.00 84.34  ? 37  GLN A CD  1 
ATOM 83   O OE1 . GLN A 1 37  ? -10.257 -0.606  1.019   1.00 84.34  ? 37  GLN A OE1 1 
ATOM 84   N NE2 . GLN A 1 37  ? -10.110 0.627   2.888   1.00 84.34  ? 37  GLN A NE2 1 
ATOM 85   N N   . SER A 1 38  ? -10.496 4.136   -0.096  1.00 87.44  ? 38  SER A N   1 
ATOM 86   C CA  . SER A 1 38  ? -10.375 5.504   0.372   1.00 87.44  ? 38  SER A CA  1 
ATOM 87   C C   . SER A 1 38  ? -10.036 5.502   1.852   1.00 87.44  ? 38  SER A C   1 
ATOM 88   O O   . SER A 1 38  ? -10.639 4.769   2.638   1.00 87.44  ? 38  SER A O   1 
ATOM 89   C CB  . SER A 1 38  ? -11.670 6.278   0.131   1.00 87.44  ? 38  SER A CB  1 
ATOM 90   O OG  . SER A 1 38  ? -12.049 6.222   -1.231  1.00 87.44  ? 38  SER A OG  1 
ATOM 91   N N   . ALA A 1 39  ? -9.065  6.322   2.228   1.00 85.77  ? 39  ALA A N   1 
ATOM 92   C CA  . ALA A 1 39  ? -8.623  6.384   3.613   1.00 85.77  ? 39  ALA A CA  1 
ATOM 93   C C   . ALA A 1 39  ? -8.165  7.798   3.910   1.00 85.77  ? 39  ALA A C   1 
ATOM 94   O O   . ALA A 1 39  ? -7.200  8.278   3.310   1.00 85.77  ? 39  ALA A O   1 
ATOM 95   C CB  . ALA A 1 39  ? -7.500  5.385   3.879   1.00 85.77  ? 39  ALA A CB  1 
ATOM 96   N N   . VAL A 1 40  ? -8.872  8.469   4.806   1.00 87.01  ? 40  VAL A N   1 
ATOM 97   C CA  . VAL A 1 40  ? -8.422  9.730   5.368   1.00 87.01  ? 40  VAL A CA  1 
ATOM 98   C C   . VAL A 1 40  ? -7.731  9.403   6.677   1.00 87.01  ? 40  VAL A C   1 
ATOM 99   O O   . VAL A 1 40  ? -8.375  8.941   7.625   1.00 87.01  ? 40  VAL A O   1 
ATOM 100  C CB  . VAL A 1 40  ? -9.587  10.705  5.580   1.00 87.01  ? 40  VAL A CB  1 
ATOM 101  C CG1 . VAL A 1 40  ? -9.119  11.920  6.358   1.00 87.01  ? 40  VAL A CG1 1 
ATOM 102  C CG2 . VAL A 1 40  ? -10.166 11.120  4.243   1.00 87.01  ? 40  VAL A CG2 1 
ATOM 103  N N   . LEU A 1 41  ? -6.424  9.619   6.732   1.00 88.61  ? 41  LEU A N   1 
ATOM 104  C CA  . LEU A 1 41  ? -5.661  9.189   7.892   1.00 88.61  ? 41  LEU A CA  1 
ATOM 105  C C   . LEU A 1 41  ? -4.897  10.361  8.487   1.00 88.61  ? 41  LEU A C   1 
ATOM 106  O O   . LEU A 1 41  ? -4.568  11.329  7.795   1.00 88.61  ? 41  LEU A O   1 
ATOM 107  C CB  . LEU A 1 41  ? -4.718  8.042   7.543   1.00 88.61  ? 41  LEU A CB  1 
ATOM 108  C CG  . LEU A 1 41  ? -3.520  8.304   6.646   1.00 88.61  ? 41  LEU A CG  1 
ATOM 109  C CD1 . LEU A 1 41  ? -2.277  8.237   7.485   1.00 88.61  ? 41  LEU A CD1 1 
ATOM 110  C CD2 . LEU A 1 41  ? -3.459  7.283   5.539   1.00 88.61  ? 41  LEU A CD2 1 
ATOM 111  N N   . LYS A 1 42  ? -4.616  10.254  9.784   1.00 90.91  ? 42  LYS A N   1 
ATOM 112  C CA  . LYS A 1 42  ? -4.147  11.383  10.574  1.00 90.91  ? 42  LYS A CA  1 
ATOM 113  C C   . LYS A 1 42  ? -2.636  11.529  10.435  1.00 90.91  ? 42  LYS A C   1 
ATOM 114  O O   . LYS A 1 42  ? -2.008  10.910  9.573   1.00 90.91  ? 42  LYS A O   1 
ATOM 115  C CB  . LYS A 1 42  ? -4.580  11.227  12.026  1.00 90.91  ? 42  LYS A CB  1 
ATOM 116  C CG  . LYS A 1 42  ? -4.017  10.009  12.711  1.00 90.91  ? 42  LYS A CG  1 
ATOM 117  C CD  . LYS A 1 42  ? -4.660  9.804   14.063  1.00 90.91  ? 42  LYS A CD  1 
ATOM 118  C CE  . LYS A 1 42  ? -6.147  9.542   13.918  1.00 90.91  ? 42  LYS A CE  1 
ATOM 119  N NZ  . LYS A 1 42  ? -6.407  8.370   13.040  1.00 90.91  ? 42  LYS A NZ  1 
ATOM 120  N N   . LYS A 1 43  ? -2.044  12.354  11.304  1.00 93.17  ? 43  LYS A N   1 
ATOM 121  C CA  . LYS A 1 43  ? -0.705  12.908  11.125  1.00 93.17  ? 43  LYS A CA  1 
ATOM 122  C C   . LYS A 1 43  ? 0.407   11.870  11.089  1.00 93.17  ? 43  LYS A C   1 
ATOM 123  O O   . LYS A 1 43  ? 1.035   11.683  10.047  1.00 93.17  ? 43  LYS A O   1 
ATOM 124  C CB  . LYS A 1 43  ? -0.410  13.922  12.225  1.00 93.17  ? 43  LYS A CB  1 
ATOM 125  C CG  . LYS A 1 43  ? 0.971   14.533  12.130  1.00 93.17  ? 43  LYS A CG  1 
ATOM 126  C CD  . LYS A 1 43  ? 1.196   15.547  13.228  1.00 93.17  ? 43  LYS A CD  1 
ATOM 127  C CE  . LYS A 1 43  ? 2.651   15.966  13.294  1.00 93.17  ? 43  LYS A CE  1 
ATOM 128  N NZ  . LYS A 1 43  ? 3.128   16.516  12.000  1.00 93.17  ? 43  LYS A NZ  1 
ATOM 129  N N   . ASP A 1 44  ? 0.654   11.172  12.192  1.00 91.53  ? 44  ASP A N   1 
ATOM 130  C CA  . ASP A 1 44  ? 1.748   10.213  12.251  1.00 91.53  ? 44  ASP A CA  1 
ATOM 131  C C   . ASP A 1 44  ? 1.248   8.779   12.213  1.00 91.53  ? 44  ASP A C   1 
ATOM 132  O O   . ASP A 1 44  ? 1.871   7.881   12.780  1.00 91.53  ? 44  ASP A O   1 
ATOM 133  C CB  . ASP A 1 44  ? 2.601   10.440  13.495  1.00 91.53  ? 44  ASP A CB  1 
ATOM 134  C CG  . ASP A 1 44  ? 3.549   11.603  13.341  1.00 91.53  ? 44  ASP A CG  1 
ATOM 135  O OD1 . ASP A 1 44  ? 3.496   12.279  12.295  1.00 91.53  ? 44  ASP A OD1 1 
ATOM 136  O OD2 . ASP A 1 44  ? 4.353   11.840  14.264  1.00 91.53  ? 44  ASP A OD2 1 
ATOM 137  N N   . ASP A 1 45  ? 0.128   8.549   11.546  1.00 91.19  ? 45  ASP A N   1 
ATOM 138  C CA  . ASP A 1 45  ? -0.478  7.226   11.536  1.00 91.19  ? 45  ASP A CA  1 
ATOM 139  C C   . ASP A 1 45  ? 0.201   6.385   10.472  1.00 91.19  ? 45  ASP A C   1 
ATOM 140  O O   . ASP A 1 45  ? -0.008  6.603   9.277   1.00 91.19  ? 45  ASP A O   1 
ATOM 141  C CB  . ASP A 1 45  ? -1.976  7.321   11.272  1.00 91.19  ? 45  ASP A CB  1 
ATOM 142  C CG  . ASP A 1 45  ? -2.792  6.476   12.233  1.00 91.19  ? 45  ASP A CG  1 
ATOM 143  O OD1 . ASP A 1 45  ? -2.194  5.833   13.122  1.00 91.19  ? 45  ASP A OD1 1 
ATOM 144  O OD2 . ASP A 1 45  ? -4.033  6.455   12.103  1.00 91.19  ? 45  ASP A OD2 1 
ATOM 145  N N   . VAL A 1 46  ? 1.024   5.434   10.897  1.00 86.00  ? 46  VAL A N   1 
ATOM 146  C CA  . VAL A 1 46  ? 1.436   4.380   9.984   1.00 86.00  ? 46  VAL A CA  1 
ATOM 147  C C   . VAL A 1 46  ? 0.222   3.494   9.737   1.00 86.00  ? 46  VAL A C   1 
ATOM 148  O O   . VAL A 1 46  ? -0.335  2.896   10.665  1.00 86.00  ? 46  VAL A O   1 
ATOM 149  C CB  . VAL A 1 46  ? 2.636   3.604   10.541  1.00 86.00  ? 46  VAL A CB  1 
ATOM 150  C CG1 . VAL A 1 46  ? 2.545   3.465   12.053  1.00 86.00  ? 46  VAL A CG1 1 
ATOM 151  C CG2 . VAL A 1 46  ? 2.771   2.259   9.880   1.00 86.00  ? 46  VAL A CG2 1 
ATOM 152  N N   . SER A 1 47  ? -0.246  3.473   8.499   1.00 81.31  ? 47  SER A N   1 
ATOM 153  C CA  . SER A 1 47  ? -1.522  2.854   8.179   1.00 81.31  ? 47  SER A CA  1 
ATOM 154  C C   . SER A 1 47  ? -1.367  2.011   6.933   1.00 81.31  ? 47  SER A C   1 
ATOM 155  O O   . SER A 1 47  ? -0.775  2.460   5.952   1.00 81.31  ? 47  SER A O   1 
ATOM 156  C CB  . SER A 1 47  ? -2.607  3.902   7.959   1.00 81.31  ? 47  SER A CB  1 
ATOM 157  O OG  . SER A 1 47  ? -3.745  3.307   7.367   1.00 81.31  ? 47  SER A OG  1 
ATOM 158  N N   . GLY A 1 48  ? -1.901  0.806   6.967   1.00 80.42  ? 48  GLY A N   1 
ATOM 159  C CA  . GLY A 1 48  ? -1.752  -0.135  5.872   1.00 80.42  ? 48  GLY A CA  1 
ATOM 160  C C   . GLY A 1 48  ? -3.095  -0.588  5.340   1.00 80.42  ? 48  GLY A C   1 
ATOM 161  O O   . GLY A 1 48  ? -4.045  -0.764  6.099   1.00 80.42  ? 48  GLY A O   1 
ATOM 162  N N   . SER A 1 49  ? -3.160  -0.763  4.029   1.00 77.99  ? 49  SER A N   1 
ATOM 163  C CA  . SER A 1 49  ? -4.333  -1.286  3.355   1.00 77.99  ? 49  SER A CA  1 
ATOM 164  C C   . SER A 1 49  ? -3.928  -2.536  2.602   1.00 77.99  ? 49  SER A C   1 
ATOM 165  O O   . SER A 1 49  ? -2.889  -2.556  1.937   1.00 77.99  ? 49  SER A O   1 
ATOM 166  C CB  . SER A 1 49  ? -4.922  -0.255  2.396   1.00 77.99  ? 49  SER A CB  1 
ATOM 167  O OG  . SER A 1 49  ? -5.144  0.976   3.056   1.00 77.99  ? 49  SER A OG  1 
ATOM 168  N N   . GLU A 1 50  ? -4.732  -3.580  2.720   1.00 79.89  ? 50  GLU A N   1 
ATOM 169  C CA  . GLU A 1 50  ? -4.499  -4.781  1.943   1.00 79.89  ? 50  GLU A CA  1 
ATOM 170  C C   . GLU A 1 50  ? -4.974  -4.550  0.528   1.00 79.89  ? 50  GLU A C   1 
ATOM 171  O O   . GLU A 1 50  ? -6.106  -4.114  0.313   1.00 79.89  ? 50  GLU A O   1 
ATOM 172  C CB  . GLU A 1 50  ? -5.235  -5.967  2.554   1.00 79.89  ? 50  GLU A CB  1 
ATOM 173  C CG  . GLU A 1 50  ? -4.916  -7.283  1.889   1.00 79.89  ? 50  GLU A CG  1 
ATOM 174  C CD  . GLU A 1 50  ? -5.528  -8.459  2.617   1.00 79.89  ? 50  GLU A CD  1 
ATOM 175  O OE1 . GLU A 1 50  ? -6.328  -8.228  3.548   1.00 79.89  ? 50  GLU A OE1 1 
ATOM 176  O OE2 . GLU A 1 50  ? -5.208  -9.613  2.262   1.00 79.89  ? 50  GLU A OE2 1 
ATOM 177  N N   . ILE A 1 51  ? -4.118  -4.823  -0.440  1.00 77.93  ? 51  ILE A N   1 
ATOM 178  C CA  . ILE A 1 51  ? -4.545  -4.815  -1.825  1.00 77.93  ? 51  ILE A CA  1 
ATOM 179  C C   . ILE A 1 51  ? -4.875  -6.246  -2.206  1.00 77.93  ? 51  ILE A C   1 
ATOM 180  O O   . ILE A 1 51  ? -4.058  -7.158  -2.046  1.00 77.93  ? 51  ILE A O   1 
ATOM 181  C CB  . ILE A 1 51  ? -3.505  -4.168  -2.749  1.00 77.93  ? 51  ILE A CB  1 
ATOM 182  C CG1 . ILE A 1 51  ? -2.101  -4.680  -2.503  1.00 77.93  ? 51  ILE A CG1 1 
ATOM 183  C CG2 . ILE A 1 51  ? -3.483  -2.689  -2.498  1.00 77.93  ? 51  ILE A CG2 1 
ATOM 184  C CD1 . ILE A 1 51  ? -1.092  -4.004  -3.377  1.00 77.93  ? 51  ILE A CD1 1 
ATOM 185  N N   . LYS A 1 52  ? -6.107  -6.443  -2.646  1.00 82.08  ? 52  LYS A N   1 
ATOM 186  C CA  . LYS A 1 52  ? -6.680  -7.756  -2.875  1.00 82.08  ? 52  LYS A CA  1 
ATOM 187  C C   . LYS A 1 52  ? -7.916  -7.567  -3.729  1.00 82.08  ? 52  LYS A C   1 
ATOM 188  O O   . LYS A 1 52  ? -8.452  -6.459  -3.798  1.00 82.08  ? 52  LYS A O   1 
ATOM 189  C CB  . LYS A 1 52  ? -7.039  -8.438  -1.547  1.00 82.08  ? 52  LYS A CB  1 
ATOM 190  C CG  . LYS A 1 52  ? -8.171  -7.770  -0.796  1.00 82.08  ? 52  LYS A CG  1 
ATOM 191  C CD  . LYS A 1 52  ? -8.410  -8.443  0.539   1.00 82.08  ? 52  LYS A CD  1 
ATOM 192  C CE  . LYS A 1 52  ? -8.695  -9.921  0.366   1.00 82.08  ? 52  LYS A CE  1 
ATOM 193  N NZ  . LYS A 1 52  ? -8.710  -10.642 1.665   1.00 82.08  ? 52  LYS A NZ  1 
ATOM 194  N N   . PRO A 1 53  ? -8.375  -8.607  -4.414  1.00 82.68  ? 53  PRO A N   1 
ATOM 195  C CA  . PRO A 1 53  ? -9.651  -8.509  -5.125  1.00 82.68  ? 53  PRO A CA  1 
ATOM 196  C C   . PRO A 1 53  ? -10.815 -8.328  -4.167  1.00 82.68  ? 53  PRO A C   1 
ATOM 197  O O   . PRO A 1 53  ? -10.708 -8.487  -2.951  1.00 82.68  ? 53  PRO A O   1 
ATOM 198  C CB  . PRO A 1 53  ? -9.739  -9.837  -5.867  1.00 82.68  ? 53  PRO A CB  1 
ATOM 199  C CG  . PRO A 1 53  ? -8.348  -10.220 -6.065  1.00 82.68  ? 53  PRO A CG  1 
ATOM 200  C CD  . PRO A 1 53  ? -7.610  -9.779  -4.858  1.00 82.68  ? 53  PRO A CD  1 
ATOM 201  N N   . GLU A 1 54  ? -11.955 -8.024  -4.742  1.00 92.41  ? 54  GLU A N   1 
ATOM 202  C CA  . GLU A 1 54  ? -13.089 -7.498  -4.001  1.00 92.41  ? 54  GLU A CA  1 
ATOM 203  C C   . GLU A 1 54  ? -13.807 -8.542  -3.130  1.00 92.41  ? 54  GLU A C   1 
ATOM 204  O O   . GLU A 1 54  ? -14.895 -8.249  -2.626  1.00 92.41  ? 54  GLU A O   1 
ATOM 205  C CB  . GLU A 1 54  ? -14.066 -6.865  -4.990  1.00 92.41  ? 54  GLU A CB  1 
ATOM 206  C CG  . GLU A 1 54  ? -14.718 -5.583  -4.503  1.00 92.41  ? 54  GLU A CG  1 
ATOM 207  C CD  . GLU A 1 54  ? -16.189 -5.772  -4.182  1.00 92.41  ? 54  GLU A CD  1 
ATOM 208  O OE1 . GLU A 1 54  ? -16.725 -6.862  -4.474  1.00 92.41  ? 54  GLU A OE1 1 
ATOM 209  O OE2 . GLU A 1 54  ? -16.811 -4.834  -3.643  1.00 92.41  ? 54  GLU A OE2 1 
ATOM 210  N N   . GLY A 1 55  ? -13.290 -9.745  -2.894  1.00 91.29  ? 55  GLY A N   1 
ATOM 211  C CA  . GLY A 1 55  ? -13.949 -10.718 -2.061  1.00 91.29  ? 55  GLY A CA  1 
ATOM 212  C C   . GLY A 1 55  ? -14.871 -11.653 -2.812  1.00 91.29  ? 55  GLY A C   1 
ATOM 213  O O   . GLY A 1 55  ? -15.005 -12.818 -2.428  1.00 91.29  ? 55  GLY A O   1 
ATOM 214  N N   . ASP A 1 56  ? -15.509 -11.168 -3.881  1.00 91.58  ? 56  ASP A N   1 
ATOM 215  C CA  . ASP A 1 56  ? -16.300 -12.035 -4.743  1.00 91.58  ? 56  ASP A CA  1 
ATOM 216  C C   . ASP A 1 56  ? -15.429 -13.002 -5.525  1.00 91.58  ? 56  ASP A C   1 
ATOM 217  O O   . ASP A 1 56  ? -15.928 -14.028 -5.996  1.00 91.58  ? 56  ASP A O   1 
ATOM 218  C CB  . ASP A 1 56  ? -17.136 -11.200 -5.708  1.00 91.58  ? 56  ASP A CB  1 
ATOM 219  C CG  . ASP A 1 56  ? -16.291 -10.273 -6.546  1.00 91.58  ? 56  ASP A CG  1 
ATOM 220  O OD1 . ASP A 1 56  ? -15.203 -9.880  -6.079  1.00 91.58  ? 56  ASP A OD1 1 
ATOM 221  O OD2 . ASP A 1 56  ? -16.710 -9.933  -7.672  1.00 91.58  ? 56  ASP A OD2 1 
ATOM 222  N N   . VAL A 1 57  ? -14.150 -12.689 -5.682  1.00 87.60  ? 57  VAL A N   1 
ATOM 223  C CA  . VAL A 1 57  ? -13.169 -13.619 -6.214  1.00 87.60  ? 57  VAL A CA  1 
ATOM 224  C C   . VAL A 1 57  ? -12.341 -14.099 -5.033  1.00 87.60  ? 57  VAL A C   1 
ATOM 225  O O   . VAL A 1 57  ? -11.448 -13.399 -4.559  1.00 87.60  ? 57  VAL A O   1 
ATOM 226  C CB  . VAL A 1 57  ? -12.291 -12.973 -7.283  1.00 87.60  ? 57  VAL A CB  1 
ATOM 227  C CG1 . VAL A 1 57  ? -11.322 -13.989 -7.826  1.00 87.60  ? 57  VAL A CG1 1 
ATOM 228  C CG2 . VAL A 1 57  ? -13.149 -12.419 -8.385  1.00 87.60  ? 57  VAL A CG2 1 
ATOM 229  N N   . ALA A 1 58  ? -12.660 -15.278 -4.525  1.00 86.51  ? 58  ALA A N   1 
ATOM 230  C CA  . ALA A 1 58  ? -11.740 -15.976 -3.655  1.00 86.51  ? 58  ALA A CA  1 
ATOM 231  C C   . ALA A 1 58  ? -10.830 -16.825 -4.530  1.00 86.51  ? 58  ALA A C   1 
ATOM 232  O O   . ALA A 1 58  ? -10.981 -16.853 -5.753  1.00 86.51  ? 58  ALA A O   1 
ATOM 233  C CB  . ALA A 1 58  ? -12.493 -16.818 -2.631  1.00 86.51  ? 58  ALA A CB  1 
ATOM 234  N N   . ARG A 1 59  ? -9.867  -17.499 -3.895  1.00 84.90  ? 59  ARG A N   1 
ATOM 235  C CA  . ARG A 1 59  ? -8.989  -18.486 -4.536  1.00 84.90  ? 59  ARG A CA  1 
ATOM 236  C C   . ARG A 1 59  ? -8.179  -17.887 -5.686  1.00 84.90  ? 59  ARG A C   1 
ATOM 237  O O   . ARG A 1 59  ? -7.949  -18.534 -6.705  1.00 84.90  ? 59  ARG A O   1 
ATOM 238  C CB  . ARG A 1 59  ? -9.782  -19.705 -5.013  1.00 84.90  ? 59  ARG A CB  1 
ATOM 239  C CG  . ARG A 1 59  ? -10.662 -20.334 -3.956  1.00 84.90  ? 59  ARG A CG  1 
ATOM 240  C CD  . ARG A 1 59  ? -9.827  -20.866 -2.827  1.00 84.90  ? 59  ARG A CD  1 
ATOM 241  N NE  . ARG A 1 59  ? -10.580 -21.746 -1.941  1.00 84.90  ? 59  ARG A NE  1 
ATOM 242  C CZ  . ARG A 1 59  ? -11.248 -21.332 -0.872  1.00 84.90  ? 59  ARG A CZ  1 
ATOM 243  N NH1 . ARG A 1 59  ? -11.265 -20.047 -0.556  1.00 84.90  ? 59  ARG A NH1 1 
ATOM 244  N NH2 . ARG A 1 59  ? -11.898 -22.202 -0.114  1.00 84.90  ? 59  ARG A NH2 1 
ATOM 245  N N   . TYR A 1 60  ? -7.753  -16.641 -5.528  1.00 80.70  ? 60  TYR A N   1 
ATOM 246  C CA  . TYR A 1 60  ? -7.014  -15.963 -6.578  1.00 80.70  ? 60  TYR A CA  1 
ATOM 247  C C   . TYR A 1 60  ? -5.520  -16.218 -6.418  1.00 80.70  ? 60  TYR A C   1 
ATOM 248  O O   . TYR A 1 60  ? -5.088  -17.002 -5.574  1.00 80.70  ? 60  TYR A O   1 
ATOM 249  C CB  . TYR A 1 60  ? -7.326  -14.472 -6.572  1.00 80.70  ? 60  TYR A CB  1 
ATOM 250  C CG  . TYR A 1 60  ? -7.195  -13.802 -5.229  1.00 80.70  ? 60  TYR A CG  1 
ATOM 251  C CD1 . TYR A 1 60  ? -5.972  -13.344 -4.774  1.00 80.70  ? 60  TYR A CD1 1 
ATOM 252  C CD2 . TYR A 1 60  ? -8.301  -13.602 -4.430  1.00 80.70  ? 60  TYR A CD2 1 
ATOM 253  C CE1 . TYR A 1 60  ? -5.857  -12.726 -3.559  1.00 80.70  ? 60  TYR A CE1 1 
ATOM 254  C CE2 . TYR A 1 60  ? -8.196  -12.984 -3.213  1.00 80.70  ? 60  TYR A CE2 1 
ATOM 255  C CZ  . TYR A 1 60  ? -6.971  -12.552 -2.782  1.00 80.70  ? 60  TYR A CZ  1 
ATOM 256  O OH  . TYR A 1 60  ? -6.859  -11.932 -1.566  1.00 80.70  ? 60  TYR A OH  1 
ATOM 257  N N   . LYS A 1 61  ? -4.718  -15.543 -7.242  1.00 80.57  ? 61  LYS A N   1 
ATOM 258  C CA  . LYS A 1 61  ? -3.264  -15.595 -7.125  1.00 80.57  ? 61  LYS A CA  1 
ATOM 259  C C   . LYS A 1 61  ? -2.723  -14.326 -7.777  1.00 80.57  ? 61  LYS A C   1 
ATOM 260  O O   . LYS A 1 61  ? -2.616  -14.266 -9.003  1.00 80.57  ? 61  LYS A O   1 
ATOM 261  C CB  . LYS A 1 61  ? -2.701  -16.837 -7.784  1.00 80.57  ? 61  LYS A CB  1 
ATOM 262  C CG  . LYS A 1 61  ? -1.223  -17.000 -7.589  1.00 80.57  ? 61  LYS A CG  1 
ATOM 263  C CD  . LYS A 1 61  ? -0.856  -18.458 -7.585  1.00 80.57  ? 61  LYS A CD  1 
ATOM 264  C CE  . LYS A 1 61  ? 0.565   -18.654 -7.123  1.00 80.57  ? 61  LYS A CE  1 
ATOM 265  N NZ  . LYS A 1 61  ? 0.931   -20.094 -7.116  1.00 80.57  ? 61  LYS A NZ  1 
ATOM 266  N N   . ILE A 1 62  ? -2.376  -13.337 -6.958  1.00 76.38  ? 62  ILE A N   1 
ATOM 267  C CA  . ILE A 1 62  ? -1.998  -12.029 -7.480  1.00 76.38  ? 62  ILE A CA  1 
ATOM 268  C C   . ILE A 1 62  ? -0.608  -12.112 -8.080  1.00 76.38  ? 62  ILE A C   1 
ATOM 269  O O   . ILE A 1 62  ? 0.360   -12.439 -7.389  1.00 76.38  ? 62  ILE A O   1 
ATOM 270  C CB  . ILE A 1 62  ? -2.040  -10.964 -6.387  1.00 76.38  ? 62  ILE A CB  1 
ATOM 271  C CG1 . ILE A 1 62  ? -3.276  -11.119 -5.525  1.00 76.38  ? 62  ILE A CG1 1 
ATOM 272  C CG2 . ILE A 1 62  ? -2.091  -9.639  -7.017  1.00 76.38  ? 62  ILE A CG2 1 
ATOM 273  C CD1 . ILE A 1 62  ? -3.316  -10.157 -4.377  1.00 76.38  ? 62  ILE A CD1 1 
ATOM 274  N N   . ARG A 1 63  ? -0.496  -11.795 -9.363  1.00 74.08  ? 63  ARG A N   1 
ATOM 275  C CA  . ARG A 1 63  ? 0.783   -11.845 -10.049 1.00 74.08  ? 63  ARG A CA  1 
ATOM 276  C C   . ARG A 1 63  ? 1.393   -10.468 -10.249 1.00 74.08  ? 63  ARG A C   1 
ATOM 277  O O   . ARG A 1 63  ? 2.572   -10.267 -9.962  1.00 74.08  ? 63  ARG A O   1 
ATOM 278  C CB  . ARG A 1 63  ? 0.625   -12.537 -11.397 1.00 74.08  ? 63  ARG A CB  1 
ATOM 279  C CG  . ARG A 1 63  ? 0.343   -14.002 -11.288 1.00 74.08  ? 63  ARG A CG  1 
ATOM 280  C CD  . ARG A 1 63  ? 1.267   -14.765 -12.191 1.00 74.08  ? 63  ARG A CD  1 
ATOM 281  N NE  . ARG A 1 63  ? 2.647   -14.458 -11.859 1.00 74.08  ? 63  ARG A NE  1 
ATOM 282  C CZ  . ARG A 1 63  ? 3.368   -15.152 -10.992 1.00 74.08  ? 63  ARG A CZ  1 
ATOM 283  N NH1 . ARG A 1 63  ? 2.835   -16.202 -10.385 1.00 74.08  ? 63  ARG A NH1 1 
ATOM 284  N NH2 . ARG A 1 63  ? 4.619   -14.802 -10.738 1.00 74.08  ? 63  ARG A NH2 1 
ATOM 285  N N   . LYS A 1 64  ? 0.623   -9.521  -10.766 1.00 69.18  ? 64  LYS A N   1 
ATOM 286  C CA  . LYS A 1 64  ? 1.080   -8.153  -10.929 1.00 69.18  ? 64  LYS A CA  1 
ATOM 287  C C   . LYS A 1 64  ? 0.080   -7.223  -10.267 1.00 69.18  ? 64  LYS A C   1 
ATOM 288  O O   . LYS A 1 64  ? -1.117  -7.503  -10.237 1.00 69.18  ? 64  LYS A O   1 
ATOM 289  C CB  . LYS A 1 64  ? 1.232   -7.778  -12.403 1.00 69.18  ? 64  LYS A CB  1 
ATOM 290  C CG  . LYS A 1 64  ? 1.985   -8.781  -13.253 1.00 69.18  ? 64  LYS A CG  1 
ATOM 291  C CD  . LYS A 1 64  ? 2.156   -8.268  -14.668 1.00 69.18  ? 64  LYS A CD  1 
ATOM 292  C CE  . LYS A 1 64  ? 2.196   -9.395  -15.680 1.00 69.18  ? 64  LYS A CE  1 
ATOM 293  N NZ  . LYS A 1 64  ? 3.317   -10.334 -15.438 1.00 69.18  ? 64  LYS A NZ  1 
ATOM 294  N N   . VAL A 1 65  ? 0.572   -6.123  -9.711  1.00 69.62  ? 65  VAL A N   1 
ATOM 295  C CA  . VAL A 1 65  ? -0.287  -5.090  -9.154  1.00 69.62  ? 65  VAL A CA  1 
ATOM 296  C C   . VAL A 1 65  ? 0.132   -3.760  -9.742  1.00 69.62  ? 65  VAL A C   1 
ATOM 297  O O   . VAL A 1 65  ? 1.306   -3.398  -9.678  1.00 69.62  ? 65  VAL A O   1 
ATOM 298  C CB  . VAL A 1 65  ? -0.206  -5.022  -7.620  1.00 69.62  ? 65  VAL A CB  1 
ATOM 299  C CG1 . VAL A 1 65  ? -0.993  -3.845  -7.103  1.00 69.62  ? 65  VAL A CG1 1 
ATOM 300  C CG2 . VAL A 1 65  ? -0.737  -6.256  -7.017  1.00 69.62  ? 65  VAL A CG2 1 
ATOM 301  N N   . MET A 1 66  ? -0.806  -3.037  -10.310 1.00 75.56  ? 66  MET A N   1 
ATOM 302  C CA  . MET A 1 66  ? -0.583  -1.649  -10.674 1.00 75.56  ? 66  MET A CA  1 
ATOM 303  C C   . MET A 1 66  ? -1.377  -0.819  -9.682  1.00 75.56  ? 66  MET A C   1 
ATOM 304  O O   . MET A 1 66  ? -2.595  -0.712  -9.800  1.00 75.56  ? 66  MET A O   1 
ATOM 305  C CB  . MET A 1 66  ? -1.023  -1.385  -12.104 1.00 75.56  ? 66  MET A CB  1 
ATOM 306  C CG  . MET A 1 66  ? -0.932  0.053   -12.513 1.00 75.56  ? 66  MET A CG  1 
ATOM 307  S SD  . MET A 1 66  ? 0.682   0.745   -12.186 1.00 75.56  ? 66  MET A SD  1 
ATOM 308  C CE  . MET A 1 66  ? 0.316   2.460   -12.494 1.00 75.56  ? 66  MET A CE  1 
ATOM 309  N N   . LEU A 1 67  ? -0.713  -0.256  -8.685  1.00 73.59  ? 67  LEU A N   1 
ATOM 310  C CA  . LEU A 1 67  ? -1.417  0.610   -7.757  1.00 73.59  ? 67  LEU A CA  1 
ATOM 311  C C   . LEU A 1 67  ? -1.082  2.056   -8.058  1.00 73.59  ? 67  LEU A C   1 
ATOM 312  O O   . LEU A 1 67  ? 0.051   2.379   -8.418  1.00 73.59  ? 67  LEU A O   1 
ATOM 313  C CB  . LEU A 1 67  ? -1.090  0.284   -6.304  1.00 73.59  ? 67  LEU A CB  1 
ATOM 314  C CG  . LEU A 1 67  ? 0.327   0.113   -5.784  1.00 73.59  ? 67  LEU A CG  1 
ATOM 315  C CD1 . LEU A 1 67  ? 0.949   1.414   -5.354  1.00 73.59  ? 67  LEU A CD1 1 
ATOM 316  C CD2 . LEU A 1 67  ? 0.237   -0.790  -4.604  1.00 73.59  ? 67  LEU A CD2 1 
ATOM 317  N N   . SER A 1 68  ? -2.072  2.924   -7.915  1.00 80.03  ? 68  SER A N   1 
ATOM 318  C CA  . SER A 1 68  ? -1.864  4.354   -8.109  1.00 80.03  ? 68  SER A CA  1 
ATOM 319  C C   . SER A 1 68  ? -2.674  5.060   -7.035  1.00 80.03  ? 68  SER A C   1 
ATOM 320  O O   . SER A 1 68  ? -3.897  5.170   -7.138  1.00 80.03  ? 68  SER A O   1 
ATOM 321  C CB  . SER A 1 68  ? -2.274  4.804   -9.503  1.00 80.03  ? 68  SER A CB  1 
ATOM 322  O OG  . SER A 1 68  ? -1.923  6.158   -9.730  1.00 80.03  ? 68  SER A OG  1 
ATOM 323  N N   . CYS A 1 69  ? -1.991  5.532   -6.008  1.00 83.65  ? 69  CYS A N   1 
ATOM 324  C CA  . CYS A 1 69  ? -2.638  6.220   -4.908  1.00 83.65  ? 69  CYS A CA  1 
ATOM 325  C C   . CYS A 1 69  ? -2.416  7.709   -5.069  1.00 83.65  ? 69  CYS A C   1 
ATOM 326  O O   . CYS A 1 69  ? -1.270  8.166   -5.114  1.00 83.65  ? 69  CYS A O   1 
ATOM 327  C CB  . CYS A 1 69  ? -2.095  5.742   -3.572  1.00 83.65  ? 69  CYS A CB  1 
ATOM 328  S SG  . CYS A 1 69  ? -2.680  6.668   -2.156  1.00 83.65  ? 69  CYS A SG  1 
ATOM 329  N N   . THR A 1 70  ? -3.504  8.454   -5.164  1.00 83.75  ? 70  THR A N   1 
ATOM 330  C CA  . THR A 1 70  ? -3.462  9.897   -5.336  1.00 83.75  ? 70  THR A CA  1 
ATOM 331  C C   . THR A 1 70  ? -3.881  10.510  -4.013  1.00 83.75  ? 70  THR A C   1 
ATOM 332  O O   . THR A 1 70  ? -5.061  10.744  -3.765  1.00 83.75  ? 70  THR A O   1 
ATOM 333  C CB  . THR A 1 70  ? -4.366  10.346  -6.456  1.00 83.75  ? 70  THR A CB  1 
ATOM 334  O OG1 . THR A 1 70  ? -5.710  10.422  -5.974  1.00 83.75  ? 70  THR A OG1 1 
ATOM 335  C CG2 . THR A 1 70  ? -4.313  9.355   -7.586  1.00 83.75  ? 70  THR A CG2 1 
ATOM 336  N N   . LEU A 1 71  ? -2.906  10.772  -3.162  1.00 85.53  ? 71  LEU A N   1 
ATOM 337  C CA  . LEU A 1 71  ? -3.180  11.350  -1.866  1.00 85.53  ? 71  LEU A CA  1 
ATOM 338  C C   . LEU A 1 71  ? -3.205  12.863  -1.981  1.00 85.53  ? 71  LEU A C   1 
ATOM 339  O O   . LEU A 1 71  ? -2.259  13.472  -2.491  1.00 85.53  ? 71  LEU A O   1 
ATOM 340  C CB  . LEU A 1 71  ? -2.136  10.906  -0.851  1.00 85.53  ? 71  LEU A CB  1 
ATOM 341  C CG  . LEU A 1 71  ? -0.834  10.413  -1.454  1.00 85.53  ? 71  LEU A CG  1 
ATOM 342  C CD1 . LEU A 1 71  ? 0.191   11.497  -1.388  1.00 85.53  ? 71  LEU A CD1 1 
ATOM 343  C CD2 . LEU A 1 71  ? -0.359  9.207   -0.706  1.00 85.53  ? 71  LEU A CD2 1 
ATOM 344  N N   . ARG A 1 72  ? -4.308  13.458  -1.555  1.00 93.26  ? 72  ARG A N   1 
ATOM 345  C CA  . ARG A 1 72  ? -4.336  14.884  -1.290  1.00 93.26  ? 72  ARG A CA  1 
ATOM 346  C C   . ARG A 1 72  ? -3.753  15.110  0.093   1.00 93.26  ? 72  ARG A C   1 
ATOM 347  O O   . ARG A 1 72  ? -4.147  14.445  1.058   1.00 93.26  ? 72  ARG A O   1 
ATOM 348  C CB  . ARG A 1 72  ? -5.762  15.421  -1.391  1.00 93.26  ? 72  ARG A CB  1 
ATOM 349  C CG  . ARG A 1 72  ? -6.067  16.585  -0.485  1.00 93.26  ? 72  ARG A CG  1 
ATOM 350  C CD  . ARG A 1 72  ? -6.873  17.630  -1.203  1.00 93.26  ? 72  ARG A CD  1 
ATOM 351  N NE  . ARG A 1 72  ? -6.037  18.399  -2.110  1.00 93.26  ? 72  ARG A NE  1 
ATOM 352  C CZ  . ARG A 1 72  ? -6.444  19.480  -2.758  1.00 93.26  ? 72  ARG A CZ  1 
ATOM 353  N NH1 . ARG A 1 72  ? -7.682  19.921  -2.598  1.00 93.26  ? 72  ARG A NH1 1 
ATOM 354  N NH2 . ARG A 1 72  ? -5.613  20.123  -3.564  1.00 93.26  ? 72  ARG A NH2 1 
ATOM 355  N N   . MET A 1 73  ? -2.787  16.015  0.184   1.00 93.94  ? 73  MET A N   1 
ATOM 356  C CA  . MET A 1 73  ? -2.038  16.162  1.419   1.00 93.94  ? 73  MET A CA  1 
ATOM 357  C C   . MET A 1 73  ? -1.634  17.609  1.624   1.00 93.94  ? 73  MET A C   1 
ATOM 358  O O   . MET A 1 73  ? -1.710  18.439  0.716   1.00 93.94  ? 73  MET A O   1 
ATOM 359  C CB  . MET A 1 73  ? -0.805  15.267  1.426   1.00 93.94  ? 73  MET A CB  1 
ATOM 360  C CG  . MET A 1 73  ? 0.111   15.446  0.256   1.00 93.94  ? 73  MET A CG  1 
ATOM 361  S SD  . MET A 1 73  ? 1.571   14.428  0.493   1.00 93.94  ? 73  MET A SD  1 
ATOM 362  C CE  . MET A 1 73  ? 2.354   14.612  -1.095  1.00 93.94  ? 73  MET A CE  1 
ATOM 363  N N   . ARG A 1 74  ? -1.195  17.892  2.846   1.00 96.57  ? 74  ARG A N   1 
ATOM 364  C CA  . ARG A 1 74  ? -0.760  19.223  3.212   1.00 96.57  ? 74  ARG A CA  1 
ATOM 365  C C   . ARG A 1 74  ? 0.549   19.561  2.503   1.00 96.57  ? 74  ARG A C   1 
ATOM 366  O O   . ARG A 1 74  ? 1.392   18.688  2.290   1.00 96.57  ? 74  ARG A O   1 
ATOM 367  C CB  . ARG A 1 74  ? -0.599  19.327  4.725   1.00 96.57  ? 74  ARG A CB  1 
ATOM 368  C CG  . ARG A 1 74  ? -1.920  19.314  5.460   1.00 96.57  ? 74  ARG A CG  1 
ATOM 369  C CD  . ARG A 1 74  ? -2.901  20.305  4.867   1.00 96.57  ? 74  ARG A CD  1 
ATOM 370  N NE  . ARG A 1 74  ? -4.265  20.043  5.311   1.00 96.57  ? 74  ARG A NE  1 
ATOM 371  C CZ  . ARG A 1 74  ? -5.083  19.166  4.737   1.00 96.57  ? 74  ARG A CZ  1 
ATOM 372  N NH1 . ARG A 1 74  ? -4.679  18.459  3.690   1.00 96.57  ? 74  ARG A NH1 1 
ATOM 373  N NH2 . ARG A 1 74  ? -6.308  18.993  5.211   1.00 96.57  ? 74  ARG A NH2 1 
ATOM 374  N N   . PRO A 1 75  ? 0.745   20.818  2.127   1.00 98.37  ? 75  PRO A N   1 
ATOM 375  C CA  . PRO A 1 75  ? 1.792   21.135  1.150   1.00 98.37  ? 75  PRO A CA  1 
ATOM 376  C C   . PRO A 1 75  ? 3.206   21.231  1.693   1.00 98.37  ? 75  PRO A C   1 
ATOM 377  O O   . PRO A 1 75  ? 4.063   21.834  1.045   1.00 98.37  ? 75  PRO A O   1 
ATOM 378  C CB  . PRO A 1 75  ? 1.335   22.485  0.596   1.00 98.37  ? 75  PRO A CB  1 
ATOM 379  C CG  . PRO A 1 75  ? 0.537   23.071  1.685   1.00 98.37  ? 75  PRO A CG  1 
ATOM 380  C CD  . PRO A 1 75  ? -0.153  21.963  2.353   1.00 98.37  ? 75  PRO A CD  1 
ATOM 381  N N   . GLY A 1 76  ? 3.474   20.673  2.864   1.00 92.77  ? 76  GLY A N   1 
ATOM 382  C CA  . GLY A 1 76  ? 4.835   20.675  3.352   1.00 92.77  ? 76  GLY A CA  1 
ATOM 383  C C   . GLY A 1 76  ? 5.344   19.303  3.730   1.00 92.77  ? 76  GLY A C   1 
ATOM 384  O O   . GLY A 1 76  ? 6.539   19.122  3.971   1.00 92.77  ? 76  GLY A O   1 
ATOM 385  N N   . GLU A 1 77  ? 4.454   18.325  3.764   1.00 92.52  ? 77  GLU A N   1 
ATOM 386  C CA  . GLU A 1 77  ? 4.754   17.058  4.398   1.00 92.52  ? 77  GLU A CA  1 
ATOM 387  C C   . GLU A 1 77  ? 5.099   15.998  3.364   1.00 92.52  ? 77  GLU A C   1 
ATOM 388  O O   . GLU A 1 77  ? 5.200   16.271  2.168   1.00 92.52  ? 77  GLU A O   1 
ATOM 389  C CB  . GLU A 1 77  ? 3.577   16.638  5.269   1.00 92.52  ? 77  GLU A CB  1 
ATOM 390  C CG  . GLU A 1 77  ? 3.137   17.708  6.248   1.00 92.52  ? 77  GLU A CG  1 
ATOM 391  C CD  . GLU A 1 77  ? 4.258   18.204  7.137   1.00 92.52  ? 77  GLU A CD  1 
ATOM 392  O OE1 . GLU A 1 77  ? 4.831   19.274  6.841   1.00 92.52  ? 77  GLU A OE1 1 
ATOM 393  O OE2 . GLU A 1 77  ? 4.564   17.534  8.141   1.00 92.52  ? 77  GLU A OE2 1 
ATOM 394  N N   . LEU A 1 78  ? 5.298   14.770  3.835   1.00 85.40  ? 78  LEU A N   1 
ATOM 395  C CA  . LEU A 1 78  ? 5.661   13.658  2.976   1.00 85.40  ? 78  LEU A CA  1 
ATOM 396  C C   . LEU A 1 78  ? 4.826   12.447  3.347   1.00 85.40  ? 78  LEU A C   1 
ATOM 397  O O   . LEU A 1 78  ? 4.270   12.358  4.442   1.00 85.40  ? 78  LEU A O   1 
ATOM 398  C CB  . LEU A 1 78  ? 7.147   13.307  3.081   1.00 85.40  ? 78  LEU A CB  1 
ATOM 399  C CG  . LEU A 1 78  ? 7.556   12.272  4.128   1.00 85.40  ? 78  LEU A CG  1 
ATOM 400  C CD1 . LEU A 1 78  ? 8.863   11.635  3.751   1.00 85.40  ? 78  LEU A CD1 1 
ATOM 401  C CD2 . LEU A 1 78  ? 7.667   12.912  5.480   1.00 85.40  ? 78  LEU A CD2 1 
ATOM 402  N N   . VAL A 1 79  ? 4.728   11.524  2.402   1.00 81.08  ? 79  VAL A N   1 
ATOM 403  C CA  . VAL A 1 79  ? 4.079   10.241  2.600   1.00 81.08  ? 79  VAL A CA  1 
ATOM 404  C C   . VAL A 1 79  ? 5.080   9.185   2.181   1.00 81.08  ? 79  VAL A C   1 
ATOM 405  O O   . VAL A 1 79  ? 5.368   9.039   0.989   1.00 81.08  ? 79  VAL A O   1 
ATOM 406  C CB  . VAL A 1 79  ? 2.786   10.103  1.794   1.00 81.08  ? 79  VAL A CB  1 
ATOM 407  C CG1 . VAL A 1 79  ? 2.222   8.724   1.985   1.00 81.08  ? 79  VAL A CG1 1 
ATOM 408  C CG2 . VAL A 1 79  ? 1.783   11.145  2.218   1.00 81.08  ? 79  VAL A CG2 1 
ATOM 409  N N   . ASN A 1 80  ? 5.632   8.475   3.145   1.00 78.88  ? 80  ASN A N   1 
ATOM 410  C CA  . ASN A 1 80  ? 6.588   7.416   2.887   1.00 78.88  ? 80  ASN A CA  1 
ATOM 411  C C   . ASN A 1 80  ? 5.816   6.112   2.851   1.00 78.88  ? 80  ASN A C   1 
ATOM 412  O O   . ASN A 1 80  ? 5.211   5.732   3.853   1.00 78.88  ? 80  ASN A O   1 
ATOM 413  C CB  . ASN A 1 80  ? 7.651   7.392   3.980   1.00 78.88  ? 80  ASN A CB  1 
ATOM 414  C CG  . ASN A 1 80  ? 8.933   6.765   3.526   1.00 78.88  ? 80  ASN A CG  1 
ATOM 415  O OD1 . ASN A 1 80  ? 8.930   5.779   2.798   1.00 78.88  ? 80  ASN A OD1 1 
ATOM 416  N ND2 . ASN A 1 80  ? 10.051  7.334   3.956   1.00 78.88  ? 80  ASN A ND2 1 
ATOM 417  N N   . TYR A 1 81  ? 5.804   5.441   1.709   1.00 76.25  ? 81  TYR A N   1 
ATOM 418  C CA  . TYR A 1 81  ? 5.038   4.215   1.590   1.00 76.25  ? 81  TYR A CA  1 
ATOM 419  C C   . TYR A 1 81  ? 5.957   3.031   1.352   1.00 76.25  ? 81  TYR A C   1 
ATOM 420  O O   . TYR A 1 81  ? 7.023   3.151   0.737   1.00 76.25  ? 81  TYR A O   1 
ATOM 421  C CB  . TYR A 1 81  ? 3.997   4.284   0.469   1.00 76.25  ? 81  TYR A CB  1 
ATOM 422  C CG  . TYR A 1 81  ? 4.567   4.355   -0.920  1.00 76.25  ? 81  TYR A CG  1 
ATOM 423  C CD1 . TYR A 1 81  ? 4.927   5.570   -1.468  1.00 76.25  ? 81  TYR A CD1 1 
ATOM 424  C CD2 . TYR A 1 81  ? 4.718   3.215   -1.697  1.00 76.25  ? 81  TYR A CD2 1 
ATOM 425  C CE1 . TYR A 1 81  ? 5.435   5.652   -2.735  1.00 76.25  ? 81  TYR A CE1 1 
ATOM 426  C CE2 . TYR A 1 81  ? 5.245   3.283   -2.957  1.00 76.25  ? 81  TYR A CE2 1 
ATOM 427  C CZ  . TYR A 1 81  ? 5.609   4.503   -3.471  1.00 76.25  ? 81  TYR A CZ  1 
ATOM 428  O OH  . TYR A 1 81  ? 6.121   4.589   -4.740  1.00 76.25  ? 81  TYR A OH  1 
ATOM 429  N N   . LEU A 1 82  ? 5.496   1.881   1.822   1.00 74.62  ? 82  LEU A N   1 
ATOM 430  C CA  . LEU A 1 82  ? 6.121   0.591   1.614   1.00 74.62  ? 82  LEU A CA  1 
ATOM 431  C C   . LEU A 1 82  ? 5.068   -0.337  1.041   1.00 74.62  ? 82  LEU A C   1 
ATOM 432  O O   . LEU A 1 82  ? 3.876   -0.154  1.296   1.00 74.62  ? 82  LEU A O   1 
ATOM 433  C CB  . LEU A 1 82  ? 6.662   0.033   2.923   1.00 74.62  ? 82  LEU A CB  1 
ATOM 434  C CG  . LEU A 1 82  ? 7.938   -0.782  2.839   1.00 74.62  ? 82  LEU A CG  1 
ATOM 435  C CD1 . LEU A 1 82  ? 9.034   0.083   2.288   1.00 74.62  ? 82  LEU A CD1 1 
ATOM 436  C CD2 . LEU A 1 82  ? 8.315   -1.281  4.205   1.00 74.62  ? 82  LEU A CD2 1 
ATOM 437  N N   . ILE A 1 83  ? 5.499   -1.312  0.266   1.00 72.56  ? 83  ILE A N   1 
ATOM 438  C CA  . ILE A 1 83  ? 4.630   -2.315  -0.325  1.00 72.56  ? 83  ILE A CA  1 
ATOM 439  C C   . ILE A 1 83  ? 5.230   -3.655  0.055   1.00 72.56  ? 83  ILE A C   1 
ATOM 440  O O   . ILE A 1 83  ? 6.339   -3.989  -0.375  1.00 72.56  ? 83  ILE A O   1 
ATOM 441  C CB  . ILE A 1 83  ? 4.529   -2.163  -1.842  1.00 72.56  ? 83  ILE A CB  1 
ATOM 442  C CG1 . ILE A 1 83  ? 3.767   -0.896  -2.191  1.00 72.56  ? 83  ILE A CG1 1 
ATOM 443  C CG2 . ILE A 1 83  ? 3.856   -3.359  -2.434  1.00 72.56  ? 83  ILE A CG2 1 
ATOM 444  C CD1 . ILE A 1 83  ? 3.871   -0.534  -3.630  1.00 72.56  ? 83  ILE A CD1 1 
ATOM 445  N N   . VAL A 1 84  ? 4.512   -4.421  0.866   1.00 73.09  ? 84  VAL A N   1 
ATOM 446  C CA  . VAL A 1 84  ? 5.084   -5.556  1.570   1.00 73.09  ? 84  VAL A CA  1 
ATOM 447  C C   . VAL A 1 84  ? 4.220   -6.787  1.359   1.00 73.09  ? 84  VAL A C   1 
ATOM 448  O O   . VAL A 1 84  ? 2.997   -6.737  1.521   1.00 73.09  ? 84  VAL A O   1 
ATOM 449  C CB  . VAL A 1 84  ? 5.251   -5.245  3.062   1.00 73.09  ? 84  VAL A CB  1 
ATOM 450  C CG1 . VAL A 1 84  ? 6.474   -4.398  3.260   1.00 73.09  ? 84  VAL A CG1 1 
ATOM 451  C CG2 . VAL A 1 84  ? 4.051   -4.509  3.594   1.00 73.09  ? 84  VAL A CG2 1 
ATOM 452  N N   . LYS A 1 85  ? 4.853   -7.891  0.992   1.00 74.75  ? 85  LYS A N   1 
ATOM 453  C CA  . LYS A 1 85  ? 4.176   -9.180  0.922   1.00 74.75  ? 85  LYS A CA  1 
ATOM 454  C C   . LYS A 1 85  ? 4.374   -9.853  2.264   1.00 74.75  ? 85  LYS A C   1 
ATOM 455  O O   . LYS A 1 85  ? 5.503   -9.979  2.738   1.00 74.75  ? 85  LYS A O   1 
ATOM 456  C CB  . LYS A 1 85  ? 4.740   -10.034 -0.203  1.00 74.75  ? 85  LYS A CB  1 
ATOM 457  C CG  . LYS A 1 85  ? 4.433   -11.505 -0.060  1.00 74.75  ? 85  LYS A CG  1 
ATOM 458  C CD  . LYS A 1 85  ? 5.001   -12.300 -1.209  1.00 74.75  ? 85  LYS A CD  1 
ATOM 459  C CE  . LYS A 1 85  ? 6.503   -12.377 -1.145  1.00 74.75  ? 85  LYS A CE  1 
ATOM 460  N NZ  . LYS A 1 85  ? 6.936   -13.181 0.023   1.00 74.75  ? 85  LYS A NZ  1 
ATOM 461  N N   . CYS A 1 86  ? 3.291   -10.295 2.890   1.00 82.45  ? 86  CYS A N   1 
ATOM 462  C CA  . CYS A 1 86  ? 3.420   -11.076 4.106   1.00 82.45  ? 86  CYS A CA  1 
ATOM 463  C C   . CYS A 1 86  ? 2.246   -12.026 4.228   1.00 82.45  ? 86  CYS A C   1 
ATOM 464  O O   . CYS A 1 86  ? 1.133   -11.697 3.823   1.00 82.45  ? 86  CYS A O   1 
ATOM 465  C CB  . CYS A 1 86  ? 3.497   -10.179 5.338   1.00 82.45  ? 86  CYS A CB  1 
ATOM 466  S SG  . CYS A 1 86  ? 2.018   -9.277  5.720   1.00 82.45  ? 86  CYS A SG  1 
ATOM 467  N N   . SER A 1 87  ? 2.490   -13.207 4.778   1.00 83.32  ? 87  SER A N   1 
ATOM 468  C CA  . SER A 1 87  ? 1.384   -13.992 5.297   1.00 83.32  ? 87  SER A CA  1 
ATOM 469  C C   . SER A 1 87  ? 1.007   -13.436 6.658   1.00 83.32  ? 87  SER A C   1 
ATOM 470  O O   . SER A 1 87  ? 1.664   -12.517 7.156   1.00 83.32  ? 87  SER A O   1 
ATOM 471  C CB  . SER A 1 87  ? 1.774   -15.458 5.401   1.00 83.32  ? 87  SER A CB  1 
ATOM 472  O OG  . SER A 1 87  ? 3.041   -15.584 6.008   1.00 83.32  ? 87  SER A OG  1 
ATOM 473  N N   . SER A 1 88  ? -0.049  -14.007 7.263   1.00 82.95  ? 88  SER A N   1 
ATOM 474  C CA  . SER A 1 88  ? -0.511  -13.675 8.610   1.00 82.95  ? 88  SER A CA  1 
ATOM 475  C C   . SER A 1 88  ? -0.905  -12.214 8.739   1.00 82.95  ? 88  SER A C   1 
ATOM 476  O O   . SER A 1 88  ? -0.066  -11.394 9.132   1.00 82.95  ? 88  SER A O   1 
ATOM 477  C CB  . SER A 1 88  ? 0.529   -13.997 9.667   1.00 82.95  ? 88  SER A CB  1 
ATOM 478  O OG  . SER A 1 88  ? 1.542   -13.008 9.657   1.00 82.95  ? 88  SER A OG  1 
ATOM 479  N N   . PRO A 1 89  ? -2.130  -11.867 8.345   1.00 81.89  ? 89  PRO A N   1 
ATOM 480  C CA  . PRO A 1 89  ? -2.527  -10.462 8.187   1.00 81.89  ? 89  PRO A CA  1 
ATOM 481  C C   . PRO A 1 89  ? -2.352  -9.620  9.441   1.00 81.89  ? 89  PRO A C   1 
ATOM 482  O O   . PRO A 1 89  ? -2.728  -10.009 10.547  1.00 81.89  ? 89  PRO A O   1 
ATOM 483  C CB  . PRO A 1 89  ? -4.006  -10.571 7.814   1.00 81.89  ? 89  PRO A CB  1 
ATOM 484  C CG  . PRO A 1 89  ? -4.451  -11.831 8.457   1.00 81.89  ? 89  PRO A CG  1 
ATOM 485  C CD  . PRO A 1 89  ? -3.290  -12.768 8.405   1.00 81.89  ? 89  PRO A CD  1 
ATOM 486  N N   . ILE A 1 90  ? -1.735  -8.463  9.250   1.00 83.56  ? 90  ILE A N   1 
ATOM 487  C CA  . ILE A 1 90  ? -1.265  -7.624  10.342  1.00 83.56  ? 90  ILE A CA  1 
ATOM 488  C C   . ILE A 1 90  ? -2.419  -6.725  10.755  1.00 83.56  ? 90  ILE A C   1 
ATOM 489  O O   . ILE A 1 90  ? -2.968  -5.983  9.936   1.00 83.56  ? 90  ILE A O   1 
ATOM 490  C CB  . ILE A 1 90  ? -0.044  -6.797  9.942   1.00 83.56  ? 90  ILE A CB  1 
ATOM 491  C CG1 . ILE A 1 90  ? 0.779   -7.540  8.900   1.00 83.56  ? 90  ILE A CG1 1 
ATOM 492  C CG2 . ILE A 1 90  ? 0.804   -6.516  11.154  1.00 83.56  ? 90  ILE A CG2 1 
ATOM 493  C CD1 . ILE A 1 90  ? 1.882   -6.712  8.340   1.00 83.56  ? 90  ILE A CD1 1 
ATOM 494  N N   . VAL A 1 91  ? -2.790  -6.783  12.030  1.00 87.28  ? 91  VAL A N   1 
ATOM 495  C CA  . VAL A 1 91  ? -3.792  -5.854  12.530  1.00 87.28  ? 91  VAL A CA  1 
ATOM 496  C C   . VAL A 1 91  ? -3.136  -4.560  12.989  1.00 87.28  ? 91  VAL A C   1 
ATOM 497  O O   . VAL A 1 91  ? -3.462  -3.475  12.496  1.00 87.28  ? 91  VAL A O   1 
ATOM 498  C CB  . VAL A 1 91  ? -4.611  -6.506  13.655  1.00 87.28  ? 91  VAL A CB  1 
ATOM 499  C CG1 . VAL A 1 91  ? -5.498  -5.472  14.325  1.00 87.28  ? 91  VAL A CG1 1 
ATOM 500  C CG2 . VAL A 1 91  ? -5.441  -7.642  13.096  1.00 87.28  ? 91  VAL A CG2 1 
ATOM 501  N N   . ASN A 1 92  ? -2.199  -4.650  13.926  1.00 89.30  ? 92  ASN A N   1 
ATOM 502  C CA  . ASN A 1 92  ? -1.523  -3.476  14.456  1.00 89.30  ? 92  ASN A CA  1 
ATOM 503  C C   . ASN A 1 92  ? -0.335  -3.141  13.571  1.00 89.30  ? 92  ASN A C   1 
ATOM 504  O O   . ASN A 1 92  ? 0.524   -3.993  13.327  1.00 89.30  ? 92  ASN A O   1 
ATOM 505  C CB  . ASN A 1 92  ? -1.065  -3.701  15.893  1.00 89.30  ? 92  ASN A CB  1 
ATOM 506  C CG  . ASN A 1 92  ? -0.854  -2.404  16.634  1.00 89.30  ? 92  ASN A CG  1 
ATOM 507  O OD1 . ASN A 1 92  ? 0.185   -1.760  16.501  1.00 89.30  ? 92  ASN A OD1 1 
ATOM 508  N ND2 . ASN A 1 92  ? -1.849  -2.002  17.412  1.00 89.30  ? 92  ASN A ND2 1 
ATOM 509  N N   . TRP A 1 93  ? -0.286  -1.901  13.103  1.00 84.41  ? 93  TRP A N   1 
ATOM 510  C CA  . TRP A 1 93  ? 0.699   -1.480  12.120  1.00 84.41  ? 93  TRP A CA  1 
ATOM 511  C C   . TRP A 1 93  ? 1.928   -0.845  12.737  1.00 84.41  ? 93  TRP A C   1 
ATOM 512  O O   . TRP A 1 93  ? 3.036   -1.041  12.234  1.00 84.41  ? 93  TRP A O   1 
ATOM 513  C CB  . TRP A 1 93  ? 0.061   -0.503  11.139  1.00 84.41  ? 93  TRP A CB  1 
ATOM 514  C CG  . TRP A 1 93  ? -0.826  -1.193  10.213  1.00 84.41  ? 93  TRP A CG  1 
ATOM 515  C CD1 . TRP A 1 93  ? -2.181  -1.204  10.226  1.00 84.41  ? 93  TRP A CD1 1 
ATOM 516  C CD2 . TRP A 1 93  ? -0.424  -2.022  9.137   1.00 84.41  ? 93  TRP A CD2 1 
ATOM 517  N NE1 . TRP A 1 93  ? -2.653  -1.980  9.204   1.00 84.41  ? 93  TRP A NE1 1 
ATOM 518  C CE2 . TRP A 1 93  ? -1.586  -2.495  8.519   1.00 84.41  ? 93  TRP A CE2 1 
ATOM 519  C CE3 . TRP A 1 93  ? 0.813   -2.403  8.625   1.00 84.41  ? 93  TRP A CE3 1 
ATOM 520  C CZ2 . TRP A 1 93  ? -1.547  -3.332  7.424   1.00 84.41  ? 93  TRP A CZ2 1 
ATOM 521  C CZ3 . TRP A 1 93  ? 0.847   -3.224  7.540   1.00 84.41  ? 93  TRP A CZ3 1 
ATOM 522  C CH2 . TRP A 1 93  ? -0.318  -3.680  6.951   1.00 84.41  ? 93  TRP A CH2 1 
ATOM 523  N N   . SER A 1 94  ? 1.753   -0.080  13.811  1.00 87.68  ? 94  SER A N   1 
ATOM 524  C CA  . SER A 1 94  ? 2.894   0.528   14.475  1.00 87.68  ? 94  SER A CA  1 
ATOM 525  C C   . SER A 1 94  ? 3.757   -0.514  15.169  1.00 87.68  ? 94  SER A C   1 
ATOM 526  O O   . SER A 1 94  ? 4.956   -0.293  15.365  1.00 87.68  ? 94  SER A O   1 
ATOM 527  C CB  . SER A 1 94  ? 2.403   1.567   15.475  1.00 87.68  ? 94  SER A CB  1 
ATOM 528  O OG  . SER A 1 94  ? 1.403   1.011   16.311  1.00 87.68  ? 94  SER A OG  1 
ATOM 529  N N   . ALA A 1 95  ? 3.176   -1.653  15.531  1.00 84.93  ? 95  ALA A N   1 
ATOM 530  C CA  . ALA A 1 95  ? 3.921   -2.726  16.166  1.00 84.93  ? 95  ALA A CA  1 
ATOM 531  C C   . ALA A 1 95  ? 4.698   -3.577  15.176  1.00 84.93  ? 95  ALA A C   1 
ATOM 532  O O   . ALA A 1 95  ? 5.428   -4.475  15.600  1.00 84.93  ? 95  ALA A O   1 
ATOM 533  C CB  . ALA A 1 95  ? 2.974   -3.615  16.970  1.00 84.93  ? 95  ALA A CB  1 
ATOM 534  N N   . ALA A 1 96  ? 4.554   -3.332  13.880  1.00 81.63  ? 96  ALA A N   1 
ATOM 535  C CA  . ALA A 1 96  ? 5.336   -4.033  12.875  1.00 81.63  ? 96  ALA A CA  1 
ATOM 536  C C   . ALA A 1 96  ? 6.203   -3.116  12.037  1.00 81.63  ? 96  ALA A C   1 
ATOM 537  O O   . ALA A 1 96  ? 7.238   -3.557  11.542  1.00 81.63  ? 96  ALA A O   1 
ATOM 538  C CB  . ALA A 1 96  ? 4.422   -4.837  11.944  1.00 81.63  ? 96  ALA A CB  1 
ATOM 539  N N   . PHE A 1 97  ? 5.818   -1.859  11.871  1.00 80.22  ? 97  PHE A N   1 
ATOM 540  C CA  . PHE A 1 97  ? 6.610   -0.884  11.144  1.00 80.22  ? 97  PHE A CA  1 
ATOM 541  C C   . PHE A 1 97  ? 6.907   0.300   12.045  1.00 80.22  ? 97  PHE A C   1 
ATOM 542  O O   . PHE A 1 97  ? 6.050   0.733   12.818  1.00 80.22  ? 97  PHE A O   1 
ATOM 543  C CB  . PHE A 1 97  ? 5.886   -0.411  9.899   1.00 80.22  ? 97  PHE A CB  1 
ATOM 544  C CG  . PHE A 1 97  ? 5.685   -1.478  8.883   1.00 80.22  ? 97  PHE A CG  1 
ATOM 545  C CD1 . PHE A 1 97  ? 6.672   -1.766  7.969   1.00 80.22  ? 97  PHE A CD1 1 
ATOM 546  C CD2 . PHE A 1 97  ? 4.512   -2.191  8.841   1.00 80.22  ? 97  PHE A CD2 1 
ATOM 547  C CE1 . PHE A 1 97  ? 6.492   -2.745  7.033   1.00 80.22  ? 97  PHE A CE1 1 
ATOM 548  C CE2 . PHE A 1 97  ? 4.329   -3.173  7.905   1.00 80.22  ? 97  PHE A CE2 1 
ATOM 549  C CZ  . PHE A 1 97  ? 5.322   -3.450  7.000   1.00 80.22  ? 97  PHE A CZ  1 
ATOM 550  N N   . THR A 1 98  ? 8.124   0.816   11.944  1.00 81.30  ? 98  THR A N   1 
ATOM 551  C CA  . THR A 1 98  ? 8.510   1.964   12.742  1.00 81.30  ? 98  THR A CA  1 
ATOM 552  C C   . THR A 1 98  ? 7.833   3.219   12.217  1.00 81.30  ? 98  THR A C   1 
ATOM 553  O O   . THR A 1 98  ? 7.427   3.292   11.057  1.00 81.30  ? 98  THR A O   1 
ATOM 554  C CB  . THR A 1 98  ? 10.015  2.137   12.714  1.00 81.30  ? 98  THR A CB  1 
ATOM 555  O OG1 . THR A 1 98  ? 10.420  2.426   11.374  1.00 81.30  ? 98  THR A OG1 1 
ATOM 556  C CG2 . THR A 1 98  ? 10.659  0.863   13.149  1.00 81.30  ? 98  THR A CG2 1 
ATOM 557  N N   . ALA A 1 99  ? 7.706   4.212   13.096  1.00 82.82  ? 99  ALA A N   1 
ATOM 558  C CA  . ALA A 1 99  ? 6.896   5.377   12.764  1.00 82.82  ? 99  ALA A CA  1 
ATOM 559  C C   . ALA A 1 99  ? 7.528   6.261   11.685  1.00 82.82  ? 99  ALA A C   1 
ATOM 560  O O   . ALA A 1 99  ? 6.998   6.244   10.573  1.00 82.82  ? 99  ALA A O   1 
ATOM 561  C CB  . ALA A 1 99  ? 6.547   6.178   14.026  1.00 82.82  ? 99  ALA A CB  1 
ATOM 562  N N   . PRO A 1 100 ? 8.656   6.970   11.894  1.00 80.93  ? 100 PRO A N   1 
ATOM 563  C CA  . PRO A 1 100 ? 8.962   8.104   10.998  1.00 80.93  ? 100 PRO A CA  1 
ATOM 564  C C   . PRO A 1 100 ? 9.373   7.713   9.591   1.00 80.93  ? 100 PRO A C   1 
ATOM 565  O O   . PRO A 1 100 ? 9.274   8.542   8.687   1.00 80.93  ? 100 PRO A O   1 
ATOM 566  C CB  . PRO A 1 100 ? 10.100  8.817   11.722  1.00 80.93  ? 100 PRO A CB  1 
ATOM 567  C CG  . PRO A 1 100 ? 10.828  7.729   12.359  1.00 80.93  ? 100 PRO A CG  1 
ATOM 568  C CD  . PRO A 1 100 ? 9.814   6.705   12.775  1.00 80.93  ? 100 PRO A CD  1 
ATOM 569  N N   . ALA A 1 101 ? 9.824   6.485   9.380   1.00 78.84  ? 101 ALA A N   1 
ATOM 570  C CA  . ALA A 1 101 ? 9.917   5.910   8.052   1.00 78.84  ? 101 ALA A CA  1 
ATOM 571  C C   . ALA A 1 101 ? 9.783   4.412   8.226   1.00 78.84  ? 101 ALA A C   1 
ATOM 572  O O   . ALA A 1 101 ? 10.199  3.857   9.243   1.00 78.84  ? 101 ALA A O   1 
ATOM 573  C CB  . ALA A 1 101 ? 11.219  6.263   7.331   1.00 78.84  ? 101 ALA A CB  1 
ATOM 574  N N   . LEU A 1 102 ? 9.181   3.767   7.242   1.00 76.76  ? 102 LEU A N   1 
ATOM 575  C CA  . LEU A 1 102 ? 8.692   2.409   7.431   1.00 76.76  ? 102 LEU A CA  1 
ATOM 576  C C   . LEU A 1 102 ? 9.858   1.441   7.397   1.00 76.76  ? 102 LEU A C   1 
ATOM 577  O O   . LEU A 1 102 ? 10.262  0.941   6.348   1.00 76.76  ? 102 LEU A O   1 
ATOM 578  C CB  . LEU A 1 102 ? 7.653   2.078   6.381   1.00 76.76  ? 102 LEU A CB  1 
ATOM 579  C CG  . LEU A 1 102 ? 6.538   3.106   6.430   1.00 76.76  ? 102 LEU A CG  1 
ATOM 580  C CD1 . LEU A 1 102 ? 5.567   2.788   5.350   1.00 76.76  ? 102 LEU A CD1 1 
ATOM 581  C CD2 . LEU A 1 102 ? 5.858   3.087   7.773   1.00 76.76  ? 102 LEU A CD2 1 
ATOM 582  N N   . MET A 1 103 ? 10.411  1.187   8.574   1.00 81.04  ? 103 MET A N   1 
ATOM 583  C CA  . MET A 1 103 ? 11.381  0.127   8.765   1.00 81.04  ? 103 MET A CA  1 
ATOM 584  C C   . MET A 1 103 ? 10.680  -1.062  9.392   1.00 81.04  ? 103 MET A C   1 
ATOM 585  O O   . MET A 1 103 ? 9.951   -0.911  10.376  1.00 81.04  ? 103 MET A O   1 
ATOM 586  C CB  . MET A 1 103 ? 12.533  0.585   9.648   1.00 81.04  ? 103 MET A CB  1 
ATOM 587  C CG  . MET A 1 103 ? 13.437  1.568   8.987   1.00 81.04  ? 103 MET A CG  1 
ATOM 588  S SD  . MET A 1 103 ? 13.764  1.089   7.296   1.00 81.04  ? 103 MET A SD  1 
ATOM 589  C CE  . MET A 1 103 ? 14.688  2.510   6.768   1.00 81.04  ? 103 MET A CE  1 
ATOM 590  N N   . VAL A 1 104 ? 10.892  -2.236  8.812   1.00 79.93  ? 104 VAL A N   1 
ATOM 591  C CA  . VAL A 1 104 ? 10.291  -3.452  9.333   1.00 79.93  ? 104 VAL A CA  1 
ATOM 592  C C   . VAL A 1 104 ? 11.010  -3.838  10.613  1.00 79.93  ? 104 VAL A C   1 
ATOM 593  O O   . VAL A 1 104 ? 12.213  -4.117  10.598  1.00 79.93  ? 104 VAL A O   1 
ATOM 594  C CB  . VAL A 1 104 ? 10.367  -4.572  8.297   1.00 79.93  ? 104 VAL A CB  1 
ATOM 595  C CG1 . VAL A 1 104 ? 9.540   -5.727  8.735   1.00 79.93  ? 104 VAL A CG1 1 
ATOM 596  C CG2 . VAL A 1 104 ? 9.892   -4.061  6.973   1.00 79.93  ? 104 VAL A CG2 1 
ATOM 597  N N   . LYS A 1 105 ? 10.277  -3.848  11.724  1.00 83.73  ? 105 LYS A N   1 
ATOM 598  C CA  . LYS A 1 105 ? 10.867  -4.169  13.014  1.00 83.73  ? 105 LYS A CA  1 
ATOM 599  C C   . LYS A 1 105 ? 11.299  -5.627  13.053  1.00 83.73  ? 105 LYS A C   1 
ATOM 600  O O   . LYS A 1 105 ? 10.771  -6.473  12.330  1.00 83.73  ? 105 LYS A O   1 
ATOM 601  C CB  . LYS A 1 105 ? 9.873   -3.888  14.135  1.00 83.73  ? 105 LYS A CB  1 
ATOM 602  C CG  . LYS A 1 105 ? 9.224   -2.529  14.029  1.00 83.73  ? 105 LYS A CG  1 
ATOM 603  C CD  . LYS A 1 105 ? 8.120   -2.355  15.050  1.00 83.73  ? 105 LYS A CD  1 
ATOM 604  C CE  . LYS A 1 105 ? 8.686   -2.040  16.410  1.00 83.73  ? 105 LYS A CE  1 
ATOM 605  N NZ  . LYS A 1 105 ? 9.487   -0.789  16.363  1.00 83.73  ? 105 LYS A NZ  1 
ATOM 606  N N   . GLU A 1 106 ? 12.281  -5.917  13.908  1.00 86.43  ? 106 GLU A N   1 
ATOM 607  C CA  . GLU A 1 106 ? 12.892  -7.240  13.902  1.00 86.43  ? 106 GLU A CA  1 
ATOM 608  C C   . GLU A 1 106 ? 11.986  -8.311  14.486  1.00 86.43  ? 106 GLU A C   1 
ATOM 609  O O   . GLU A 1 106 ? 12.260  -9.498  14.294  1.00 86.43  ? 106 GLU A O   1 
ATOM 610  C CB  . GLU A 1 106 ? 14.218  -7.219  14.654  1.00 86.43  ? 106 GLU A CB  1 
ATOM 611  C CG  . GLU A 1 106 ? 14.152  -6.574  16.015  1.00 86.43  ? 106 GLU A CG  1 
ATOM 612  C CD  . GLU A 1 106 ? 14.624  -5.136  15.999  1.00 86.43  ? 106 GLU A CD  1 
ATOM 613  O OE1 . GLU A 1 106 ? 14.549  -4.497  14.931  1.00 86.43  ? 106 GLU A OE1 1 
ATOM 614  O OE2 . GLU A 1 106 ? 15.080  -4.648  17.053  1.00 86.43  ? 106 GLU A OE2 1 
ATOM 615  N N   . SER A 1 107 ? 10.925  -7.926  15.193  1.00 83.73  ? 107 SER A N   1 
ATOM 616  C CA  . SER A 1 107 ? 9.943   -8.906  15.638  1.00 83.73  ? 107 SER A CA  1 
ATOM 617  C C   . SER A 1 107 ? 9.195   -9.503  14.457  1.00 83.73  ? 107 SER A C   1 
ATOM 618  O O   . SER A 1 107 ? 8.890   -10.700 14.446  1.00 83.73  ? 107 SER A O   1 
ATOM 619  C CB  . SER A 1 107 ? 8.963   -8.256  16.608  1.00 83.73  ? 107 SER A CB  1 
ATOM 620  O OG  . SER A 1 107 ? 8.253   -7.215  15.967  1.00 83.73  ? 107 SER A OG  1 
ATOM 621  N N   . CYS A 1 108 ? 8.901   -8.687  13.455  1.00 84.13  ? 108 CYS A N   1 
ATOM 622  C CA  . CYS A 1 108 ? 8.248   -9.127  12.231  1.00 84.13  ? 108 CYS A CA  1 
ATOM 623  C C   . CYS A 1 108 ? 9.215   -9.067  11.060  1.00 84.13  ? 108 CYS A C   1 
ATOM 624  O O   . CYS A 1 108 ? 8.845   -8.692  9.951   1.00 84.13  ? 108 CYS A O   1 
ATOM 625  C CB  . CYS A 1 108 ? 7.009   -8.287  11.949  1.00 84.13  ? 108 CYS A CB  1 
ATOM 626  S SG  . CYS A 1 108 ? 5.816   -8.273  13.301  1.00 84.13  ? 108 CYS A SG  1 
ATOM 627  N N   . GLN A 1 109 ? 10.468  -9.444  11.309  1.00 82.43  ? 109 GLN A N   1 
ATOM 628  C CA  . GLN A 1 109 ? 11.530  -9.261  10.328  1.00 82.43  ? 109 GLN A CA  1 
ATOM 629  C C   . GLN A 1 109 ? 11.352  -10.177 9.128   1.00 82.43  ? 109 GLN A C   1 
ATOM 630  O O   . GLN A 1 109 ? 11.228  -9.712  7.993   1.00 82.43  ? 109 GLN A O   1 
ATOM 631  C CB  . GLN A 1 109 ? 12.881  -9.508  10.984  1.00 82.43  ? 109 GLN A CB  1 
ATOM 632  C CG  . GLN A 1 109 ? 14.022  -9.555  10.018  1.00 82.43  ? 109 GLN A CG  1 
ATOM 633  C CD  . GLN A 1 109 ? 15.201  -10.292 10.588  1.00 82.43  ? 109 GLN A CD  1 
ATOM 634  O OE1 . GLN A 1 109 ? 15.391  -10.334 11.801  1.00 82.43  ? 109 GLN A OE1 1 
ATOM 635  N NE2 . GLN A 1 109 ? 15.995  -10.895 9.717   1.00 82.43  ? 109 GLN A NE2 1 
ATOM 636  N N   . ASP A 1 110 ? 11.349  -11.484 9.352   1.00 83.45  ? 110 ASP A N   1 
ATOM 637  C CA  . ASP A 1 110 ? 11.120  -12.417 8.262   1.00 83.45  ? 110 ASP A CA  1 
ATOM 638  C C   . ASP A 1 110 ? 9.645   -12.659 8.005   1.00 83.45  ? 110 ASP A C   1 
ATOM 639  O O   . ASP A 1 110 ? 9.300   -13.317 7.019   1.00 83.45  ? 110 ASP A O   1 
ATOM 640  C CB  . ASP A 1 110 ? 11.826  -13.743 8.542   1.00 83.45  ? 110 ASP A CB  1 
ATOM 641  C CG  . ASP A 1 110 ? 13.329  -13.613 8.485   1.00 83.45  ? 110 ASP A CG  1 
ATOM 642  O OD1 . ASP A 1 110 ? 13.813  -12.466 8.423   1.00 83.45  ? 110 ASP A OD1 1 
ATOM 643  O OD2 . ASP A 1 110 ? 14.027  -14.647 8.489   1.00 83.45  ? 110 ASP A OD2 1 
ATOM 644  N N   . MET A 1 111 ? 8.778   -12.141 8.869   1.00 81.91  ? 111 MET A N   1 
ATOM 645  C CA  . MET A 1 111 ? 7.347   -12.196 8.637   1.00 81.91  ? 111 MET A CA  1 
ATOM 646  C C   . MET A 1 111 ? 6.932   -11.346 7.450   1.00 81.91  ? 111 MET A C   1 
ATOM 647  O O   . MET A 1 111 ? 5.984   -11.707 6.751   1.00 81.91  ? 111 MET A O   1 
ATOM 648  C CB  . MET A 1 111 ? 6.615   -11.729 9.893   1.00 81.91  ? 111 MET A CB  1 
ATOM 649  C CG  . MET A 1 111 ? 5.161   -12.087 9.957   1.00 81.91  ? 111 MET A CG  1 
ATOM 650  S SD  . MET A 1 111 ? 4.372   -11.280 11.354  1.00 81.91  ? 111 MET A SD  1 
ATOM 651  C CE  . MET A 1 111 ? 3.817   -9.767  10.592  1.00 81.91  ? 111 MET A CE  1 
ATOM 652  N N   . ILE A 1 112 ? 7.649   -10.255 7.188   1.00 77.38  ? 112 ILE A N   1 
ATOM 653  C CA  . ILE A 1 112 ? 7.234   -9.209  6.263   1.00 77.38  ? 112 ILE A CA  1 
ATOM 654  C C   . ILE A 1 112 ? 8.324   -9.021  5.221   1.00 77.38  ? 112 ILE A C   1 
ATOM 655  O O   . ILE A 1 112 ? 9.470   -8.721  5.571   1.00 77.38  ? 112 ILE A O   1 
ATOM 656  C CB  . ILE A 1 112 ? 6.975   -7.892  7.004   1.00 77.38  ? 112 ILE A CB  1 
ATOM 657  C CG1 . ILE A 1 112 ? 5.744   -8.002  7.889   1.00 77.38  ? 112 ILE A CG1 1 
ATOM 658  C CG2 . ILE A 1 112 ? 6.800   -6.773  6.050   1.00 77.38  ? 112 ILE A CG2 1 
ATOM 659  C CD1 . ILE A 1 112 ? 5.574   -6.814  8.789   1.00 77.38  ? 112 ILE A CD1 1 
ATOM 660  N N   . THR A 1 113 ? 7.974   -9.174  3.951   1.00 73.09  ? 113 THR A N   1 
ATOM 661  C CA  . THR A 1 113 ? 8.931   -9.073  2.857   1.00 73.09  ? 113 THR A CA  1 
ATOM 662  C C   . THR A 1 113 ? 8.647   -7.820  2.047   1.00 73.09  ? 113 THR A C   1 
ATOM 663  O O   . THR A 1 113 ? 7.571   -7.693  1.459   1.00 73.09  ? 113 THR A O   1 
ATOM 664  C CB  . THR A 1 113 ? 8.857   -10.303 1.958   1.00 73.09  ? 113 THR A CB  1 
ATOM 665  O OG1 . THR A 1 113 ? 9.279   -11.455 2.693   1.00 73.09  ? 113 THR A OG1 1 
ATOM 666  C CG2 . THR A 1 113 ? 9.747   -10.124 0.748   1.00 73.09  ? 113 THR A CG2 1 
ATOM 667  N N   . ILE A 1 114 ? 9.614   -6.913  1.997   1.00 71.04  ? 114 ILE A N   1 
ATOM 668  C CA  . ILE A 1 114 ? 9.457   -5.666  1.260   1.00 71.04  ? 114 ILE A CA  1 
ATOM 669  C C   . ILE A 1 114 ? 9.672   -5.934  -0.218  1.00 71.04  ? 114 ILE A C   1 
ATOM 670  O O   . ILE A 1 114 ? 10.648  -6.583  -0.604  1.00 71.04  ? 114 ILE A O   1 
ATOM 671  C CB  . ILE A 1 114 ? 10.450  -4.611  1.760   1.00 71.04  ? 114 ILE A CB  1 
ATOM 672  C CG1 . ILE A 1 114 ? 10.436  -4.538  3.277   1.00 71.04  ? 114 ILE A CG1 1 
ATOM 673  C CG2 . ILE A 1 114 ? 10.139  -3.279  1.164   1.00 71.04  ? 114 ILE A CG2 1 
ATOM 674  C CD1 . ILE A 1 114 ? 11.715  -5.049  3.886   1.00 71.04  ? 114 ILE A CD1 1 
ATOM 675  N N   . ILE A 1 115 ? 8.771   -5.427  -1.054  1.00 71.03  ? 115 ILE A N   1 
ATOM 676  C CA  . ILE A 1 115 ? 8.938   -5.561  -2.493  1.00 71.03  ? 115 ILE A CA  1 
ATOM 677  C C   . ILE A 1 115 ? 8.722   -4.227  -3.179  1.00 71.03  ? 115 ILE A C   1 
ATOM 678  O O   . ILE A 1 115 ? 8.934   -4.099  -4.388  1.00 71.03  ? 115 ILE A O   1 
ATOM 679  C CB  . ILE A 1 115 ? 7.989   -6.620  -3.069  1.00 71.03  ? 115 ILE A CB  1 
ATOM 680  C CG1 . ILE A 1 115 ? 6.640   -6.521  -2.386  1.00 71.03  ? 115 ILE A CG1 1 
ATOM 681  C CG2 . ILE A 1 115 ? 8.599   -8.010  -2.936  1.00 71.03  ? 115 ILE A CG2 1 
ATOM 682  C CD1 . ILE A 1 115 ? 5.711   -7.568  -2.810  1.00 71.03  ? 115 ILE A CD1 1 
ATOM 683  N N   . GLY A 1 116 ? 8.294   -3.229  -2.430  1.00 72.00  ? 116 GLY A N   1 
ATOM 684  C CA  . GLY A 1 116 ? 8.106   -1.912  -3.007  1.00 72.00  ? 116 GLY A CA  1 
ATOM 685  C C   . GLY A 1 116 ? 8.401   -0.841  -1.992  1.00 72.00  ? 116 GLY A C   1 
ATOM 686  O O   . GLY A 1 116 ? 8.105   -0.986  -0.806  1.00 72.00  ? 116 GLY A O   1 
ATOM 687  N N   . LYS A 1 117 ? 8.965   0.251   -2.466  1.00 72.57  ? 117 LYS A N   1 
ATOM 688  C CA  . LYS A 1 117 ? 9.325   1.356   -1.606  1.00 72.57  ? 117 LYS A CA  1 
ATOM 689  C C   . LYS A 1 117 ? 8.820   2.633   -2.248  1.00 72.57  ? 117 LYS A C   1 
ATOM 690  O O   . LYS A 1 117 ? 8.359   2.637   -3.390  1.00 72.57  ? 117 LYS A O   1 
ATOM 691  C CB  . LYS A 1 117 ? 10.840  1.409   -1.402  1.00 72.57  ? 117 LYS A CB  1 
ATOM 692  C CG  . LYS A 1 117 ? 11.277  1.912   -0.054  1.00 72.57  ? 117 LYS A CG  1 
ATOM 693  C CD  . LYS A 1 117 ? 12.773  1.820   0.082   1.00 72.57  ? 117 LYS A CD  1 
ATOM 694  C CE  . LYS A 1 117 ? 13.462  2.810   -0.825  1.00 72.57  ? 117 LYS A CE  1 
ATOM 695  N NZ  . LYS A 1 117 ? 13.048  4.190   -0.486  1.00 72.57  ? 117 LYS A NZ  1 
ATOM 696  N N   . GLY A 1 118 ? 8.881   3.722   -1.506  1.00 77.15  ? 118 GLY A N   1 
ATOM 697  C CA  . GLY A 1 118 ? 8.831   5.011   -2.156  1.00 77.15  ? 118 GLY A CA  1 
ATOM 698  C C   . GLY A 1 118 ? 8.412   6.101   -1.201  1.00 77.15  ? 118 GLY A C   1 
ATOM 699  O O   . GLY A 1 118 ? 8.106   5.863   -0.037  1.00 77.15  ? 118 GLY A O   1 
ATOM 700  N N   . LYS A 1 119 ? 8.354   7.307   -1.751  1.00 80.65  ? 119 LYS A N   1 
ATOM 701  C CA  . LYS A 1 119 ? 8.192   8.492   -0.930  1.00 80.65  ? 119 LYS A CA  1 
ATOM 702  C C   . LYS A 1 119 ? 7.639   9.605   -1.794  1.00 80.65  ? 119 LYS A C   1 
ATOM 703  O O   . LYS A 1 119 ? 8.150   9.847   -2.888  1.00 80.65  ? 119 LYS A O   1 
ATOM 704  C CB  . LYS A 1 119 ? 9.534   8.882   -0.320  1.00 80.65  ? 119 LYS A CB  1 
ATOM 705  C CG  . LYS A 1 119 ? 9.665   10.324  0.063   1.00 80.65  ? 119 LYS A CG  1 
ATOM 706  C CD  . LYS A 1 119 ? 11.019  10.570  0.685   1.00 80.65  ? 119 LYS A CD  1 
ATOM 707  C CE  . LYS A 1 119 ? 12.143  10.201  -0.266  1.00 80.65  ? 119 LYS A CE  1 
ATOM 708  N NZ  . LYS A 1 119 ? 12.181  11.117  -1.432  1.00 80.65  ? 119 LYS A NZ  1 
ATOM 709  N N   . VAL A 1 120 ? 6.586   10.259  -1.317  1.00 84.98  ? 120 VAL A N   1 
ATOM 710  C CA  . VAL A 1 120 ? 5.923   11.334  -2.040  1.00 84.98  ? 120 VAL A CA  1 
ATOM 711  C C   . VAL A 1 120 ? 6.013   12.583  -1.187  1.00 84.98  ? 120 VAL A C   1 
ATOM 712  O O   . VAL A 1 120 ? 5.353   12.671  -0.147  1.00 84.98  ? 120 VAL A O   1 
ATOM 713  C CB  . VAL A 1 120 ? 4.464   11.004  -2.346  1.00 84.98  ? 120 VAL A CB  1 
ATOM 714  C CG1 . VAL A 1 120 ? 3.905   12.024  -3.284  1.00 84.98  ? 120 VAL A CG1 1 
ATOM 715  C CG2 . VAL A 1 120 ? 4.354   9.642   -2.943  1.00 84.98  ? 120 VAL A CG2 1 
ATOM 716  N N   . GLU A 1 121 ? 6.798   13.553  -1.623  1.00 90.89  ? 121 GLU A N   1 
ATOM 717  C CA  . GLU A 1 121 ? 6.995   14.777  -0.868  1.00 90.89  ? 121 GLU A CA  1 
ATOM 718  C C   . GLU A 1 121 ? 6.178   15.900  -1.485  1.00 90.89  ? 121 GLU A C   1 
ATOM 719  O O   . GLU A 1 121 ? 6.045   15.981  -2.706  1.00 90.89  ? 121 GLU A O   1 
ATOM 720  C CB  . GLU A 1 121 ? 8.473   15.152  -0.838  1.00 90.89  ? 121 GLU A CB  1 
ATOM 721  C CG  . GLU A 1 121 ? 9.375   13.990  -0.481  1.00 90.89  ? 121 GLU A CG  1 
ATOM 722  C CD  . GLU A 1 121 ? 10.846  14.352  -0.519  1.00 90.89  ? 121 GLU A CD  1 
ATOM 723  O OE1 . GLU A 1 121 ? 11.181  15.526  -0.259  1.00 90.89  ? 121 GLU A OE1 1 
ATOM 724  O OE2 . GLU A 1 121 ? 11.671  13.462  -0.817  1.00 90.89  ? 121 GLU A OE2 1 
ATOM 725  N N   . SER A 1 122 ? 5.633   16.765  -0.639  1.00 93.78  ? 122 SER A N   1 
ATOM 726  C CA  . SER A 1 122 ? 4.776   17.859  -1.082  1.00 93.78  ? 122 SER A CA  1 
ATOM 727  C C   . SER A 1 122 ? 5.586   19.146  -1.085  1.00 93.78  ? 122 SER A C   1 
ATOM 728  O O   . SER A 1 122 ? 5.795   19.762  -0.040  1.00 93.78  ? 122 SER A O   1 
ATOM 729  C CB  . SER A 1 122 ? 3.558   17.989  -0.181  1.00 93.78  ? 122 SER A CB  1 
ATOM 730  O OG  . SER A 1 122 ? 3.957   18.227  1.153   1.00 93.78  ? 122 SER A OG  1 
ATOM 731  N N   . ASN A 1 123 ? 6.042   19.553  -2.266  1.00 97.29  ? 123 ASN A N   1 
ATOM 732  C CA  . ASN A 1 123 ? 6.752   20.817  -2.438  1.00 97.29  ? 123 ASN A CA  1 
ATOM 733  C C   . ASN A 1 123 ? 5.781   21.819  -3.051  1.00 97.29  ? 123 ASN A C   1 
ATOM 734  O O   . ASN A 1 123 ? 5.734   22.029  -4.261  1.00 97.29  ? 123 ASN A O   1 
ATOM 735  C CB  . ASN A 1 123 ? 7.987   20.626  -3.303  1.00 97.29  ? 123 ASN A CB  1 
ATOM 736  C CG  . ASN A 1 123 ? 8.945   19.624  -2.722  1.00 97.29  ? 123 ASN A CG  1 
ATOM 737  O OD1 . ASN A 1 123 ? 8.624   18.931  -1.762  1.00 97.29  ? 123 ASN A OD1 1 
ATOM 738  N ND2 . ASN A 1 123 ? 10.134  19.539  -3.301  1.00 97.29  ? 123 ASN A ND2 1 
ATOM 739  N N   . GLY A 1 124 ? 4.994   22.447  -2.187  1.00 100.42 ? 124 GLY A N   1 
ATOM 740  C CA  . GLY A 1 124 ? 3.950   23.329  -2.658  1.00 100.42 ? 124 GLY A CA  1 
ATOM 741  C C   . GLY A 1 124 ? 3.970   24.707  -2.040  1.00 100.42 ? 124 GLY A C   1 
ATOM 742  O O   . GLY A 1 124 ? 4.962   25.433  -2.128  1.00 100.42 ? 124 GLY A O   1 
ATOM 743  N N   . VAL A 1 125 ? 2.861   25.072  -1.404  1.00 104.12 ? 125 VAL A N   1 
ATOM 744  C CA  . VAL A 1 125 ? 2.620   26.431  -0.935  1.00 104.12 ? 125 VAL A CA  1 
ATOM 745  C C   . VAL A 1 125 ? 2.403   26.411  0.569   1.00 104.12 ? 125 VAL A C   1 
ATOM 746  O O   . VAL A 1 125 ? 2.691   25.412  1.232   1.00 104.12 ? 125 VAL A O   1 
ATOM 747  C CB  . VAL A 1 125 ? 1.425   27.089  -1.644  1.00 104.12 ? 125 VAL A CB  1 
ATOM 748  C CG1 . VAL A 1 125 ? 1.821   28.469  -2.124  1.00 104.12 ? 125 VAL A CG1 1 
ATOM 749  C CG2 . VAL A 1 125 ? 0.930   26.235  -2.797  1.00 104.12 ? 125 VAL A CG2 1 
ATOM 750  N N   . ALA A 1 126 ? 1.997   27.548  1.129   1.00 106.40 ? 126 ALA A N   1 
ATOM 751  C CA  . ALA A 1 126 ? 1.761   27.623  2.566   1.00 106.40 ? 126 ALA A CA  1 
ATOM 752  C C   . ALA A 1 126 ? 0.535   26.815  2.966   1.00 106.40 ? 126 ALA A C   1 
ATOM 753  O O   . ALA A 1 126 ? 0.629   25.876  3.763   1.00 106.40 ? 126 ALA A O   1 
ATOM 754  C CB  . ALA A 1 126 ? 1.610   29.083  2.991   1.00 106.40 ? 126 ALA A CB  1 
ATOM 755  N N   . GLY A 1 127 ? -0.627  27.159  2.418   1.00 105.30 ? 127 GLY A N   1 
ATOM 756  C CA  . GLY A 1 127 ? -1.866  26.560  2.865   1.00 105.30 ? 127 GLY A CA  1 
ATOM 757  C C   . GLY A 1 127 ? -2.720  25.952  1.772   1.00 105.30 ? 127 GLY A C   1 
ATOM 758  O O   . GLY A 1 127 ? -3.856  25.547  2.027   1.00 105.30 ? 127 GLY A O   1 
ATOM 759  N N   . SER A 1 128 ? -2.196  25.883  0.553   1.00 105.45 ? 128 SER A N   1 
ATOM 760  C CA  . SER A 1 128 ? -2.902  25.247  -0.553  1.00 105.45 ? 128 SER A CA  1 
ATOM 761  C C   . SER A 1 128 ? -2.461  23.792  -0.628  1.00 105.45 ? 128 SER A C   1 
ATOM 762  O O   . SER A 1 128 ? -1.334  23.500  -1.033  1.00 105.45 ? 128 SER A O   1 
ATOM 763  C CB  . SER A 1 128 ? -2.632  25.976  -1.865  1.00 105.45 ? 128 SER A CB  1 
ATOM 764  O OG  . SER A 1 128 ? -3.231  25.301  -2.957  1.00 105.45 ? 128 SER A OG  1 
ATOM 765  N N   . ASP A 1 129 ? -3.356  22.884  -0.250  1.00 101.74 ? 129 ASP A N   1 
ATOM 766  C CA  . ASP A 1 129 ? -3.004  21.479  -0.110  1.00 101.74 ? 129 ASP A CA  1 
ATOM 767  C C   . ASP A 1 129 ? -2.822  20.826  -1.472  1.00 101.74 ? 129 ASP A C   1 
ATOM 768  O O   . ASP A 1 129 ? -3.681  20.938  -2.349  1.00 101.74 ? 129 ASP A O   1 
ATOM 769  C CB  . ASP A 1 129 ? -4.084  20.757  0.683   1.00 101.74 ? 129 ASP A CB  1 
ATOM 770  C CG  . ASP A 1 129 ? -4.502  21.525  1.913   1.00 101.74 ? 129 ASP A CG  1 
ATOM 771  O OD1 . ASP A 1 129 ? -3.733  22.403  2.355   1.00 101.74 ? 129 ASP A OD1 1 
ATOM 772  O OD2 . ASP A 1 129 ? -5.598  21.255  2.439   1.00 101.74 ? 129 ASP A OD2 1 
ATOM 773  N N   . CYS A 1 130 ? -1.697  20.143  -1.646  1.00 98.57  ? 130 CYS A N   1 
ATOM 774  C CA  . CYS A 1 130 ? -1.384  19.533  -2.923  1.00 98.57  ? 130 CYS A CA  1 
ATOM 775  C C   . CYS A 1 130 ? -2.146  18.225  -3.091  1.00 98.57  ? 130 CYS A C   1 
ATOM 776  O O   . CYS A 1 130 ? -2.777  17.717  -2.163  1.00 98.57  ? 130 CYS A O   1 
ATOM 777  C CB  . CYS A 1 130 ? 0.116   19.296  -3.044  1.00 98.57  ? 130 CYS A CB  1 
ATOM 778  S SG  . CYS A 1 130 ? 1.090   20.811  -3.061  1.00 98.57  ? 130 CYS A SG  1 
ATOM 779  N N   . THR A 1 131 ? -2.075  17.675  -4.301  1.00 91.33  ? 131 THR A N   1 
ATOM 780  C CA  . THR A 1 131 ? -2.736  16.414  -4.635  1.00 91.33  ? 131 THR A CA  1 
ATOM 781  C C   . THR A 1 131 ? -1.741  15.605  -5.452  1.00 91.33  ? 131 THR A C   1 
ATOM 782  O O   . THR A 1 131 ? -1.716  15.696  -6.680  1.00 91.33  ? 131 THR A O   1 
ATOM 783  C CB  . THR A 1 131 ? -4.020  16.651  -5.405  1.00 91.33  ? 131 THR A CB  1 
ATOM 784  O OG1 . THR A 1 131 ? -4.795  17.650  -4.736  1.00 91.33  ? 131 THR A OG1 1 
ATOM 785  C CG2 . THR A 1 131 ? -4.823  15.376  -5.488  1.00 91.33  ? 131 THR A CG2 1 
ATOM 786  N N   . LYS A 1 132 ? -0.930  14.807  -4.775  1.00 87.95  ? 132 LYS A N   1 
ATOM 787  C CA  . LYS A 1 132 ? 0.161   14.113  -5.432  1.00 87.95  ? 132 LYS A CA  1 
ATOM 788  C C   . LYS A 1 132 ? -0.095  12.618  -5.418  1.00 87.95  ? 132 LYS A C   1 
ATOM 789  O O   . LYS A 1 132 ? -0.727  12.091  -4.506  1.00 87.95  ? 132 LYS A O   1 
ATOM 790  C CB  . LYS A 1 132 ? 1.487   14.426  -4.756  1.00 87.95  ? 132 LYS A CB  1 
ATOM 791  C CG  . LYS A 1 132 ? 1.805   15.895  -4.776  1.00 87.95  ? 132 LYS A CG  1 
ATOM 792  C CD  . LYS A 1 132 ? 3.234   16.153  -4.385  1.00 87.95  ? 132 LYS A CD  1 
ATOM 793  C CE  . LYS A 1 132 ? 3.785   17.353  -5.121  1.00 87.95  ? 132 LYS A CE  1 
ATOM 794  N NZ  . LYS A 1 132 ? 3.819   17.096  -6.584  1.00 87.95  ? 132 LYS A NZ  1 
ATOM 795  N N   . SER A 1 133 ? 0.397   11.940  -6.438  1.00 84.03  ? 133 SER A N   1 
ATOM 796  C CA  . SER A 1 133 ? 0.104   10.531  -6.618  1.00 84.03  ? 133 SER A CA  1 
ATOM 797  C C   . SER A 1 133 ? 1.387   9.746   -6.771  1.00 84.03  ? 133 SER A C   1 
ATOM 798  O O   . SER A 1 133 ? 2.342   10.218  -7.389  1.00 84.03  ? 133 SER A O   1 
ATOM 799  C CB  . SER A 1 133 ? -0.758  10.307  -7.845  1.00 84.03  ? 133 SER A CB  1 
ATOM 800  O OG  . SER A 1 133 ? -0.240  9.254   -8.631  1.00 84.03  ? 133 SER A OG  1 
ATOM 801  N N   . PHE A 1 134 ? 1.404   8.542   -6.221  1.00 80.60  ? 134 PHE A N   1 
ATOM 802  C CA  . PHE A 1 134 ? 2.441   7.589   -6.565  1.00 80.60  ? 134 PHE A CA  1 
ATOM 803  C C   . PHE A 1 134 ? 1.830   6.408   -7.291  1.00 80.60  ? 134 PHE A C   1 
ATOM 804  O O   . PHE A 1 134 ? 0.771   5.901   -6.910  1.00 80.60  ? 134 PHE A O   1 
ATOM 805  C CB  . PHE A 1 134 ? 3.250   7.111   -5.358  1.00 80.60  ? 134 PHE A CB  1 
ATOM 806  C CG  . PHE A 1 134 ? 2.470   6.364   -4.318  1.00 80.60  ? 134 PHE A CG  1 
ATOM 807  C CD1 . PHE A 1 134 ? 1.860   7.035   -3.285  1.00 80.60  ? 134 PHE A CD1 1 
ATOM 808  C CD2 . PHE A 1 134 ? 2.418   4.982   -4.329  1.00 80.60  ? 134 PHE A CD2 1 
ATOM 809  C CE1 . PHE A 1 134 ? 1.182   6.347   -2.310  1.00 80.60  ? 134 PHE A CE1 1 
ATOM 810  C CE2 . PHE A 1 134 ? 1.742   4.296   -3.358  1.00 80.60  ? 134 PHE A CE2 1 
ATOM 811  C CZ  . PHE A 1 134 ? 1.127   4.976   -2.351  1.00 80.60  ? 134 PHE A CZ  1 
ATOM 812  N N   . ASN A 1 135 ? 2.508   5.994   -8.345  1.00 76.66  ? 135 ASN A N   1 
ATOM 813  C CA  . ASN A 1 135 ? 2.153   4.821   -9.110  1.00 76.66  ? 135 ASN A CA  1 
ATOM 814  C C   . ASN A 1 135 ? 3.265   3.802   -8.964  1.00 76.66  ? 135 ASN A C   1 
ATOM 815  O O   . ASN A 1 135 ? 4.440   4.155   -8.856  1.00 76.66  ? 135 ASN A O   1 
ATOM 816  C CB  . ASN A 1 135 ? 1.954   5.177   -10.562 1.00 76.66  ? 135 ASN A CB  1 
ATOM 817  C CG  . ASN A 1 135 ? 1.251   6.489   -10.728 1.00 76.66  ? 135 ASN A CG  1 
ATOM 818  O OD1 . ASN A 1 135 ? 0.316   6.797   -9.998  1.00 76.66  ? 135 ASN A OD1 1 
ATOM 819  N ND2 . ASN A 1 135 ? 1.707   7.287   -11.680 1.00 76.66  ? 135 ASN A ND2 1 
ATOM 820  N N   . LYS A 1 136 ? 2.887   2.535   -8.945  1.00 73.15  ? 136 LYS A N   1 
ATOM 821  C CA  . LYS A 1 136 ? 3.868   1.482   -8.763  1.00 73.15  ? 136 LYS A CA  1 
ATOM 822  C C   . LYS A 1 136 ? 3.327   0.223   -9.406  1.00 73.15  ? 136 LYS A C   1 
ATOM 823  O O   . LYS A 1 136 ? 2.199   -0.187  -9.116  1.00 73.15  ? 136 LYS A O   1 
ATOM 824  C CB  . LYS A 1 136 ? 4.154   1.256   -7.282  1.00 73.15  ? 136 LYS A CB  1 
ATOM 825  C CG  . LYS A 1 136 ? 5.261   0.272   -7.015  1.00 73.15  ? 136 LYS A CG  1 
ATOM 826  C CD  . LYS A 1 136 ? 6.601   0.826   -7.439  1.00 73.15  ? 136 LYS A CD  1 
ATOM 827  C CE  . LYS A 1 136 ? 6.957   2.055   -6.638  1.00 73.15  ? 136 LYS A CE  1 
ATOM 828  N NZ  . LYS A 1 136 ? 8.311   2.563   -6.985  1.00 73.15  ? 136 LYS A NZ  1 
ATOM 829  N N   . PHE A 1 137 ? 4.121   -0.376  -10.280 1.00 70.71  ? 137 PHE A N   1 
ATOM 830  C CA  . PHE A 1 137 ? 3.744   -1.595  -10.979 1.00 70.71  ? 137 PHE A CA  1 
ATOM 831  C C   . PHE A 1 137 ? 4.589   -2.729  -10.415 1.00 70.71  ? 137 PHE A C   1 
ATOM 832  O O   . PHE A 1 137 ? 5.653   -3.056  -10.938 1.00 70.71  ? 137 PHE A O   1 
ATOM 833  C CB  . PHE A 1 137 ? 3.931   -1.447  -12.463 1.00 70.71  ? 137 PHE A CB  1 
ATOM 834  C CG  . PHE A 1 137 ? 3.382   -2.586  -13.246 1.00 70.71  ? 137 PHE A CG  1 
ATOM 835  C CD1 . PHE A 1 137 ? 2.049   -2.911  -13.158 1.00 70.71  ? 137 PHE A CD1 1 
ATOM 836  C CD2 . PHE A 1 137 ? 4.196   -3.326  -14.075 1.00 70.71  ? 137 PHE A CD2 1 
ATOM 837  C CE1 . PHE A 1 137 ? 1.534   -3.952  -13.875 1.00 70.71  ? 137 PHE A CE1 1 
ATOM 838  C CE2 . PHE A 1 137 ? 3.683   -4.372  -14.799 1.00 70.71  ? 137 PHE A CE2 1 
ATOM 839  C CZ  . PHE A 1 137 ? 2.348   -4.682  -14.696 1.00 70.71  ? 137 PHE A CZ  1 
ATOM 840  N N   . ILE A 1 138 ? 4.097   -3.330  -9.349  1.00 70.76  ? 138 ILE A N   1 
ATOM 841  C CA  . ILE A 1 138 ? 4.809   -4.392  -8.660  1.00 70.76  ? 138 ILE A CA  1 
ATOM 842  C C   . ILE A 1 138 ? 4.636   -5.688  -9.429  1.00 70.76  ? 138 ILE A C   1 
ATOM 843  O O   . ILE A 1 138 ? 3.513   -6.084  -9.757  1.00 70.76  ? 138 ILE A O   1 
ATOM 844  C CB  . ILE A 1 138 ? 4.290   -4.538  -7.230  1.00 70.76  ? 138 ILE A CB  1 
ATOM 845  C CG1 . ILE A 1 138 ? 3.840   -3.188  -6.715  1.00 70.76  ? 138 ILE A CG1 1 
ATOM 846  C CG2 . ILE A 1 138 ? 5.369   -5.064  -6.345  1.00 70.76  ? 138 ILE A CG2 1 
ATOM 847  C CD1 . ILE A 1 138 ? 2.625   -3.280  -5.913  1.00 70.76  ? 138 ILE A CD1 1 
ATOM 848  N N   . ARG A 1 139 ? 5.744   -6.354  -9.707  1.00 72.31  ? 139 ARG A N   1 
ATOM 849  C CA  . ARG A 1 139 ? 5.758   -7.649  -10.371 1.00 72.31  ? 139 ARG A CA  1 
ATOM 850  C C   . ARG A 1 139 ? 6.082   -8.684  -9.300  1.00 72.31  ? 139 ARG A C   1 
ATOM 851  O O   . ARG A 1 139 ? 7.240   -8.870  -8.928  1.00 72.31  ? 139 ARG A O   1 
ATOM 852  C CB  . ARG A 1 139 ? 6.770   -7.657  -11.509 1.00 72.31  ? 139 ARG A CB  1 
ATOM 853  C CG  . ARG A 1 139 ? 6.564   -6.521  -12.490 1.00 72.31  ? 139 ARG A CG  1 
ATOM 854  C CD  . ARG A 1 139 ? 7.632   -6.466  -13.566 1.00 72.31  ? 139 ARG A CD  1 
ATOM 855  N NE  . ARG A 1 139 ? 7.186   -5.666  -14.706 1.00 72.31  ? 139 ARG A NE  1 
ATOM 856  C CZ  . ARG A 1 139 ? 7.448   -4.372  -14.873 1.00 72.31  ? 139 ARG A CZ  1 
ATOM 857  N NH1 . ARG A 1 139 ? 8.168   -3.716  -13.974 1.00 72.31  ? 139 ARG A NH1 1 
ATOM 858  N NH2 . ARG A 1 139 ? 6.991   -3.734  -15.943 1.00 72.31  ? 139 ARG A NH2 1 
ATOM 859  N N   . LEU A 1 140 ? 5.052   -9.348  -8.796  1.00 73.53  ? 140 LEU A N   1 
ATOM 860  C CA  . LEU A 1 140 ? 5.224   -10.278 -7.689  1.00 73.53  ? 140 LEU A CA  1 
ATOM 861  C C   . LEU A 1 140 ? 5.770   -11.597 -8.208  1.00 73.53  ? 140 LEU A C   1 
ATOM 862  O O   . LEU A 1 140 ? 5.144   -12.248 -9.049  1.00 73.53  ? 140 LEU A O   1 
ATOM 863  C CB  . LEU A 1 140 ? 3.899   -10.495 -6.975  1.00 73.53  ? 140 LEU A CB  1 
ATOM 864  C CG  . LEU A 1 140 ? 3.095   -9.214  -6.856  1.00 73.53  ? 140 LEU A CG  1 
ATOM 865  C CD1 . LEU A 1 140 ? 1.679   -9.528  -6.498  1.00 73.53  ? 140 LEU A CD1 1 
ATOM 866  C CD2 . LEU A 1 140 ? 3.715   -8.359  -5.815  1.00 73.53  ? 140 LEU A CD2 1 
ATOM 867  N N   . GLY A 1 141 ? 6.935   -11.992 -7.707  1.00 80.49  ? 141 GLY A N   1 
ATOM 868  C CA  . GLY A 1 141 ? 7.527   -13.248 -8.132  1.00 80.49  ? 141 GLY A CA  1 
ATOM 869  C C   . GLY A 1 141 ? 6.795   -14.417 -7.510  1.00 80.49  ? 141 GLY A C   1 
ATOM 870  O O   . GLY A 1 141 ? 6.549   -14.437 -6.298  1.00 80.49  ? 141 GLY A O   1 
ATOM 871  N N   . ALA A 1 142 ? 6.426   -15.391 -8.352  1.00 80.47  ? 142 ALA A N   1 
ATOM 872  C CA  . ALA A 1 142 ? 5.715   -16.621 -7.977  1.00 80.47  ? 142 ALA A CA  1 
ATOM 873  C C   . ALA A 1 142 ? 4.387   -16.344 -7.279  1.00 80.47  ? 142 ALA A C   1 
ATOM 874  O O   . ALA A 1 142 ? 3.955   -17.115 -6.421  1.00 80.47  ? 142 ALA A O   1 
ATOM 875  C CB  . ALA A 1 142 ? 6.584   -17.548 -7.120  1.00 80.47  ? 142 ALA A CB  1 
ATOM 876  N N   . GLY A 1 143 ? 3.740   -15.237 -7.628  1.00 77.76  ? 143 GLY A N   1 
ATOM 877  C CA  . GLY A 1 143 ? 2.386   -14.972 -7.190  1.00 77.76  ? 143 GLY A CA  1 
ATOM 878  C C   . GLY A 1 143 ? 2.212   -14.598 -5.736  1.00 77.76  ? 143 GLY A C   1 
ATOM 879  O O   . GLY A 1 143 ? 3.136   -14.714 -4.930  1.00 77.76  ? 143 GLY A O   1 
ATOM 880  N N   . ILE A 1 144 ? 1.016   -14.124 -5.399  1.00 79.77  ? 144 ILE A N   1 
ATOM 881  C CA  . ILE A 1 144 ? 0.584   -13.932 -4.022  1.00 79.77  ? 144 ILE A CA  1 
ATOM 882  C C   . ILE A 1 144 ? -0.825  -14.489 -3.941  1.00 79.77  ? 144 ILE A C   1 
ATOM 883  O O   . ILE A 1 144 ? -1.735  -13.974 -4.597  1.00 79.77  ? 144 ILE A O   1 
ATOM 884  C CB  . ILE A 1 144 ? 0.609   -12.465 -3.587  1.00 79.77  ? 144 ILE A CB  1 
ATOM 885  C CG1 . ILE A 1 144 ? 2.045   -12.000 -3.401  1.00 79.77  ? 144 ILE A CG1 1 
ATOM 886  C CG2 . ILE A 1 144 ? -0.169  -12.274 -2.302  1.00 79.77  ? 144 ILE A CG2 1 
ATOM 887  C CD1 . ILE A 1 144 ? 2.165   -10.587 -2.934  1.00 79.77  ? 144 ILE A CD1 1 
ATOM 888  N N   . SER A 1 145 ? -1.010  -15.545 -3.161  1.00 82.11  ? 145 SER A N   1 
ATOM 889  C CA  . SER A 1 145 ? -2.303  -16.199 -3.105  1.00 82.11  ? 145 SER A CA  1 
ATOM 890  C C   . SER A 1 145 ? -3.242  -15.451 -2.168  1.00 82.11  ? 145 SER A C   1 
ATOM 891  O O   . SER A 1 145 ? -2.910  -14.404 -1.609  1.00 82.11  ? 145 SER A O   1 
ATOM 892  C CB  . SER A 1 145 ? -2.150  -17.646 -2.666  1.00 82.11  ? 145 SER A CB  1 
ATOM 893  O OG  . SER A 1 145 ? -3.423  -18.218 -2.449  1.00 82.11  ? 145 SER A OG  1 
ATOM 894  N N   . GLN A 1 146 ? -4.437  -16.002 -1.993  1.00 83.57  ? 146 GLN A N   1 
ATOM 895  C CA  . GLN A 1 146 ? -5.447  -15.375 -1.157  1.00 83.57  ? 146 GLN A CA  1 
ATOM 896  C C   . GLN A 1 146 ? -5.194  -15.585 0.322   1.00 83.57  ? 146 GLN A C   1 
ATOM 897  O O   . GLN A 1 146 ? -5.829  -14.918 1.143   1.00 83.57  ? 146 GLN A O   1 
ATOM 898  C CB  . GLN A 1 146 ? -6.836  -15.903 -1.519  1.00 83.57  ? 146 GLN A CB  1 
ATOM 899  C CG  . GLN A 1 146 ? -7.132  -17.307 -1.037  1.00 83.57  ? 146 GLN A CG  1 
ATOM 900  C CD  . GLN A 1 146 ? -6.511  -18.376 -1.904  1.00 83.57  ? 146 GLN A CD  1 
ATOM 901  O OE1 . GLN A 1 146 ? -5.999  -18.098 -2.984  1.00 83.57  ? 146 GLN A OE1 1 
ATOM 902  N NE2 . GLN A 1 146 ? -6.543  -19.607 -1.429  1.00 83.57  ? 146 GLN A NE2 1 
ATOM 903  N N   . THR A 1 147 ? -4.293  -16.490 0.679   1.00 84.44  ? 147 THR A N   1 
ATOM 904  C CA  . THR A 1 147 ? -3.903  -16.669 2.066   1.00 84.44  ? 147 THR A CA  1 
ATOM 905  C C   . THR A 1 147 ? -2.781  -15.723 2.458   1.00 84.44  ? 147 THR A C   1 
ATOM 906  O O   . THR A 1 147 ? -2.751  -15.237 3.592   1.00 84.44  ? 147 THR A O   1 
ATOM 907  C CB  . THR A 1 147 ? -3.479  -18.110 2.299   1.00 84.44  ? 147 THR A CB  1 
ATOM 908  O OG1 . THR A 1 147 ? -2.255  -18.355 1.600   1.00 84.44  ? 147 THR A OG1 1 
ATOM 909  C CG2 . THR A 1 147 ? -4.538  -19.036 1.758   1.00 84.44  ? 147 THR A CG2 1 
ATOM 910  N N   . GLN A 1 148 ? -1.860  -15.442 1.538   1.00 83.39  ? 148 GLN A N   1 
ATOM 911  C CA  . GLN A 1 148 ? -0.940  -14.339 1.742   1.00 83.39  ? 148 GLN A CA  1 
ATOM 912  C C   . GLN A 1 148 ? -1.674  -13.018 1.600   1.00 83.39  ? 148 GLN A C   1 
ATOM 913  O O   . GLN A 1 148 ? -2.817  -12.952 1.149   1.00 83.39  ? 148 GLN A O   1 
ATOM 914  C CB  . GLN A 1 148 ? 0.206   -14.376 0.742   1.00 83.39  ? 148 GLN A CB  1 
ATOM 915  C CG  . GLN A 1 148 ? 1.197   -15.466 0.971   1.00 83.39  ? 148 GLN A CG  1 
ATOM 916  C CD  . GLN A 1 148 ? 0.860   -16.697 0.190   1.00 83.39  ? 148 GLN A CD  1 
ATOM 917  O OE1 . GLN A 1 148 ? -0.243  -17.226 0.292   1.00 83.39  ? 148 GLN A OE1 1 
ATOM 918  N NE2 . GLN A 1 148 ? 1.804   -17.157 -0.618  1.00 83.39  ? 148 GLN A NE2 1 
ATOM 919  N N   . HIS A 1 149 ? -0.999  -11.946 1.983   1.00 80.35  ? 149 HIS A N   1 
ATOM 920  C CA  . HIS A 1 149 ? -1.578  -10.620 1.966   1.00 80.35  ? 149 HIS A CA  1 
ATOM 921  C C   . HIS A 1 149 ? -0.531  -9.666  1.436   1.00 80.35  ? 149 HIS A C   1 
ATOM 922  O O   . HIS A 1 149 ? 0.566   -9.561  1.995   1.00 80.35  ? 149 HIS A O   1 
ATOM 923  C CB  . HIS A 1 149 ? -2.042  -10.206 3.359   1.00 80.35  ? 149 HIS A CB  1 
ATOM 924  C CG  . HIS A 1 149 ? -2.909  -11.226 4.015   1.00 80.35  ? 149 HIS A CG  1 
ATOM 925  N ND1 . HIS A 1 149 ? -4.268  -11.287 3.807   1.00 80.35  ? 149 HIS A ND1 1 
ATOM 926  C CD2 . HIS A 1 149 ? -2.604  -12.263 4.826   1.00 80.35  ? 149 HIS A CD2 1 
ATOM 927  C CE1 . HIS A 1 149 ? -4.769  -12.300 4.489   1.00 80.35  ? 149 HIS A CE1 1 
ATOM 928  N NE2 . HIS A 1 149 ? -3.780  -12.911 5.111   1.00 80.35  ? 149 HIS A NE2 1 
ATOM 929  N N   . LEU A 1 150 ? -0.856  -9.007  0.343   1.00 76.32  ? 150 LEU A N   1 
ATOM 930  C CA  . LEU A 1 150 ? -0.044  -7.925  -0.168  1.00 76.32  ? 150 LEU A CA  1 
ATOM 931  C C   . LEU A 1 150 ? -0.570  -6.640  0.440   1.00 76.32  ? 150 LEU A C   1 
ATOM 932  O O   . LEU A 1 150 ? -1.757  -6.330  0.314   1.00 76.32  ? 150 LEU A O   1 
ATOM 933  C CB  . LEU A 1 150 ? -0.103  -7.889  -1.685  1.00 76.32  ? 150 LEU A CB  1 
ATOM 934  C CG  . LEU A 1 150 ? 0.855   -6.899  -2.309  1.00 76.32  ? 150 LEU A CG  1 
ATOM 935  C CD1 . LEU A 1 150 ? 2.235   -7.044  -1.754  1.00 76.32  ? 150 LEU A CD1 1 
ATOM 936  C CD2 . LEU A 1 150 ? 0.860   -7.132  -3.775  1.00 76.32  ? 150 LEU A CD2 1 
ATOM 937  N N   . TYR A 1 151 ? 0.291   -5.919  1.131   1.00 76.73  ? 151 TYR A N   1 
ATOM 938  C CA  . TYR A 1 151 ? -0.089  -4.717  1.840   1.00 76.73  ? 151 TYR A CA  1 
ATOM 939  C C   . TYR A 1 151 ? 0.613   -3.524  1.231   1.00 76.73  ? 151 TYR A C   1 
ATOM 940  O O   . TYR A 1 151 ? 1.728   -3.635  0.722   1.00 76.73  ? 151 TYR A O   1 
ATOM 941  C CB  . TYR A 1 151 ? 0.294   -4.805  3.307   1.00 76.73  ? 151 TYR A CB  1 
ATOM 942  C CG  . TYR A 1 151 ? -0.650  -5.599  4.137   1.00 76.73  ? 151 TYR A CG  1 
ATOM 943  C CD1 . TYR A 1 151 ? -1.931  -5.158  4.349   1.00 76.73  ? 151 TYR A CD1 1 
ATOM 944  C CD2 . TYR A 1 151 ? -0.251  -6.772  4.736   1.00 76.73  ? 151 TYR A CD2 1 
ATOM 945  C CE1 . TYR A 1 151 ? -2.794  -5.861  5.123   1.00 76.73  ? 151 TYR A CE1 1 
ATOM 946  C CE2 . TYR A 1 151 ? -1.112  -7.490  5.512   1.00 76.73  ? 151 TYR A CE2 1 
ATOM 947  C CZ  . TYR A 1 151 ? -2.385  -7.027  5.695   1.00 76.73  ? 151 TYR A CZ  1 
ATOM 948  O OH  . TYR A 1 151 ? -3.274  -7.719  6.466   1.00 76.73  ? 151 TYR A OH  1 
ATOM 949  N N   . VAL A 1 152 ? -0.037  -2.375  1.306   1.00 73.93  ? 152 VAL A N   1 
ATOM 950  C CA  . VAL A 1 152 ? 0.632   -1.108  1.088   1.00 73.93  ? 152 VAL A CA  1 
ATOM 951  C C   . VAL A 1 152 ? 0.454   -0.306  2.361   1.00 73.93  ? 152 VAL A C   1 
ATOM 952  O O   . VAL A 1 152 ? -0.673  -0.041  2.790   1.00 73.93  ? 152 VAL A O   1 
ATOM 953  C CB  . VAL A 1 152 ? 0.103   -0.370  -0.148  1.00 73.93  ? 152 VAL A CB  1 
ATOM 954  C CG1 . VAL A 1 152 ? -1.377  -0.559  -0.295  1.00 73.93  ? 152 VAL A CG1 1 
ATOM 955  C CG2 . VAL A 1 152 ? 0.455   1.089   -0.078  1.00 73.93  ? 152 VAL A CG2 1 
ATOM 956  N N   . VAL A 1 153 ? 1.557   0.008   3.001   1.00 77.52  ? 153 VAL A N   1 
ATOM 957  C CA  . VAL A 1 153 ? 1.535   0.702   4.273   1.00 77.52  ? 153 VAL A CA  1 
ATOM 958  C C   . VAL A 1 153 ? 2.201   2.049   4.052   1.00 77.52  ? 153 VAL A C   1 
ATOM 959  O O   . VAL A 1 153 ? 3.033   2.200   3.158   1.00 77.52  ? 153 VAL A O   1 
ATOM 960  C CB  . VAL A 1 153 ? 2.223   -0.159  5.356   1.00 77.52  ? 153 VAL A CB  1 
ATOM 961  C CG1 . VAL A 1 153 ? 3.658   -0.411  5.018   1.00 77.52  ? 153 VAL A CG1 1 
ATOM 962  C CG2 . VAL A 1 153 ? 2.072   0.428   6.729   1.00 77.52  ? 153 VAL A CG2 1 
ATOM 963  N N   . MET A 1 154 ? 1.768   3.054   4.797   1.00 82.68  ? 154 MET A N   1 
ATOM 964  C CA  . MET A 1 154 ? 2.275   4.394   4.575   1.00 82.68  ? 154 MET A CA  1 
ATOM 965  C C   . MET A 1 154 ? 2.319   5.148   5.888   1.00 82.68  ? 154 MET A C   1 
ATOM 966  O O   . MET A 1 154 ? 1.412   5.034   6.713   1.00 82.68  ? 154 MET A O   1 
ATOM 967  C CB  . MET A 1 154 ? 1.412   5.139   3.565   1.00 82.68  ? 154 MET A CB  1 
ATOM 968  C CG  . MET A 1 154 ? -0.056  4.880   3.727   1.00 82.68  ? 154 MET A CG  1 
ATOM 969  S SD  . MET A 1 154 ? -0.996  5.754   2.482   1.00 82.68  ? 154 MET A SD  1 
ATOM 970  C CE  . MET A 1 154 ? -0.083  5.282   1.026   1.00 82.68  ? 154 MET A CE  1 
ATOM 971  N N   . TYR A 1 155 ? 3.393   5.894   6.078   1.00 85.03  ? 155 TYR A N   1 
ATOM 972  C CA  . TYR A 1 155 ? 3.510   6.863   7.152   1.00 85.03  ? 155 TYR A CA  1 
ATOM 973  C C   . TYR A 1 155 ? 3.417   8.234   6.527   1.00 85.03  ? 155 TYR A C   1 
ATOM 974  O O   . TYR A 1 155 ? 4.227   8.577   5.664   1.00 85.03  ? 155 TYR A O   1 
ATOM 975  C CB  . TYR A 1 155 ? 4.831   6.724   7.894   1.00 85.03  ? 155 TYR A CB  1 
ATOM 976  C CG  . TYR A 1 155 ? 5.185   7.921   8.739   1.00 85.03  ? 155 TYR A CG  1 
ATOM 977  C CD1 . TYR A 1 155 ? 4.589   8.118   9.976   1.00 85.03  ? 155 TYR A CD1 1 
ATOM 978  C CD2 . TYR A 1 155 ? 6.141   8.837   8.321   1.00 85.03  ? 155 TYR A CD2 1 
ATOM 979  C CE1 . TYR A 1 155 ? 4.930   9.194   10.767  1.00 85.03  ? 155 TYR A CE1 1 
ATOM 980  C CE2 . TYR A 1 155 ? 6.468   9.926   9.092   1.00 85.03  ? 155 TYR A CE2 1 
ATOM 981  C CZ  . TYR A 1 155 ? 5.867   10.096  10.315  1.00 85.03  ? 155 TYR A CZ  1 
ATOM 982  O OH  . TYR A 1 155 ? 6.203   11.180  11.087  1.00 85.03  ? 155 TYR A OH  1 
ATOM 983  N N   . THR A 1 156 ? 2.464   9.022   6.973   1.00 86.76  ? 156 THR A N   1 
ATOM 984  C CA  . THR A 1 156 ? 2.357   10.386  6.509   1.00 86.76  ? 156 THR A CA  1 
ATOM 985  C C   . THR A 1 156 ? 2.895   11.316  7.580   1.00 86.76  ? 156 THR A C   1 
ATOM 986  O O   . THR A 1 156 ? 3.384   10.887  8.621   1.00 86.76  ? 156 THR A O   1 
ATOM 987  C CB  . THR A 1 156 ? 0.914   10.701  6.165   1.00 86.76  ? 156 THR A CB  1 
ATOM 988  O OG1 . THR A 1 156 ? 0.152   10.754  7.370   1.00 86.76  ? 156 THR A OG1 1 
ATOM 989  C CG2 . THR A 1 156 ? 0.379   9.602   5.307   1.00 86.76  ? 156 THR A CG2 1 
ATOM 990  N N   . SER A 1 157 ? 2.815   12.610  7.319   1.00 91.04  ? 157 SER A N   1 
ATOM 991  C CA  . SER A 1 157 ? 3.185   13.592  8.317   1.00 91.04  ? 157 SER A CA  1 
ATOM 992  C C   . SER A 1 157 ? 2.110   14.641  8.512   1.00 91.04  ? 157 SER A C   1 
ATOM 993  O O   . SER A 1 157 ? 2.326   15.595  9.265   1.00 91.04  ? 157 SER A O   1 
ATOM 994  C CB  . SER A 1 157 ? 4.510   14.256  7.947   1.00 91.04  ? 157 SER A CB  1 
ATOM 995  O OG  . SER A 1 157 ? 5.557   13.314  8.037   1.00 91.04  ? 157 SER A OG  1 
ATOM 996  N N   . GLU A 1 158 ? 0.970   14.495  7.853   1.00 94.77  ? 158 GLU A N   1 
ATOM 997  C CA  . GLU A 1 158 ? -0.213  15.281  8.142   1.00 94.77  ? 158 GLU A CA  1 
ATOM 998  C C   . GLU A 1 158 ? -1.415  14.421  7.796   1.00 94.77  ? 158 GLU A C   1 
ATOM 999  O O   . GLU A 1 158 ? -1.273  13.279  7.357   1.00 94.77  ? 158 GLU A O   1 
ATOM 1000 C CB  . GLU A 1 158 ? -0.211  16.599  7.371   1.00 94.77  ? 158 GLU A CB  1 
ATOM 1001 C CG  . GLU A 1 158 ? 0.035   17.818  8.241   1.00 94.77  ? 158 GLU A CG  1 
ATOM 1002 C CD  . GLU A 1 158 ? -1.246  18.412  8.804   1.00 94.77  ? 158 GLU A CD  1 
ATOM 1003 O OE1 . GLU A 1 158 ? -2.338  17.895  8.485   1.00 94.77  ? 158 GLU A OE1 1 
ATOM 1004 O OE2 . GLU A 1 158 ? -1.159  19.407  9.555   1.00 94.77  ? 158 GLU A OE2 1 
ATOM 1005 N N   . ALA A 1 159 ? -2.602  14.963  8.016   1.00 94.37  ? 159 ALA A N   1 
ATOM 1006 C CA  . ALA A 1 159 ? -3.814  14.243  7.661   1.00 94.37  ? 159 ALA A CA  1 
ATOM 1007 C C   . ALA A 1 159 ? -3.959  14.240  6.149   1.00 94.37  ? 159 ALA A C   1 
ATOM 1008 O O   . ALA A 1 159 ? -4.117  15.298  5.533   1.00 94.37  ? 159 ALA A O   1 
ATOM 1009 C CB  . ALA A 1 159 ? -5.030  14.884  8.322   1.00 94.37  ? 159 ALA A CB  1 
ATOM 1010 N N   . VAL A 1 160 ? -3.886  13.059  5.549   1.00 89.70  ? 160 VAL A N   1 
ATOM 1011 C CA  . VAL A 1 160 ? -3.958  12.924  4.107   1.00 89.70  ? 160 VAL A CA  1 
ATOM 1012 C C   . VAL A 1 160 ? -5.252  12.210  3.740   1.00 89.70  ? 160 VAL A C   1 
ATOM 1013 O O   . VAL A 1 160 ? -5.923  11.608  4.581   1.00 89.70  ? 160 VAL A O   1 
ATOM 1014 C CB  . VAL A 1 160 ? -2.741  12.187  3.537   1.00 89.70  ? 160 VAL A CB  1 
ATOM 1015 C CG1 . VAL A 1 160 ? -1.475  12.788  4.073   1.00 89.70  ? 160 VAL A CG1 1 
ATOM 1016 C CG2 . VAL A 1 160 ? -2.815  10.749  3.905   1.00 89.70  ? 160 VAL A CG2 1 
ATOM 1017 N N   . LYS A 1 161 ? -5.587  12.268  2.450   1.00 88.88  ? 161 LYS A N   1 
ATOM 1018 C CA  . LYS A 1 161 ? -6.887  11.846  1.933   1.00 88.88  ? 161 LYS A CA  1 
ATOM 1019 C C   . LYS A 1 161 ? -6.695  10.824  0.813   1.00 88.88  ? 161 LYS A C   1 
ATOM 1020 O O   . LYS A 1 161 ? -7.138  11.047  -0.311  1.00 88.88  ? 161 LYS A O   1 
ATOM 1021 C CB  . LYS A 1 161 ? -7.706  13.024  1.410   1.00 88.88  ? 161 LYS A CB  1 
ATOM 1022 C CG  . LYS A 1 161 ? -7.549  14.325  2.177   1.00 88.88  ? 161 LYS A CG  1 
ATOM 1023 C CD  . LYS A 1 161 ? -8.138  14.242  3.570   1.00 88.88  ? 161 LYS A CD  1 
ATOM 1024 C CE  . LYS A 1 161 ? -7.953  15.551  4.324   1.00 88.88  ? 161 LYS A CE  1 
ATOM 1025 N NZ  . LYS A 1 161 ? -6.521  15.946  4.427   1.00 88.88  ? 161 LYS A NZ  1 
ATOM 1026 N N   . THR A 1 162 ? -5.969  9.739   1.110   1.00 85.03  ? 162 THR A N   1 
ATOM 1027 C CA  . THR A 1 162 ? -5.594  8.750   0.099   1.00 85.03  ? 162 THR A CA  1 
ATOM 1028 C C   . THR A 1 162 ? -6.804  8.099   -0.556  1.00 85.03  ? 162 THR A C   1 
ATOM 1029 O O   . THR A 1 162 ? -7.791  7.771   0.101   1.00 85.03  ? 162 THR A O   1 
ATOM 1030 C CB  . THR A 1 162 ? -4.750  7.649   0.722   1.00 85.03  ? 162 THR A CB  1 
ATOM 1031 O OG1 . THR A 1 162 ? -5.515  6.986   1.733   1.00 85.03  ? 162 THR A OG1 1 
ATOM 1032 C CG2 . THR A 1 162 ? -3.512  8.214   1.337   1.00 85.03  ? 162 THR A CG2 1 
ATOM 1033 N N   . VAL A 1 163 ? -6.716  7.925   -1.869  1.00 82.04  ? 163 VAL A N   1 
ATOM 1034 C CA  . VAL A 1 163 ? -7.779  7.335   -2.672  1.00 82.04  ? 163 VAL A CA  1 
ATOM 1035 C C   . VAL A 1 163 ? -7.209  6.107   -3.358  1.00 82.04  ? 163 VAL A C   1 
ATOM 1036 O O   . VAL A 1 163 ? -7.432  5.905   -4.555  1.00 82.04  ? 163 VAL A O   1 
ATOM 1037 C CB  . VAL A 1 163 ? -8.369  8.314   -3.702  1.00 82.04  ? 163 VAL A CB  1 
ATOM 1038 C CG1 . VAL A 1 163 ? -9.845  8.029   -3.889  1.00 82.04  ? 163 VAL A CG1 1 
ATOM 1039 C CG2 . VAL A 1 163 ? -8.171  9.753   -3.280  1.00 82.04  ? 163 VAL A CG2 1 
ATOM 1040 N N   . LEU A 1 164 ? -6.413  5.331   -2.621  1.00 79.52  ? 164 LEU A N   1 
ATOM 1041 C CA  . LEU A 1 164 ? -5.551  4.289   -3.167  1.00 79.52  ? 164 LEU A CA  1 
ATOM 1042 C C   . LEU A 1 164 ? -6.317  3.219   -3.923  1.00 79.52  ? 164 LEU A C   1 
ATOM 1043 O O   . LEU A 1 164 ? -7.042  2.436   -3.318  1.00 79.52  ? 164 LEU A O   1 
ATOM 1044 C CB  . LEU A 1 164 ? -4.771  3.626   -2.031  1.00 79.52  ? 164 LEU A CB  1 
ATOM 1045 C CG  . LEU A 1 164 ? -3.698  2.580   -2.330  1.00 79.52  ? 164 LEU A CG  1 
ATOM 1046 C CD1 . LEU A 1 164 ? -2.548  2.825   -1.403  1.00 79.52  ? 164 LEU A CD1 1 
ATOM 1047 C CD2 . LEU A 1 164 ? -4.184  1.152   -2.148  1.00 79.52  ? 164 LEU A CD2 1 
ATOM 1048 N N   . GLU A 1 165 ? -6.169  3.171   -5.238  1.00 81.03  ? 165 GLU A N   1 
ATOM 1049 C CA  . GLU A 1 165 ? -6.767  2.105   -6.018  1.00 81.03  ? 165 GLU A CA  1 
ATOM 1050 C C   . GLU A 1 165 ? -5.685  1.325   -6.733  1.00 81.03  ? 165 GLU A C   1 
ATOM 1051 O O   . GLU A 1 165 ? -4.544  1.773   -6.861  1.00 81.03  ? 165 GLU A O   1 
ATOM 1052 C CB  . GLU A 1 165 ? -7.773  2.626   -7.030  1.00 81.03  ? 165 GLU A CB  1 
ATOM 1053 C CG  . GLU A 1 165 ? -7.619  4.061   -7.356  1.00 81.03  ? 165 GLU A CG  1 
ATOM 1054 C CD  . GLU A 1 165 ? -7.713  4.280   -8.827  1.00 81.03  ? 165 GLU A CD  1 
ATOM 1055 O OE1 . GLU A 1 165 ? -6.668  4.202   -9.489  1.00 81.03  ? 165 GLU A OE1 1 
ATOM 1056 O OE2 . GLU A 1 165 ? -8.832  4.482   -9.328  1.00 81.03  ? 165 GLU A OE2 1 
ATOM 1057 N N   . HIS A 1 166 ? -6.064  0.144   -7.199  1.00 79.41  ? 166 HIS A N   1 
ATOM 1058 C CA  . HIS A 1 166 ? -5.073  -0.800  -7.673  1.00 79.41  ? 166 HIS A CA  1 
ATOM 1059 C C   . HIS A 1 166 ? -5.732  -1.817  -8.581  1.00 79.41  ? 166 HIS A C   1 
ATOM 1060 O O   . HIS A 1 166 ? -6.818  -2.323  -8.288  1.00 79.41  ? 166 HIS A O   1 
ATOM 1061 C CB  . HIS A 1 166 ? -4.401  -1.501  -6.500  1.00 79.41  ? 166 HIS A CB  1 
ATOM 1062 C CG  . HIS A 1 166 ? -5.359  -1.926  -5.440  1.00 79.41  ? 166 HIS A CG  1 
ATOM 1063 N ND1 . HIS A 1 166 ? -5.742  -1.094  -4.412  1.00 79.41  ? 166 HIS A ND1 1 
ATOM 1064 C CD2 . HIS A 1 166 ? -6.029  -3.085  -5.259  1.00 79.41  ? 166 HIS A CD2 1 
ATOM 1065 C CE1 . HIS A 1 166 ? -6.603  -1.729  -3.636  1.00 79.41  ? 166 HIS A CE1 1 
ATOM 1066 N NE2 . HIS A 1 166 ? -6.789  -2.941  -4.125  1.00 79.41  ? 166 HIS A NE2 1 
ATOM 1067 N N   . ARG A 1 167 ? -5.052  -2.105  -9.674  1.00 76.17  ? 167 ARG A N   1 
ATOM 1068 C CA  . ARG A 1 167 ? -5.448  -3.108  -10.644 1.00 76.17  ? 167 ARG A CA  1 
ATOM 1069 C C   . ARG A 1 167 ? -4.572  -4.328  -10.411 1.00 76.17  ? 167 ARG A C   1 
ATOM 1070 O O   . ARG A 1 167 ? -3.378  -4.306  -10.722 1.00 76.17  ? 167 ARG A O   1 
ATOM 1071 C CB  . ARG A 1 167 ? -5.273  -2.554  -12.052 1.00 76.17  ? 167 ARG A CB  1 
ATOM 1072 C CG  . ARG A 1 167 ? -5.862  -3.383  -13.146 1.00 76.17  ? 167 ARG A CG  1 
ATOM 1073 C CD  . ARG A 1 167 ? -6.232  -2.484  -14.291 1.00 76.17  ? 167 ARG A CD  1 
ATOM 1074 N NE  . ARG A 1 167 ? -5.504  -2.793  -15.508 1.00 76.17  ? 167 ARG A NE  1 
ATOM 1075 C CZ  . ARG A 1 167 ? -6.046  -3.402  -16.550 1.00 76.17  ? 167 ARG A CZ  1 
ATOM 1076 N NH1 . ARG A 1 167 ? -5.321  -3.644  -17.629 1.00 76.17  ? 167 ARG A NH1 1 
ATOM 1077 N NH2 . ARG A 1 167 ? -7.315  -3.764  -16.511 1.00 76.17  ? 167 ARG A NH2 1 
ATOM 1078 N N   . VAL A 1 168 ? -5.144  -5.368  -9.840  1.00 72.58  ? 168 VAL A N   1 
ATOM 1079 C CA  . VAL A 1 168 ? -4.405  -6.597  -9.624  1.00 72.58  ? 168 VAL A CA  1 
ATOM 1080 C C   . VAL A 1 168 ? -4.663  -7.539  -10.792 1.00 72.58  ? 168 VAL A C   1 
ATOM 1081 O O   . VAL A 1 168 ? -5.677  -7.455  -11.486 1.00 72.58  ? 168 VAL A O   1 
ATOM 1082 C CB  . VAL A 1 168 ? -4.752  -7.255  -8.277  1.00 72.58  ? 168 VAL A CB  1 
ATOM 1083 C CG1 . VAL A 1 168 ? -4.535  -6.279  -7.155  1.00 72.58  ? 168 VAL A CG1 1 
ATOM 1084 C CG2 . VAL A 1 168 ? -6.157  -7.718  -8.264  1.00 72.58  ? 168 VAL A CG2 1 
ATOM 1085 N N   . TYR A 1 169 ? -3.726  -8.454  -10.998 1.00 73.71  ? 169 TYR A N   1 
ATOM 1086 C CA  . TYR A 1 169 ? -3.627  -9.244  -12.214 1.00 73.71  ? 169 TYR A CA  1 
ATOM 1087 C C   . TYR A 1 169 ? -3.780  -10.724 -11.905 1.00 73.71  ? 169 TYR A C   1 
ATOM 1088 O O   . TYR A 1 169 ? -2.927  -11.529 -12.283 1.00 73.71  ? 169 TYR A O   1 
ATOM 1089 C CB  . TYR A 1 169 ? -2.287  -8.993  -12.895 1.00 73.71  ? 169 TYR A CB  1 
ATOM 1090 C CG  . TYR A 1 169 ? -2.232  -7.764  -13.762 1.00 73.71  ? 169 TYR A CG  1 
ATOM 1091 C CD1 . TYR A 1 169 ? -2.069  -6.508  -13.209 1.00 73.71  ? 169 TYR A CD1 1 
ATOM 1092 C CD2 . TYR A 1 169 ? -2.312  -7.866  -15.138 1.00 73.71  ? 169 TYR A CD2 1 
ATOM 1093 C CE1 . TYR A 1 169 ? -2.004  -5.388  -14.001 1.00 73.71  ? 169 TYR A CE1 1 
ATOM 1094 C CE2 . TYR A 1 169 ? -2.249  -6.755  -15.933 1.00 73.71  ? 169 TYR A CE2 1 
ATOM 1095 C CZ  . TYR A 1 169 ? -2.095  -5.521  -15.359 1.00 73.71  ? 169 TYR A CZ  1 
ATOM 1096 O OH  . TYR A 1 169 ? -2.031  -4.410  -16.155 1.00 73.71  ? 169 TYR A OH  1 
ATOM 1097 N N   . ILE A 1 170 ? -4.850  -11.075 -11.194 1.00 79.11  ? 170 ILE A N   1 
ATOM 1098 C CA  . ILE A 1 170 ? -4.943  -12.381 -10.556 1.00 79.11  ? 170 ILE A CA  1 
ATOM 1099 C C   . ILE A 1 170 ? -5.123  -13.488 -11.586 1.00 79.11  ? 170 ILE A C   1 
ATOM 1100 O O   . ILE A 1 170 ? -5.476  -13.257 -12.746 1.00 79.11  ? 170 ILE A O   1 
ATOM 1101 C CB  . ILE A 1 170 ? -6.094  -12.383 -9.545  1.00 79.11  ? 170 ILE A CB  1 
ATOM 1102 C CG1 . ILE A 1 170 ? -7.384  -11.987 -10.248 1.00 79.11  ? 170 ILE A CG1 1 
ATOM 1103 C CG2 . ILE A 1 170 ? -5.788  -11.431 -8.437  1.00 79.11  ? 170 ILE A CG2 1 
ATOM 1104 C CD1 . ILE A 1 170 ? -8.576  -11.988 -9.360  1.00 79.11  ? 170 ILE A CD1 1 
ATOM 1105 N N   . GLU A 1 171 ? -4.873  -14.716 -11.141 1.00 84.11  ? 171 GLU A N   1 
ATOM 1106 C CA  . GLU A 1 171 ? -4.949  -15.898 -11.983 1.00 84.11  ? 171 GLU A CA  1 
ATOM 1107 C C   . GLU A 1 171 ? -6.315  -16.558 -11.965 1.00 84.11  ? 171 GLU A C   1 
ATOM 1108 O O   . GLU A 1 171 ? -6.440  -17.695 -12.425 1.00 84.11  ? 171 GLU A O   1 
ATOM 1109 C CB  . GLU A 1 171 ? -3.899  -16.916 -11.556 1.00 84.11  ? 171 GLU A CB  1 
ATOM 1110 C CG  . GLU A 1 171 ? -2.493  -16.396 -11.564 1.00 84.11  ? 171 GLU A CG  1 
ATOM 1111 C CD  . GLU A 1 171 ? -1.967  -16.134 -12.955 1.00 84.11  ? 171 GLU A CD  1 
ATOM 1112 O OE1 . GLU A 1 171 ? -2.128  -15.003 -13.459 1.00 84.11  ? 171 GLU A OE1 1 
ATOM 1113 O OE2 . GLU A 1 171 ? -1.378  -17.062 -13.543 1.00 84.11  ? 171 GLU A OE2 1 
ATOM 1114 N N   . VAL A 1 172 ? -7.334  -15.889 -11.447 1.00 85.49  ? 172 VAL A N   1 
ATOM 1115 C CA  . VAL A 1 172 ? -8.686  -16.421 -11.496 1.00 85.49  ? 172 VAL A CA  1 
ATOM 1116 C C   . VAL A 1 172 ? -9.639  -15.323 -11.945 1.00 85.49  ? 172 VAL A C   1 
ATOM 1117 O O   . VAL A 1 172 ? -9.750  -15.036 -13.136 1.00 85.49  ? 172 VAL A O   1 
ATOM 1118 C CB  . VAL A 1 172 ? -9.105  -17.008 -10.141 1.00 85.49  ? 172 VAL A CB  1 
ATOM 1119 C CG1 . VAL A 1 172 ? -10.618 -16.982 -9.982  1.00 85.49  ? 172 VAL A CG1 1 
ATOM 1120 C CG2 . VAL A 1 172 ? -8.595  -18.434 -10.008 1.00 85.49  ? 172 VAL A CG2 1 
# 
